data_8VHS
# 
_entry.id   8VHS 
# 
_audit_conform.dict_name       mmcif_pdbx.dic 
_audit_conform.dict_version    5.403 
_audit_conform.dict_location   http://mmcif.pdb.org/dictionaries/ascii/mmcif_pdbx.dic 
# 
loop_
_database_2.database_id 
_database_2.database_code 
_database_2.pdbx_database_accession 
_database_2.pdbx_DOI 
PDB   8VHS         pdb_00008vhs 10.2210/pdb8vhs/pdb 
WWPDB D_1000280236 ?            ?                   
# 
_pdbx_audit_revision_history.ordinal             1 
_pdbx_audit_revision_history.data_content_type   'Structure model' 
_pdbx_audit_revision_history.major_revision      1 
_pdbx_audit_revision_history.minor_revision      0 
_pdbx_audit_revision_history.revision_date       2025-04-16 
_pdbx_audit_revision_history.part_number         ? 
# 
_pdbx_audit_revision_details.ordinal             1 
_pdbx_audit_revision_details.revision_ordinal    1 
_pdbx_audit_revision_details.data_content_type   'Structure model' 
_pdbx_audit_revision_details.provider            repository 
_pdbx_audit_revision_details.type                'Initial release' 
_pdbx_audit_revision_details.description         ? 
_pdbx_audit_revision_details.details             ? 
# 
_pdbx_database_status.status_code                     REL 
_pdbx_database_status.status_code_sf                  REL 
_pdbx_database_status.status_code_mr                  ? 
_pdbx_database_status.entry_id                        8VHS 
_pdbx_database_status.recvd_initial_deposition_date   2024-01-02 
_pdbx_database_status.SG_entry                        N 
_pdbx_database_status.deposit_site                    RCSB 
_pdbx_database_status.process_site                    RCSB 
_pdbx_database_status.status_code_cs                  ? 
_pdbx_database_status.status_code_nmr_data            ? 
_pdbx_database_status.methods_development_category    ? 
_pdbx_database_status.pdb_format_compatible           Y 
# 
_pdbx_contact_author.id                 2 
_pdbx_contact_author.email              saumenc@olemiss.edu 
_pdbx_contact_author.name_first         Saumen 
_pdbx_contact_author.name_last          Chakraborty 
_pdbx_contact_author.name_mi            ? 
_pdbx_contact_author.role               'principal investigator/group leader' 
_pdbx_contact_author.identifier_ORCID   0000-0002-9256-2769 
# 
loop_
_audit_author.name 
_audit_author.pdbx_ordinal 
_audit_author.identifier_ORCID 
'Chakraborty, S.' 1 ? 
'Mitra, S.'       2 ? 
'Prakash, D.'     3 ? 
'Prasad, P.'      4 ? 
# 
_citation.abstract                  ? 
_citation.abstract_id_CAS           ? 
_citation.book_id_ISBN              ? 
_citation.book_publisher            ? 
_citation.book_publisher_city       ? 
_citation.book_title                ? 
_citation.coordinate_linkage        ? 
_citation.country                   UK 
_citation.database_id_Medline       ? 
_citation.details                   ? 
_citation.id                        primary 
_citation.journal_abbrev            'Nat Commun' 
_citation.journal_id_ASTM           ? 
_citation.journal_id_CSD            ? 
_citation.journal_id_ISSN           2041-1723 
_citation.journal_full              ? 
_citation.journal_issue             ? 
_citation.journal_volume            16 
_citation.language                  ? 
_citation.page_first                3048 
_citation.page_last                 3048 
_citation.title                     
'Controlling outer-sphere solvent reorganization energy to turn on or off the function of artificial metalloenzymes.' 
_citation.year                      2025 
_citation.database_id_CSD           ? 
_citation.pdbx_database_id_DOI      10.1038/s41467-025-57904-5 
_citation.pdbx_database_id_PubMed   40155633 
_citation.pdbx_database_id_patent   ? 
_citation.unpublished_flag          ? 
# 
loop_
_citation_author.citation_id 
_citation_author.name 
_citation_author.ordinal 
_citation_author.identifier_ORCID 
primary 'Prakash, D.'     1 0000-0001-5025-3135 
primary 'Mitra, S.'       2 ?                   
primary 'Sony, S.'        3 ?                   
primary 'Murphy, M.'      4 ?                   
primary 'Andi, B.'        5 0000-0002-7666-639X 
primary 'Ashley, L.'      6 ?                   
primary 'Prasad, P.'      7 ?                   
primary 'Chakraborty, S.' 8 0000-0002-9256-2769 
# 
loop_
_entity.id 
_entity.type 
_entity.src_method 
_entity.pdbx_description 
_entity.formula_weight 
_entity.pdbx_number_of_molecules 
_entity.pdbx_ec 
_entity.pdbx_mutation 
_entity.pdbx_fragment 
_entity.details 
1 polymer     syn Cu-4SCC           4013.703 4   ? ? ? ? 
2 non-polymer syn 'COPPER (II) ION' 63.546   1   ? ? ? ? 
3 water       nat water             18.015   101 ? ? ? ? 
# 
_entity_poly.entity_id                      1 
_entity_poly.type                           'polypeptide(L)' 
_entity_poly.nstd_linkage                   no 
_entity_poly.nstd_monomer                   yes 
_entity_poly.pdbx_seq_one_letter_code       '(ACE)GLAAIKQEHAAIKQELAAIKQELAAIKQELAAIKWEG(NH2)' 
_entity_poly.pdbx_seq_one_letter_code_can   XGLAAIKQEHAAIKQELAAIKQELAAIKQELAAIKWEGX 
_entity_poly.pdbx_strand_id                 A,B,C,D 
_entity_poly.pdbx_target_identifier         ? 
# 
loop_
_pdbx_entity_nonpoly.entity_id 
_pdbx_entity_nonpoly.name 
_pdbx_entity_nonpoly.comp_id 
2 'COPPER (II) ION' CU  
3 water             HOH 
# 
loop_
_entity_poly_seq.entity_id 
_entity_poly_seq.num 
_entity_poly_seq.mon_id 
_entity_poly_seq.hetero 
1 1  ACE n 
1 2  GLY n 
1 3  LEU n 
1 4  ALA n 
1 5  ALA n 
1 6  ILE n 
1 7  LYS n 
1 8  GLN n 
1 9  GLU n 
1 10 HIS n 
1 11 ALA n 
1 12 ALA n 
1 13 ILE n 
1 14 LYS n 
1 15 GLN n 
1 16 GLU n 
1 17 LEU n 
1 18 ALA n 
1 19 ALA n 
1 20 ILE n 
1 21 LYS n 
1 22 GLN n 
1 23 GLU n 
1 24 LEU n 
1 25 ALA n 
1 26 ALA n 
1 27 ILE n 
1 28 LYS n 
1 29 GLN n 
1 30 GLU n 
1 31 LEU n 
1 32 ALA n 
1 33 ALA n 
1 34 ILE n 
1 35 LYS n 
1 36 TRP n 
1 37 GLU n 
1 38 GLY n 
1 39 NH2 n 
# 
_pdbx_entity_src_syn.entity_id              1 
_pdbx_entity_src_syn.pdbx_src_id            1 
_pdbx_entity_src_syn.pdbx_alt_source_flag   sample 
_pdbx_entity_src_syn.pdbx_beg_seq_num       1 
_pdbx_entity_src_syn.pdbx_end_seq_num       39 
_pdbx_entity_src_syn.organism_scientific    'synthetic construct' 
_pdbx_entity_src_syn.organism_common_name   ? 
_pdbx_entity_src_syn.ncbi_taxonomy_id       32630 
_pdbx_entity_src_syn.details                ? 
# 
loop_
_chem_comp.id 
_chem_comp.type 
_chem_comp.mon_nstd_flag 
_chem_comp.name 
_chem_comp.pdbx_synonyms 
_chem_comp.formula 
_chem_comp.formula_weight 
ACE non-polymer         . 'ACETYL GROUP'    ? 'C2 H4 O'        44.053  
ALA 'L-peptide linking' y ALANINE           ? 'C3 H7 N O2'     89.093  
CU  non-polymer         . 'COPPER (II) ION' ? 'Cu 2'           63.546  
GLN 'L-peptide linking' y GLUTAMINE         ? 'C5 H10 N2 O3'   146.144 
GLU 'L-peptide linking' y 'GLUTAMIC ACID'   ? 'C5 H9 N O4'     147.129 
GLY 'peptide linking'   y GLYCINE           ? 'C2 H5 N O2'     75.067  
HIS 'L-peptide linking' y HISTIDINE         ? 'C6 H10 N3 O2 1' 156.162 
HOH non-polymer         . WATER             ? 'H2 O'           18.015  
ILE 'L-peptide linking' y ISOLEUCINE        ? 'C6 H13 N O2'    131.173 
LEU 'L-peptide linking' y LEUCINE           ? 'C6 H13 N O2'    131.173 
LYS 'L-peptide linking' y LYSINE            ? 'C6 H15 N2 O2 1' 147.195 
NH2 non-polymer         . 'AMINO GROUP'     ? 'H2 N'           16.023  
TRP 'L-peptide linking' y TRYPTOPHAN        ? 'C11 H12 N2 O2'  204.225 
# 
loop_
_pdbx_poly_seq_scheme.asym_id 
_pdbx_poly_seq_scheme.entity_id 
_pdbx_poly_seq_scheme.seq_id 
_pdbx_poly_seq_scheme.mon_id 
_pdbx_poly_seq_scheme.ndb_seq_num 
_pdbx_poly_seq_scheme.pdb_seq_num 
_pdbx_poly_seq_scheme.auth_seq_num 
_pdbx_poly_seq_scheme.pdb_mon_id 
_pdbx_poly_seq_scheme.auth_mon_id 
_pdbx_poly_seq_scheme.pdb_strand_id 
_pdbx_poly_seq_scheme.pdb_ins_code 
_pdbx_poly_seq_scheme.hetero 
A 1 1  ACE 1  0  0  ACE ACE A . n 
A 1 2  GLY 2  1  1  GLY GLY A . n 
A 1 3  LEU 3  2  2  LEU LEU A . n 
A 1 4  ALA 4  3  3  ALA ALA A . n 
A 1 5  ALA 5  4  4  ALA ALA A . n 
A 1 6  ILE 6  5  5  ILE ILE A . n 
A 1 7  LYS 7  6  6  LYS LYS A . n 
A 1 8  GLN 8  7  7  GLN GLN A . n 
A 1 9  GLU 9  8  8  GLU GLU A . n 
A 1 10 HIS 10 9  9  HIS HIS A . n 
A 1 11 ALA 11 10 10 ALA ALA A . n 
A 1 12 ALA 12 11 11 ALA ALA A . n 
A 1 13 ILE 13 12 12 ILE ILE A . n 
A 1 14 LYS 14 13 13 LYS LYS A . n 
A 1 15 GLN 15 14 14 GLN GLN A . n 
A 1 16 GLU 16 15 15 GLU GLU A . n 
A 1 17 LEU 17 16 16 LEU LEU A . n 
A 1 18 ALA 18 17 17 ALA ALA A . n 
A 1 19 ALA 19 18 18 ALA ALA A . n 
A 1 20 ILE 20 19 19 ILE ILE A . n 
A 1 21 LYS 21 20 20 LYS LYS A . n 
A 1 22 GLN 22 21 21 GLN GLN A . n 
A 1 23 GLU 23 22 22 GLU GLU A . n 
A 1 24 LEU 24 23 23 LEU LEU A . n 
A 1 25 ALA 25 24 24 ALA ALA A . n 
A 1 26 ALA 26 25 25 ALA ALA A . n 
A 1 27 ILE 27 26 26 ILE ILE A . n 
A 1 28 LYS 28 27 27 LYS LYS A . n 
A 1 29 GLN 29 28 28 GLN GLN A . n 
A 1 30 GLU 30 29 29 GLU GLU A . n 
A 1 31 LEU 31 30 30 LEU LEU A . n 
A 1 32 ALA 32 31 31 ALA ALA A . n 
A 1 33 ALA 33 32 32 ALA ALA A . n 
A 1 34 ILE 34 33 33 ILE ILE A . n 
A 1 35 LYS 35 34 34 LYS LYS A . n 
A 1 36 TRP 36 35 35 TRP TRP A . n 
A 1 37 GLU 37 36 36 GLU GLU A . n 
A 1 38 GLY 38 37 37 GLY GLY A . n 
A 1 39 NH2 39 38 37 NH2 NH2 A . n 
B 1 1  ACE 1  0  0  ACE ACE B . n 
B 1 2  GLY 2  1  1  GLY GLY B . n 
B 1 3  LEU 3  2  2  LEU LEU B . n 
B 1 4  ALA 4  3  3  ALA ALA B . n 
B 1 5  ALA 5  4  4  ALA ALA B . n 
B 1 6  ILE 6  5  5  ILE ILE B . n 
B 1 7  LYS 7  6  6  LYS LYS B . n 
B 1 8  GLN 8  7  7  GLN GLN B . n 
B 1 9  GLU 9  8  8  GLU GLU B . n 
B 1 10 HIS 10 9  9  HIS HIS B . n 
B 1 11 ALA 11 10 10 ALA ALA B . n 
B 1 12 ALA 12 11 11 ALA ALA B . n 
B 1 13 ILE 13 12 12 ILE ILE B . n 
B 1 14 LYS 14 13 13 LYS LYS B . n 
B 1 15 GLN 15 14 14 GLN GLN B . n 
B 1 16 GLU 16 15 15 GLU GLU B . n 
B 1 17 LEU 17 16 16 LEU LEU B . n 
B 1 18 ALA 18 17 17 ALA ALA B . n 
B 1 19 ALA 19 18 18 ALA ALA B . n 
B 1 20 ILE 20 19 19 ILE ILE B . n 
B 1 21 LYS 21 20 20 LYS LYS B . n 
B 1 22 GLN 22 21 21 GLN GLN B . n 
B 1 23 GLU 23 22 22 GLU GLU B . n 
B 1 24 LEU 24 23 23 LEU LEU B . n 
B 1 25 ALA 25 24 24 ALA ALA B . n 
B 1 26 ALA 26 25 25 ALA ALA B . n 
B 1 27 ILE 27 26 26 ILE ILE B . n 
B 1 28 LYS 28 27 27 LYS LYS B . n 
B 1 29 GLN 29 28 28 GLN GLN B . n 
B 1 30 GLU 30 29 29 GLU GLU B . n 
B 1 31 LEU 31 30 30 LEU LEU B . n 
B 1 32 ALA 32 31 31 ALA ALA B . n 
B 1 33 ALA 33 32 32 ALA ALA B . n 
B 1 34 ILE 34 33 33 ILE ILE B . n 
B 1 35 LYS 35 34 34 LYS LYS B . n 
B 1 36 TRP 36 35 35 TRP TRP B . n 
B 1 37 GLU 37 36 36 GLU GLU B . n 
B 1 38 GLY 38 37 37 GLY GLY B . n 
B 1 39 NH2 39 38 37 NH2 NH2 B . n 
C 1 1  ACE 1  0  ?  ?   ?   C . n 
C 1 2  GLY 2  1  1  GLY GLY C . n 
C 1 3  LEU 3  2  2  LEU LEU C . n 
C 1 4  ALA 4  3  3  ALA ALA C . n 
C 1 5  ALA 5  4  4  ALA ALA C . n 
C 1 6  ILE 6  5  5  ILE ILE C . n 
C 1 7  LYS 7  6  6  LYS LYS C . n 
C 1 8  GLN 8  7  7  GLN GLN C . n 
C 1 9  GLU 9  8  8  GLU GLU C . n 
C 1 10 HIS 10 9  9  HIS HIS C . n 
C 1 11 ALA 11 10 10 ALA ALA C . n 
C 1 12 ALA 12 11 11 ALA ALA C . n 
C 1 13 ILE 13 12 12 ILE ILE C . n 
C 1 14 LYS 14 13 13 LYS LYS C . n 
C 1 15 GLN 15 14 14 GLN GLN C . n 
C 1 16 GLU 16 15 15 GLU GLU C . n 
C 1 17 LEU 17 16 16 LEU LEU C . n 
C 1 18 ALA 18 17 17 ALA ALA C . n 
C 1 19 ALA 19 18 18 ALA ALA C . n 
C 1 20 ILE 20 19 19 ILE ILE C . n 
C 1 21 LYS 21 20 20 LYS LYS C . n 
C 1 22 GLN 22 21 21 GLN GLN C . n 
C 1 23 GLU 23 22 22 GLU GLU C . n 
C 1 24 LEU 24 23 23 LEU LEU C . n 
C 1 25 ALA 25 24 24 ALA ALA C . n 
C 1 26 ALA 26 25 25 ALA ALA C . n 
C 1 27 ILE 27 26 26 ILE ILE C . n 
C 1 28 LYS 28 27 27 LYS LYS C . n 
C 1 29 GLN 29 28 28 GLN GLN C . n 
C 1 30 GLU 30 29 29 GLU GLU C . n 
C 1 31 LEU 31 30 30 LEU LEU C . n 
C 1 32 ALA 32 31 31 ALA ALA C . n 
C 1 33 ALA 33 32 32 ALA ALA C . n 
C 1 34 ILE 34 33 33 ILE ILE C . n 
C 1 35 LYS 35 34 34 LYS LYS C . n 
C 1 36 TRP 36 35 35 TRP TRP C . n 
C 1 37 GLU 37 36 36 GLU GLU C . n 
C 1 38 GLY 38 37 37 GLY GLY C . n 
C 1 39 NH2 39 38 37 NH2 NH2 C . n 
D 1 1  ACE 1  0  0  ACE ACE D . n 
D 1 2  GLY 2  1  1  GLY GLY D . n 
D 1 3  LEU 3  2  2  LEU LEU D . n 
D 1 4  ALA 4  3  3  ALA ALA D . n 
D 1 5  ALA 5  4  4  ALA ALA D . n 
D 1 6  ILE 6  5  5  ILE ILE D . n 
D 1 7  LYS 7  6  6  LYS LYS D . n 
D 1 8  GLN 8  7  7  GLN GLN D . n 
D 1 9  GLU 9  8  8  GLU GLU D . n 
D 1 10 HIS 10 9  9  HIS HIS D . n 
D 1 11 ALA 11 10 10 ALA ALA D . n 
D 1 12 ALA 12 11 11 ALA ALA D . n 
D 1 13 ILE 13 12 12 ILE ILE D . n 
D 1 14 LYS 14 13 13 LYS LYS D . n 
D 1 15 GLN 15 14 14 GLN GLN D . n 
D 1 16 GLU 16 15 15 GLU GLU D . n 
D 1 17 LEU 17 16 16 LEU LEU D . n 
D 1 18 ALA 18 17 17 ALA ALA D . n 
D 1 19 ALA 19 18 18 ALA ALA D . n 
D 1 20 ILE 20 19 19 ILE ILE D . n 
D 1 21 LYS 21 20 20 LYS LYS D . n 
D 1 22 GLN 22 21 21 GLN GLN D . n 
D 1 23 GLU 23 22 22 GLU GLU D . n 
D 1 24 LEU 24 23 23 LEU LEU D . n 
D 1 25 ALA 25 24 24 ALA ALA D . n 
D 1 26 ALA 26 25 25 ALA ALA D . n 
D 1 27 ILE 27 26 26 ILE ILE D . n 
D 1 28 LYS 28 27 27 LYS LYS D . n 
D 1 29 GLN 29 28 28 GLN GLN D . n 
D 1 30 GLU 30 29 29 GLU GLU D . n 
D 1 31 LEU 31 30 30 LEU LEU D . n 
D 1 32 ALA 32 31 31 ALA ALA D . n 
D 1 33 ALA 33 32 32 ALA ALA D . n 
D 1 34 ILE 34 33 33 ILE ILE D . n 
D 1 35 LYS 35 34 34 LYS LYS D . n 
D 1 36 TRP 36 35 35 TRP TRP D . n 
D 1 37 GLU 37 36 ?  ?   ?   D . n 
D 1 38 GLY 38 37 ?  ?   ?   D . n 
D 1 39 NH2 39 38 ?  ?   ?   D . n 
# 
_pdbx_entity_instance_feature.ordinal        1 
_pdbx_entity_instance_feature.comp_id        CU 
_pdbx_entity_instance_feature.asym_id        ? 
_pdbx_entity_instance_feature.seq_num        ? 
_pdbx_entity_instance_feature.auth_comp_id   CU 
_pdbx_entity_instance_feature.auth_asym_id   ? 
_pdbx_entity_instance_feature.auth_seq_num   ? 
_pdbx_entity_instance_feature.feature_type   'SUBJECT OF INVESTIGATION' 
_pdbx_entity_instance_feature.details        ? 
# 
loop_
_pdbx_nonpoly_scheme.asym_id 
_pdbx_nonpoly_scheme.entity_id 
_pdbx_nonpoly_scheme.mon_id 
_pdbx_nonpoly_scheme.ndb_seq_num 
_pdbx_nonpoly_scheme.pdb_seq_num 
_pdbx_nonpoly_scheme.auth_seq_num 
_pdbx_nonpoly_scheme.pdb_mon_id 
_pdbx_nonpoly_scheme.auth_mon_id 
_pdbx_nonpoly_scheme.pdb_strand_id 
_pdbx_nonpoly_scheme.pdb_ins_code 
E 2 CU  1  101 1   CU  CU  A . 
F 3 HOH 1  201 1   HOH HOH A . 
F 3 HOH 2  202 2   HOH HOH A . 
F 3 HOH 3  203 3   HOH HOH A . 
F 3 HOH 4  204 4   HOH HOH A . 
F 3 HOH 5  205 5   HOH HOH A . 
F 3 HOH 6  206 8   HOH HOH A . 
F 3 HOH 7  207 72  HOH HOH A . 
F 3 HOH 8  208 9   HOH HOH A . 
F 3 HOH 9  209 87  HOH HOH A . 
F 3 HOH 10 210 10  HOH HOH A . 
F 3 HOH 11 211 11  HOH HOH A . 
F 3 HOH 12 212 7   HOH HOH A . 
F 3 HOH 13 213 86  HOH HOH A . 
F 3 HOH 14 214 13  HOH HOH A . 
F 3 HOH 15 215 12  HOH HOH A . 
F 3 HOH 16 216 76  HOH HOH A . 
F 3 HOH 17 217 14  HOH HOH A . 
F 3 HOH 18 218 100 HOH HOH A . 
F 3 HOH 19 219 94  HOH HOH A . 
F 3 HOH 20 220 15  HOH HOH A . 
F 3 HOH 21 221 16  HOH HOH A . 
F 3 HOH 22 222 17  HOH HOH A . 
F 3 HOH 23 223 83  HOH HOH A . 
F 3 HOH 24 224 101 HOH HOH A . 
F 3 HOH 25 225 69  HOH HOH A . 
F 3 HOH 26 226 97  HOH HOH A . 
F 3 HOH 27 227 78  HOH HOH A . 
F 3 HOH 28 228 18  HOH HOH A . 
F 3 HOH 29 229 19  HOH HOH A . 
F 3 HOH 30 230 20  HOH HOH A . 
G 3 HOH 1  101 21  HOH HOH B . 
G 3 HOH 2  102 22  HOH HOH B . 
G 3 HOH 3  103 23  HOH HOH B . 
G 3 HOH 4  104 67  HOH HOH B . 
G 3 HOH 5  105 26  HOH HOH B . 
G 3 HOH 6  106 75  HOH HOH B . 
G 3 HOH 7  107 96  HOH HOH B . 
G 3 HOH 8  108 27  HOH HOH B . 
G 3 HOH 9  109 25  HOH HOH B . 
G 3 HOH 10 110 30  HOH HOH B . 
G 3 HOH 11 111 63  HOH HOH B . 
G 3 HOH 12 112 24  HOH HOH B . 
G 3 HOH 13 113 29  HOH HOH B . 
G 3 HOH 14 114 28  HOH HOH B . 
G 3 HOH 15 115 31  HOH HOH B . 
G 3 HOH 16 116 33  HOH HOH B . 
G 3 HOH 17 117 32  HOH HOH B . 
G 3 HOH 18 118 79  HOH HOH B . 
G 3 HOH 19 119 61  HOH HOH B . 
G 3 HOH 20 120 59  HOH HOH B . 
G 3 HOH 21 121 64  HOH HOH B . 
G 3 HOH 22 122 34  HOH HOH B . 
G 3 HOH 23 123 95  HOH HOH B . 
H 3 HOH 1  101 35  HOH HOH C . 
H 3 HOH 2  102 37  HOH HOH C . 
H 3 HOH 3  103 36  HOH HOH C . 
H 3 HOH 4  104 90  HOH HOH C . 
H 3 HOH 5  105 66  HOH HOH C . 
H 3 HOH 6  106 88  HOH HOH C . 
H 3 HOH 7  107 6   HOH HOH C . 
H 3 HOH 8  108 80  HOH HOH C . 
H 3 HOH 9  109 51  HOH HOH C . 
H 3 HOH 10 110 91  HOH HOH C . 
H 3 HOH 11 111 38  HOH HOH C . 
H 3 HOH 12 112 71  HOH HOH C . 
H 3 HOH 13 113 39  HOH HOH C . 
H 3 HOH 14 114 99  HOH HOH C . 
H 3 HOH 15 115 40  HOH HOH C . 
H 3 HOH 16 116 41  HOH HOH C . 
H 3 HOH 17 117 42  HOH HOH C . 
H 3 HOH 18 118 43  HOH HOH C . 
H 3 HOH 19 119 98  HOH HOH C . 
H 3 HOH 20 120 60  HOH HOH C . 
H 3 HOH 21 121 89  HOH HOH C . 
H 3 HOH 22 122 70  HOH HOH C . 
H 3 HOH 23 123 74  HOH HOH C . 
H 3 HOH 24 124 44  HOH HOH C . 
H 3 HOH 25 125 45  HOH HOH C . 
H 3 HOH 26 126 46  HOH HOH C . 
I 3 HOH 1  101 47  HOH HOH D . 
I 3 HOH 2  102 49  HOH HOH D . 
I 3 HOH 3  103 48  HOH HOH D . 
I 3 HOH 4  104 85  HOH HOH D . 
I 3 HOH 5  105 52  HOH HOH D . 
I 3 HOH 6  106 50  HOH HOH D . 
I 3 HOH 7  107 53  HOH HOH D . 
I 3 HOH 8  108 54  HOH HOH D . 
I 3 HOH 9  109 82  HOH HOH D . 
I 3 HOH 10 110 62  HOH HOH D . 
I 3 HOH 11 111 84  HOH HOH D . 
I 3 HOH 12 112 57  HOH HOH D . 
I 3 HOH 13 113 56  HOH HOH D . 
I 3 HOH 14 114 65  HOH HOH D . 
I 3 HOH 15 115 55  HOH HOH D . 
I 3 HOH 16 116 77  HOH HOH D . 
I 3 HOH 17 117 92  HOH HOH D . 
I 3 HOH 18 118 73  HOH HOH D . 
I 3 HOH 19 119 81  HOH HOH D . 
I 3 HOH 20 120 93  HOH HOH D . 
I 3 HOH 21 121 58  HOH HOH D . 
I 3 HOH 22 122 68  HOH HOH D . 
# 
loop_
_pdbx_unobs_or_zero_occ_atoms.id 
_pdbx_unobs_or_zero_occ_atoms.PDB_model_num 
_pdbx_unobs_or_zero_occ_atoms.polymer_flag 
_pdbx_unobs_or_zero_occ_atoms.occupancy_flag 
_pdbx_unobs_or_zero_occ_atoms.auth_asym_id 
_pdbx_unobs_or_zero_occ_atoms.auth_comp_id 
_pdbx_unobs_or_zero_occ_atoms.auth_seq_id 
_pdbx_unobs_or_zero_occ_atoms.PDB_ins_code 
_pdbx_unobs_or_zero_occ_atoms.auth_atom_id 
_pdbx_unobs_or_zero_occ_atoms.label_alt_id 
_pdbx_unobs_or_zero_occ_atoms.label_asym_id 
_pdbx_unobs_or_zero_occ_atoms.label_comp_id 
_pdbx_unobs_or_zero_occ_atoms.label_seq_id 
_pdbx_unobs_or_zero_occ_atoms.label_atom_id 
1  1 Y 1 B LYS 27 ? CD  ? B LYS 28 CD  
2  1 Y 1 B LYS 27 ? CE  ? B LYS 28 CE  
3  1 Y 1 B LYS 27 ? NZ  ? B LYS 28 NZ  
4  1 Y 1 D TRP 35 ? CG  ? D TRP 36 CG  
5  1 Y 1 D TRP 35 ? CD1 ? D TRP 36 CD1 
6  1 Y 1 D TRP 35 ? CD2 ? D TRP 36 CD2 
7  1 Y 1 D TRP 35 ? NE1 ? D TRP 36 NE1 
8  1 Y 1 D TRP 35 ? CE2 ? D TRP 36 CE2 
9  1 Y 1 D TRP 35 ? CE3 ? D TRP 36 CE3 
10 1 Y 1 D TRP 35 ? CZ2 ? D TRP 36 CZ2 
11 1 Y 1 D TRP 35 ? CZ3 ? D TRP 36 CZ3 
12 1 Y 1 D TRP 35 ? CH2 ? D TRP 36 CH2 
# 
loop_
_software.citation_id 
_software.classification 
_software.compiler_name 
_software.compiler_version 
_software.contact_author 
_software.contact_author_email 
_software.date 
_software.description 
_software.dependencies 
_software.hardware 
_software.language 
_software.location 
_software.mods 
_software.name 
_software.os 
_software.os_version 
_software.type 
_software.version 
_software.pdbx_ordinal 
? refinement        ? ? ? ? ? ? ? ? ? ? ? PHENIX      ? ? ? 1.20.1_4487 1 
? 'data scaling'    ? ? ? ? ? ? ? ? ? ? ? Aimless     ? ? ? 0.7.4       2 
? 'data extraction' ? ? ? ? ? ? ? ? ? ? ? PDB_EXTRACT ? ? ? 3.27        3 
? 'data reduction'  ? ? ? ? ? ? ? ? ? ? ? XDS         ? ? ? .           4 
? phasing           ? ? ? ? ? ? ? ? ? ? ? PHASER      ? ? ? .           5 
? 'model building'  ? ? ? ? ? ? ? ? ? ? ? BUCCANEER   ? ? ? .           6 
# 
_cell.angle_alpha                  90.00 
_cell.angle_alpha_esd              ? 
_cell.angle_beta                   90.00 
_cell.angle_beta_esd               ? 
_cell.angle_gamma                  90.00 
_cell.angle_gamma_esd              ? 
_cell.entry_id                     8VHS 
_cell.details                      ? 
_cell.formula_units_Z              ? 
_cell.length_a                     26.410 
_cell.length_a_esd                 ? 
_cell.length_b                     45.470 
_cell.length_b_esd                 ? 
_cell.length_c                     97.950 
_cell.length_c_esd                 ? 
_cell.volume                       ? 
_cell.volume_esd                   ? 
_cell.Z_PDB                        16 
_cell.reciprocal_angle_alpha       ? 
_cell.reciprocal_angle_beta        ? 
_cell.reciprocal_angle_gamma       ? 
_cell.reciprocal_angle_alpha_esd   ? 
_cell.reciprocal_angle_beta_esd    ? 
_cell.reciprocal_angle_gamma_esd   ? 
_cell.reciprocal_length_a          ? 
_cell.reciprocal_length_b          ? 
_cell.reciprocal_length_c          ? 
_cell.reciprocal_length_a_esd      ? 
_cell.reciprocal_length_b_esd      ? 
_cell.reciprocal_length_c_esd      ? 
_cell.pdbx_unique_axis             ? 
_cell.pdbx_esd_method              ? 
# 
_symmetry.entry_id                         8VHS 
_symmetry.cell_setting                     ? 
_symmetry.Int_Tables_number                19 
_symmetry.space_group_name_Hall            ? 
_symmetry.space_group_name_H-M             'P 21 21 21' 
_symmetry.pdbx_full_space_group_name_H-M   ? 
# 
_exptl.absorpt_coefficient_mu     ? 
_exptl.absorpt_correction_T_max   ? 
_exptl.absorpt_correction_T_min   ? 
_exptl.absorpt_correction_type    ? 
_exptl.absorpt_process_details    ? 
_exptl.entry_id                   8VHS 
_exptl.crystals_number            1 
_exptl.details                    ? 
_exptl.method                     'X-RAY DIFFRACTION' 
_exptl.method_details             ? 
# 
_exptl_crystal.colour                       ? 
_exptl_crystal.density_diffrn               ? 
_exptl_crystal.density_Matthews             1.88 
_exptl_crystal.density_method               ? 
_exptl_crystal.density_percent_sol          34.48 
_exptl_crystal.description                  ? 
_exptl_crystal.F_000                        ? 
_exptl_crystal.id                           1 
_exptl_crystal.preparation                  ? 
_exptl_crystal.size_max                     ? 
_exptl_crystal.size_mid                     ? 
_exptl_crystal.size_min                     ? 
_exptl_crystal.size_rad                     ? 
_exptl_crystal.colour_lustre                ? 
_exptl_crystal.colour_modifier              ? 
_exptl_crystal.colour_primary               ? 
_exptl_crystal.density_meas                 ? 
_exptl_crystal.density_meas_esd             ? 
_exptl_crystal.density_meas_gt              ? 
_exptl_crystal.density_meas_lt              ? 
_exptl_crystal.density_meas_temp            ? 
_exptl_crystal.density_meas_temp_esd        ? 
_exptl_crystal.density_meas_temp_gt         ? 
_exptl_crystal.density_meas_temp_lt         ? 
_exptl_crystal.pdbx_crystal_image_url       ? 
_exptl_crystal.pdbx_crystal_image_format    ? 
_exptl_crystal.pdbx_mosaicity               ? 
_exptl_crystal.pdbx_mosaicity_esd           ? 
_exptl_crystal.pdbx_mosaic_method           ? 
_exptl_crystal.pdbx_mosaic_block_size       ? 
_exptl_crystal.pdbx_mosaic_block_size_esd   ? 
# 
_exptl_crystal_grow.apparatus       ? 
_exptl_crystal_grow.atmosphere      ? 
_exptl_crystal_grow.crystal_id      1 
_exptl_crystal_grow.details         ? 
_exptl_crystal_grow.method          'VAPOR DIFFUSION, HANGING DROP' 
_exptl_crystal_grow.method_ref      ? 
_exptl_crystal_grow.pH              8.5 
_exptl_crystal_grow.pressure        ? 
_exptl_crystal_grow.pressure_esd    ? 
_exptl_crystal_grow.seeding         ? 
_exptl_crystal_grow.seeding_ref     ? 
_exptl_crystal_grow.temp_details    ? 
_exptl_crystal_grow.temp_esd        ? 
_exptl_crystal_grow.time            ? 
_exptl_crystal_grow.pdbx_details    '0.1 M Tris pH8.5, 2 M ammonium sulfate, peptide concentration 45 mg/mL with 1 equivalent Cu2+' 
_exptl_crystal_grow.pdbx_pH_range   ? 
_exptl_crystal_grow.temp            298 
# 
_diffrn.ambient_environment              ? 
_diffrn.ambient_temp                     100 
_diffrn.ambient_temp_details             ? 
_diffrn.ambient_temp_esd                 ? 
_diffrn.crystal_id                       1 
_diffrn.crystal_support                  ? 
_diffrn.crystal_treatment                ? 
_diffrn.details                          ? 
_diffrn.id                               1 
_diffrn.ambient_pressure                 ? 
_diffrn.ambient_pressure_esd             ? 
_diffrn.ambient_pressure_gt              ? 
_diffrn.ambient_pressure_lt              ? 
_diffrn.ambient_temp_gt                  ? 
_diffrn.ambient_temp_lt                  ? 
_diffrn.pdbx_serial_crystal_experiment   N 
# 
_diffrn_detector.details                      ? 
_diffrn_detector.detector                     CCD 
_diffrn_detector.diffrn_id                    1 
_diffrn_detector.type                         'MARMOSAIC 300 mm CCD' 
_diffrn_detector.area_resol_mean              ? 
_diffrn_detector.dtime                        ? 
_diffrn_detector.pdbx_frames_total            ? 
_diffrn_detector.pdbx_collection_time_total   ? 
_diffrn_detector.pdbx_collection_date         2020-06-27 
_diffrn_detector.pdbx_frequency               ? 
_diffrn_detector.id                           ? 
_diffrn_detector.number_of_axes               ? 
# 
_diffrn_radiation.collimation                      ? 
_diffrn_radiation.diffrn_id                        1 
_diffrn_radiation.filter_edge                      ? 
_diffrn_radiation.inhomogeneity                    ? 
_diffrn_radiation.monochromator                    ? 
_diffrn_radiation.polarisn_norm                    ? 
_diffrn_radiation.polarisn_ratio                   ? 
_diffrn_radiation.probe                            ? 
_diffrn_radiation.type                             ? 
_diffrn_radiation.xray_symbol                      ? 
_diffrn_radiation.wavelength_id                    1 
_diffrn_radiation.pdbx_monochromatic_or_laue_m_l   M 
_diffrn_radiation.pdbx_wavelength_list             ? 
_diffrn_radiation.pdbx_wavelength                  ? 
_diffrn_radiation.pdbx_diffrn_protocol             'SINGLE WAVELENGTH' 
_diffrn_radiation.pdbx_analyzer                    ? 
_diffrn_radiation.pdbx_scattering_type             x-ray 
# 
_diffrn_radiation_wavelength.id           1 
_diffrn_radiation_wavelength.wavelength   0.97856 
_diffrn_radiation_wavelength.wt           1.0 
# 
_diffrn_source.current                     ? 
_diffrn_source.details                     ? 
_diffrn_source.diffrn_id                   1 
_diffrn_source.power                       ? 
_diffrn_source.size                        ? 
_diffrn_source.source                      SYNCHROTRON 
_diffrn_source.target                      ? 
_diffrn_source.type                        'APS BEAMLINE 21-ID-G' 
_diffrn_source.voltage                     ? 
_diffrn_source.take-off_angle              ? 
_diffrn_source.pdbx_wavelength_list        0.97856 
_diffrn_source.pdbx_wavelength             ? 
_diffrn_source.pdbx_synchrotron_beamline   21-ID-G 
_diffrn_source.pdbx_synchrotron_site       APS 
# 
_reflns.B_iso_Wilson_estimate                          ? 
_reflns.entry_id                                       8VHS 
_reflns.data_reduction_details                         ? 
_reflns.data_reduction_method                          ? 
_reflns.d_resolution_high                              1.36 
_reflns.d_resolution_low                               26.52 
_reflns.details                                        ? 
_reflns.limit_h_max                                    ? 
_reflns.limit_h_min                                    ? 
_reflns.limit_k_max                                    ? 
_reflns.limit_k_min                                    ? 
_reflns.limit_l_max                                    ? 
_reflns.limit_l_min                                    ? 
_reflns.number_all                                     ? 
_reflns.number_obs                                     54455 
_reflns.observed_criterion                             ? 
_reflns.observed_criterion_F_max                       ? 
_reflns.observed_criterion_F_min                       ? 
_reflns.observed_criterion_I_max                       ? 
_reflns.observed_criterion_I_min                       ? 
_reflns.observed_criterion_sigma_F                     ? 
_reflns.observed_criterion_sigma_I                     ? 
_reflns.percent_possible_obs                           98.36 
_reflns.R_free_details                                 ? 
_reflns.Rmerge_F_all                                   ? 
_reflns.Rmerge_F_obs                                   ? 
_reflns.Friedel_coverage                               ? 
_reflns.number_gt                                      ? 
_reflns.threshold_expression                           ? 
_reflns.pdbx_redundancy                                1.1 
_reflns.pdbx_netI_over_av_sigmaI                       ? 
_reflns.pdbx_netI_over_sigmaI                          10.68 
_reflns.pdbx_res_netI_over_av_sigmaI_2                 ? 
_reflns.pdbx_res_netI_over_sigmaI_2                    ? 
_reflns.pdbx_chi_squared                               ? 
_reflns.pdbx_scaling_rejects                           ? 
_reflns.pdbx_d_res_high_opt                            ? 
_reflns.pdbx_d_res_low_opt                             ? 
_reflns.pdbx_d_res_opt_method                          ? 
_reflns.phase_calculation_details                      ? 
_reflns.pdbx_Rrim_I_all                                ? 
_reflns.pdbx_Rpim_I_all                                ? 
_reflns.pdbx_d_opt                                     ? 
_reflns.pdbx_number_measured_all                       ? 
_reflns.pdbx_diffrn_id                                 1 
_reflns.pdbx_ordinal                                   1 
_reflns.pdbx_CC_half                                   1 
_reflns.pdbx_CC_star                                   1 
_reflns.pdbx_R_split                                   ? 
_reflns.pdbx_Rmerge_I_obs                              ? 
_reflns.pdbx_Rmerge_I_all                              ? 
_reflns.pdbx_Rsym_value                                ? 
_reflns.pdbx_CC_split_method                           ? 
_reflns.pdbx_aniso_diffraction_limit_axis_1_ortho[1]   ? 
_reflns.pdbx_aniso_diffraction_limit_axis_1_ortho[2]   ? 
_reflns.pdbx_aniso_diffraction_limit_axis_1_ortho[3]   ? 
_reflns.pdbx_aniso_diffraction_limit_axis_2_ortho[1]   ? 
_reflns.pdbx_aniso_diffraction_limit_axis_2_ortho[2]   ? 
_reflns.pdbx_aniso_diffraction_limit_axis_2_ortho[3]   ? 
_reflns.pdbx_aniso_diffraction_limit_axis_3_ortho[1]   ? 
_reflns.pdbx_aniso_diffraction_limit_axis_3_ortho[2]   ? 
_reflns.pdbx_aniso_diffraction_limit_axis_3_ortho[3]   ? 
_reflns.pdbx_aniso_diffraction_limit_1                 ? 
_reflns.pdbx_aniso_diffraction_limit_2                 ? 
_reflns.pdbx_aniso_diffraction_limit_3                 ? 
_reflns.pdbx_aniso_B_tensor_eigenvector_1_ortho[1]     ? 
_reflns.pdbx_aniso_B_tensor_eigenvector_1_ortho[2]     ? 
_reflns.pdbx_aniso_B_tensor_eigenvector_1_ortho[3]     ? 
_reflns.pdbx_aniso_B_tensor_eigenvector_2_ortho[1]     ? 
_reflns.pdbx_aniso_B_tensor_eigenvector_2_ortho[2]     ? 
_reflns.pdbx_aniso_B_tensor_eigenvector_2_ortho[3]     ? 
_reflns.pdbx_aniso_B_tensor_eigenvector_3_ortho[1]     ? 
_reflns.pdbx_aniso_B_tensor_eigenvector_3_ortho[2]     ? 
_reflns.pdbx_aniso_B_tensor_eigenvector_3_ortho[3]     ? 
_reflns.pdbx_aniso_B_tensor_eigenvalue_1               ? 
_reflns.pdbx_aniso_B_tensor_eigenvalue_2               ? 
_reflns.pdbx_aniso_B_tensor_eigenvalue_3               ? 
_reflns.pdbx_orthogonalization_convention              ? 
_reflns.pdbx_percent_possible_ellipsoidal              ? 
_reflns.pdbx_percent_possible_spherical                ? 
_reflns.pdbx_percent_possible_ellipsoidal_anomalous    ? 
_reflns.pdbx_percent_possible_spherical_anomalous      ? 
_reflns.pdbx_redundancy_anomalous                      ? 
_reflns.pdbx_CC_half_anomalous                         ? 
_reflns.pdbx_absDiff_over_sigma_anomalous              ? 
_reflns.pdbx_percent_possible_anomalous                ? 
_reflns.pdbx_observed_signal_threshold                 ? 
_reflns.pdbx_signal_type                               ? 
_reflns.pdbx_signal_details                            ? 
_reflns.pdbx_signal_software_id                        ? 
# 
_reflns_shell.d_res_high                                    1.36 
_reflns_shell.d_res_low                                     1.41 
_reflns_shell.meanI_over_sigI_all                           ? 
_reflns_shell.meanI_over_sigI_obs                           ? 
_reflns_shell.number_measured_all                           ? 
_reflns_shell.number_measured_obs                           ? 
_reflns_shell.number_possible                               ? 
_reflns_shell.number_unique_all                             ? 
_reflns_shell.number_unique_obs                             887 
_reflns_shell.percent_possible_obs                          ? 
_reflns_shell.Rmerge_F_all                                  ? 
_reflns_shell.Rmerge_F_obs                                  ? 
_reflns_shell.meanI_over_sigI_gt                            ? 
_reflns_shell.meanI_over_uI_all                             ? 
_reflns_shell.meanI_over_uI_gt                              ? 
_reflns_shell.number_measured_gt                            ? 
_reflns_shell.number_unique_gt                              ? 
_reflns_shell.percent_possible_gt                           ? 
_reflns_shell.Rmerge_F_gt                                   ? 
_reflns_shell.Rmerge_I_gt                                   ? 
_reflns_shell.pdbx_redundancy                               1.0 
_reflns_shell.pdbx_chi_squared                              ? 
_reflns_shell.pdbx_netI_over_sigmaI_all                     ? 
_reflns_shell.pdbx_netI_over_sigmaI_obs                     0.55 
_reflns_shell.pdbx_Rrim_I_all                               ? 
_reflns_shell.pdbx_Rpim_I_all                               ? 
_reflns_shell.pdbx_rejects                                  ? 
_reflns_shell.pdbx_ordinal                                  1 
_reflns_shell.pdbx_diffrn_id                                1 
_reflns_shell.pdbx_CC_half                                  1 
_reflns_shell.pdbx_CC_star                                  1 
_reflns_shell.pdbx_R_split                                  ? 
_reflns_shell.percent_possible_all                          88.94 
_reflns_shell.Rmerge_I_all                                  ? 
_reflns_shell.Rmerge_I_obs                                  ? 
_reflns_shell.pdbx_Rsym_value                               ? 
_reflns_shell.pdbx_percent_possible_ellipsoidal             ? 
_reflns_shell.pdbx_percent_possible_spherical               ? 
_reflns_shell.pdbx_percent_possible_ellipsoidal_anomalous   ? 
_reflns_shell.pdbx_percent_possible_spherical_anomalous     ? 
_reflns_shell.pdbx_redundancy_anomalous                     ? 
_reflns_shell.pdbx_CC_half_anomalous                        ? 
_reflns_shell.pdbx_absDiff_over_sigma_anomalous             ? 
_reflns_shell.pdbx_percent_possible_anomalous               ? 
# 
_refine.aniso_B[1][1]                            ? 
_refine.aniso_B[1][2]                            ? 
_refine.aniso_B[1][3]                            ? 
_refine.aniso_B[2][2]                            ? 
_refine.aniso_B[2][3]                            ? 
_refine.aniso_B[3][3]                            ? 
_refine.B_iso_max                                ? 
_refine.B_iso_mean                               ? 
_refine.B_iso_min                                ? 
_refine.correlation_coeff_Fo_to_Fc               ? 
_refine.correlation_coeff_Fo_to_Fc_free          ? 
_refine.details                                  ? 
_refine.diff_density_max                         ? 
_refine.diff_density_max_esd                     ? 
_refine.diff_density_min                         ? 
_refine.diff_density_min_esd                     ? 
_refine.diff_density_rms                         ? 
_refine.diff_density_rms_esd                     ? 
_refine.entry_id                                 8VHS 
_refine.pdbx_refine_id                           'X-RAY DIFFRACTION' 
_refine.ls_abs_structure_details                 ? 
_refine.ls_abs_structure_Flack                   ? 
_refine.ls_abs_structure_Flack_esd               ? 
_refine.ls_abs_structure_Rogers                  ? 
_refine.ls_abs_structure_Rogers_esd              ? 
_refine.ls_d_res_high                            1.36 
_refine.ls_d_res_low                             26.52 
_refine.ls_extinction_coef                       ? 
_refine.ls_extinction_coef_esd                   ? 
_refine.ls_extinction_expression                 ? 
_refine.ls_extinction_method                     ? 
_refine.ls_goodness_of_fit_all                   ? 
_refine.ls_goodness_of_fit_all_esd               ? 
_refine.ls_goodness_of_fit_obs                   ? 
_refine.ls_goodness_of_fit_obs_esd               ? 
_refine.ls_hydrogen_treatment                    ? 
_refine.ls_matrix_type                           ? 
_refine.ls_number_constraints                    ? 
_refine.ls_number_parameters                     ? 
_refine.ls_number_reflns_all                     ? 
_refine.ls_number_reflns_obs                     25780 
_refine.ls_number_reflns_R_free                  1260 
_refine.ls_number_reflns_R_work                  ? 
_refine.ls_number_restraints                     ? 
_refine.ls_percent_reflns_obs                    98.36 
_refine.ls_percent_reflns_R_free                 4.89 
_refine.ls_R_factor_all                          ? 
_refine.ls_R_factor_obs                          0.1968 
_refine.ls_R_factor_R_free                       0.2253 
_refine.ls_R_factor_R_free_error                 ? 
_refine.ls_R_factor_R_free_error_details         ? 
_refine.ls_R_factor_R_work                       0.1955 
_refine.ls_R_Fsqd_factor_obs                     ? 
_refine.ls_R_I_factor_obs                        ? 
_refine.ls_redundancy_reflns_all                 ? 
_refine.ls_redundancy_reflns_obs                 ? 
_refine.ls_restrained_S_all                      ? 
_refine.ls_restrained_S_obs                      ? 
_refine.ls_shift_over_esd_max                    ? 
_refine.ls_shift_over_esd_mean                   ? 
_refine.ls_structure_factor_coef                 ? 
_refine.ls_weighting_details                     ? 
_refine.ls_weighting_scheme                      ? 
_refine.ls_wR_factor_all                         ? 
_refine.ls_wR_factor_obs                         ? 
_refine.ls_wR_factor_R_free                      ? 
_refine.ls_wR_factor_R_work                      ? 
_refine.occupancy_max                            ? 
_refine.occupancy_min                            ? 
_refine.solvent_model_details                    'FLAT BULK SOLVENT MODEL' 
_refine.solvent_model_param_bsol                 ? 
_refine.solvent_model_param_ksol                 ? 
_refine.pdbx_R_complete                          ? 
_refine.ls_R_factor_gt                           ? 
_refine.ls_goodness_of_fit_gt                    ? 
_refine.ls_goodness_of_fit_ref                   ? 
_refine.ls_shift_over_su_max                     ? 
_refine.ls_shift_over_su_max_lt                  ? 
_refine.ls_shift_over_su_mean                    ? 
_refine.ls_shift_over_su_mean_lt                 ? 
_refine.pdbx_ls_sigma_I                          ? 
_refine.pdbx_ls_sigma_F                          1.36 
_refine.pdbx_ls_sigma_Fsqd                       ? 
_refine.pdbx_data_cutoff_high_absF               ? 
_refine.pdbx_data_cutoff_high_rms_absF           ? 
_refine.pdbx_data_cutoff_low_absF                ? 
_refine.pdbx_isotropic_thermal_model             ? 
_refine.pdbx_ls_cross_valid_method               THROUGHOUT 
_refine.pdbx_method_to_determine_struct          'MOLECULAR REPLACEMENT' 
_refine.pdbx_starting_model                      3R4A 
_refine.pdbx_stereochemistry_target_values       MLHL 
_refine.pdbx_R_Free_selection_details            ? 
_refine.pdbx_stereochem_target_val_spec_case     ? 
_refine.pdbx_overall_ESU_R                       ? 
_refine.pdbx_overall_ESU_R_Free                  ? 
_refine.pdbx_solvent_vdw_probe_radii             1.10 
_refine.pdbx_solvent_ion_probe_radii             ? 
_refine.pdbx_solvent_shrinkage_radii             0.90 
_refine.pdbx_real_space_R                        ? 
_refine.pdbx_density_correlation                 ? 
_refine.pdbx_pd_number_of_powder_patterns        ? 
_refine.pdbx_pd_number_of_points                 ? 
_refine.pdbx_pd_meas_number_of_points            ? 
_refine.pdbx_pd_proc_ls_prof_R_factor            ? 
_refine.pdbx_pd_proc_ls_prof_wR_factor           ? 
_refine.pdbx_pd_Marquardt_correlation_coeff      ? 
_refine.pdbx_pd_Fsqrd_R_factor                   ? 
_refine.pdbx_pd_ls_matrix_band_width             ? 
_refine.pdbx_overall_phase_error                 22.24 
_refine.pdbx_overall_SU_R_free_Cruickshank_DPI   ? 
_refine.pdbx_overall_SU_R_free_Blow_DPI          ? 
_refine.pdbx_overall_SU_R_Blow_DPI               ? 
_refine.pdbx_TLS_residual_ADP_flag               ? 
_refine.pdbx_diffrn_id                           1 
_refine.overall_SU_B                             ? 
_refine.overall_SU_ML                            0.15 
_refine.overall_SU_R_Cruickshank_DPI             ? 
_refine.overall_SU_R_free                        ? 
_refine.overall_FOM_free_R_set                   ? 
_refine.overall_FOM_work_R_set                   ? 
_refine.pdbx_average_fsc_overall                 ? 
_refine.pdbx_average_fsc_work                    ? 
_refine.pdbx_average_fsc_free                    ? 
# 
_refine_hist.pdbx_refine_id                   'X-RAY DIFFRACTION' 
_refine_hist.cycle_id                         LAST 
_refine_hist.details                          ? 
_refine_hist.d_res_high                       1.36 
_refine_hist.d_res_low                        26.52 
_refine_hist.number_atoms_solvent             101 
_refine_hist.number_atoms_total               1209 
_refine_hist.number_reflns_all                ? 
_refine_hist.number_reflns_obs                ? 
_refine_hist.number_reflns_R_free             ? 
_refine_hist.number_reflns_R_work             ? 
_refine_hist.R_factor_all                     ? 
_refine_hist.R_factor_obs                     ? 
_refine_hist.R_factor_R_free                  ? 
_refine_hist.R_factor_R_work                  ? 
_refine_hist.pdbx_number_residues_total       ? 
_refine_hist.pdbx_B_iso_mean_ligand           ? 
_refine_hist.pdbx_B_iso_mean_solvent          ? 
_refine_hist.pdbx_number_atoms_protein        1107 
_refine_hist.pdbx_number_atoms_nucleic_acid   0 
_refine_hist.pdbx_number_atoms_ligand         1 
_refine_hist.pdbx_number_atoms_lipid          ? 
_refine_hist.pdbx_number_atoms_carb           ? 
_refine_hist.pdbx_pseudo_atom_details         ? 
# 
loop_
_refine_ls_restr.pdbx_refine_id 
_refine_ls_restr.criterion 
_refine_ls_restr.dev_ideal 
_refine_ls_restr.dev_ideal_target 
_refine_ls_restr.number 
_refine_ls_restr.rejects 
_refine_ls_restr.type 
_refine_ls_restr.weight 
_refine_ls_restr.pdbx_restraint_function 
'X-RAY DIFFRACTION' ? 0.008  ? ?   ? f_bond_d           ? ? 
'X-RAY DIFFRACTION' ? 0.887  ? ?   ? f_angle_d          ? ? 
'X-RAY DIFFRACTION' ? 19.656 ? 166 ? f_dihedral_angle_d ? ? 
'X-RAY DIFFRACTION' ? 0.050  ? 185 ? f_chiral_restr     ? ? 
'X-RAY DIFFRACTION' ? 0.004  ? 213 ? f_plane_restr      ? ? 
# 
loop_
_refine_ls_shell.pdbx_refine_id 
_refine_ls_shell.d_res_high 
_refine_ls_shell.d_res_low 
_refine_ls_shell.number_reflns_all 
_refine_ls_shell.number_reflns_obs 
_refine_ls_shell.number_reflns_R_free 
_refine_ls_shell.number_reflns_R_work 
_refine_ls_shell.percent_reflns_obs 
_refine_ls_shell.percent_reflns_R_free 
_refine_ls_shell.R_factor_all 
_refine_ls_shell.R_factor_obs 
_refine_ls_shell.R_factor_R_free_error 
_refine_ls_shell.R_factor_R_work 
_refine_ls_shell.redundancy_reflns_all 
_refine_ls_shell.redundancy_reflns_obs 
_refine_ls_shell.wR_factor_all 
_refine_ls_shell.wR_factor_obs 
_refine_ls_shell.wR_factor_R_free 
_refine_ls_shell.wR_factor_R_work 
_refine_ls_shell.pdbx_R_complete 
_refine_ls_shell.pdbx_total_number_of_bins_used 
_refine_ls_shell.pdbx_phase_error 
_refine_ls_shell.pdbx_fsc_work 
_refine_ls_shell.pdbx_fsc_free 
_refine_ls_shell.R_factor_R_free 
'X-RAY DIFFRACTION' 1.36 1.41  . . 114 2427 89.00  . . . . 0.2529 . . . . . . . . . . . 0.2691 
'X-RAY DIFFRACTION' 1.41 1.48  . . 139 2642 97.00  . . . . 0.2270 . . . . . . . . . . . 0.2495 
'X-RAY DIFFRACTION' 1.48 1.56  . . 162 2696 99.00  . . . . 0.2001 . . . . . . . . . . . 0.2298 
'X-RAY DIFFRACTION' 1.56 1.65  . . 147 2711 100.00 . . . . 0.1827 . . . . . . . . . . . 0.2321 
'X-RAY DIFFRACTION' 1.65 1.78  . . 159 2710 100.00 . . . . 0.1996 . . . . . . . . . . . 0.2320 
'X-RAY DIFFRACTION' 1.78 1.96  . . 126 2764 100.00 . . . . 0.1880 . . . . . . . . . . . 0.2434 
'X-RAY DIFFRACTION' 1.96 2.24  . . 137 2783 100.00 . . . . 0.1890 . . . . . . . . . . . 0.2021 
'X-RAY DIFFRACTION' 2.24 2.83  . . 124 2823 100.00 . . . . 0.1890 . . . . . . . . . . . 0.2372 
'X-RAY DIFFRACTION' 2.83 26.52 . . 152 2965 100.00 . . . . 0.1975 . . . . . . . . . . . 0.2184 
# 
_struct.entry_id                     8VHS 
_struct.title                        
'X-ray Structure of a De Novo Designed Self Assembled Peptide Tetramer Featuring a Cu(His)4(H2O) Coordination Motif' 
_struct.pdbx_model_details           ? 
_struct.pdbx_formula_weight          ? 
_struct.pdbx_formula_weight_method   ? 
_struct.pdbx_model_type_details      ? 
_struct.pdbx_CASP_flag               N 
# 
_struct_keywords.entry_id        8VHS 
_struct_keywords.text            'De novo design; Peptides; Self-assembly; Copper, DE NOVO PROTEIN' 
_struct_keywords.pdbx_keywords   'DE NOVO PROTEIN' 
# 
loop_
_struct_asym.id 
_struct_asym.pdbx_blank_PDB_chainid_flag 
_struct_asym.pdbx_modified 
_struct_asym.entity_id 
_struct_asym.details 
A N N 1 ? 
B N N 1 ? 
C N N 1 ? 
D N N 1 ? 
E N N 2 ? 
F N N 3 ? 
G N N 3 ? 
H N N 3 ? 
I N N 3 ? 
# 
_struct_ref.id                         1 
_struct_ref.db_name                    PDB 
_struct_ref.db_code                    8VHS 
_struct_ref.pdbx_db_accession          8VHS 
_struct_ref.pdbx_db_isoform            ? 
_struct_ref.entity_id                  1 
_struct_ref.pdbx_seq_one_letter_code   ? 
_struct_ref.pdbx_align_begin           1 
# 
loop_
_struct_ref_seq.align_id 
_struct_ref_seq.ref_id 
_struct_ref_seq.pdbx_PDB_id_code 
_struct_ref_seq.pdbx_strand_id 
_struct_ref_seq.seq_align_beg 
_struct_ref_seq.pdbx_seq_align_beg_ins_code 
_struct_ref_seq.seq_align_end 
_struct_ref_seq.pdbx_seq_align_end_ins_code 
_struct_ref_seq.pdbx_db_accession 
_struct_ref_seq.db_align_beg 
_struct_ref_seq.pdbx_db_align_beg_ins_code 
_struct_ref_seq.db_align_end 
_struct_ref_seq.pdbx_db_align_end_ins_code 
_struct_ref_seq.pdbx_auth_seq_align_beg 
_struct_ref_seq.pdbx_auth_seq_align_end 
1 1 8VHS A 1 ? 38 ? 8VHS 0 ? 37 ? 0 37 
2 1 8VHS B 1 ? 38 ? 8VHS 0 ? 37 ? 0 37 
3 1 8VHS C 1 ? 38 ? 8VHS 0 ? 37 ? 0 37 
4 1 8VHS D 1 ? 39 ? 8VHS 0 ? 38 ? 0 38 
# 
_pdbx_struct_assembly.id                   1 
_pdbx_struct_assembly.details              author_and_software_defined_assembly 
_pdbx_struct_assembly.method_details       PISA 
_pdbx_struct_assembly.oligomeric_details   tetrameric 
_pdbx_struct_assembly.oligomeric_count     4 
# 
loop_
_pdbx_struct_assembly_prop.biol_id 
_pdbx_struct_assembly_prop.type 
_pdbx_struct_assembly_prop.value 
_pdbx_struct_assembly_prop.details 
1 'ABSA (A^2)' 7040 ? 
1 MORE         -69  ? 
1 'SSA (A^2)'  8630 ? 
# 
_pdbx_struct_assembly_gen.assembly_id       1 
_pdbx_struct_assembly_gen.oper_expression   1 
_pdbx_struct_assembly_gen.asym_id_list      A,B,C,D,E,F,G,H,I 
# 
_pdbx_struct_assembly_auth_evidence.id                     1 
_pdbx_struct_assembly_auth_evidence.assembly_id            1 
_pdbx_struct_assembly_auth_evidence.experimental_support   none 
_pdbx_struct_assembly_auth_evidence.details                ? 
# 
_pdbx_struct_oper_list.id                   1 
_pdbx_struct_oper_list.type                 'identity operation' 
_pdbx_struct_oper_list.name                 1_555 
_pdbx_struct_oper_list.symmetry_operation   x,y,z 
_pdbx_struct_oper_list.matrix[1][1]         1.0000000000 
_pdbx_struct_oper_list.matrix[1][2]         0.0000000000 
_pdbx_struct_oper_list.matrix[1][3]         0.0000000000 
_pdbx_struct_oper_list.vector[1]            0.0000000000 
_pdbx_struct_oper_list.matrix[2][1]         0.0000000000 
_pdbx_struct_oper_list.matrix[2][2]         1.0000000000 
_pdbx_struct_oper_list.matrix[2][3]         0.0000000000 
_pdbx_struct_oper_list.vector[2]            0.0000000000 
_pdbx_struct_oper_list.matrix[3][1]         0.0000000000 
_pdbx_struct_oper_list.matrix[3][2]         0.0000000000 
_pdbx_struct_oper_list.matrix[3][3]         1.0000000000 
_pdbx_struct_oper_list.vector[3]            0.0000000000 
# 
loop_
_struct_conf.conf_type_id 
_struct_conf.id 
_struct_conf.pdbx_PDB_helix_id 
_struct_conf.beg_label_comp_id 
_struct_conf.beg_label_asym_id 
_struct_conf.beg_label_seq_id 
_struct_conf.pdbx_beg_PDB_ins_code 
_struct_conf.end_label_comp_id 
_struct_conf.end_label_asym_id 
_struct_conf.end_label_seq_id 
_struct_conf.pdbx_end_PDB_ins_code 
_struct_conf.beg_auth_comp_id 
_struct_conf.beg_auth_asym_id 
_struct_conf.beg_auth_seq_id 
_struct_conf.end_auth_comp_id 
_struct_conf.end_auth_asym_id 
_struct_conf.end_auth_seq_id 
_struct_conf.pdbx_PDB_helix_class 
_struct_conf.details 
_struct_conf.pdbx_PDB_helix_length 
HELX_P HELX_P1 AA1 GLY A 2 ? TRP A 36 ? GLY A 1 TRP A 35 1 ? 35 
HELX_P HELX_P2 AA2 GLY B 2 ? ILE B 34 ? GLY B 1 ILE B 33 1 ? 33 
HELX_P HELX_P3 AA3 LEU C 3 ? GLY C 38 ? LEU C 2 GLY C 37 1 ? 36 
HELX_P HELX_P4 AA4 GLY D 2 ? LYS D 35 ? GLY D 1 LYS D 34 1 ? 34 
# 
_struct_conf_type.id          HELX_P 
_struct_conf_type.criteria    ? 
_struct_conf_type.reference   ? 
# 
loop_
_struct_conn.id 
_struct_conn.conn_type_id 
_struct_conn.pdbx_leaving_atom_flag 
_struct_conn.pdbx_PDB_id 
_struct_conn.ptnr1_label_asym_id 
_struct_conn.ptnr1_label_comp_id 
_struct_conn.ptnr1_label_seq_id 
_struct_conn.ptnr1_label_atom_id 
_struct_conn.pdbx_ptnr1_label_alt_id 
_struct_conn.pdbx_ptnr1_PDB_ins_code 
_struct_conn.pdbx_ptnr1_standard_comp_id 
_struct_conn.ptnr1_symmetry 
_struct_conn.ptnr2_label_asym_id 
_struct_conn.ptnr2_label_comp_id 
_struct_conn.ptnr2_label_seq_id 
_struct_conn.ptnr2_label_atom_id 
_struct_conn.pdbx_ptnr2_label_alt_id 
_struct_conn.pdbx_ptnr2_PDB_ins_code 
_struct_conn.ptnr1_auth_asym_id 
_struct_conn.ptnr1_auth_comp_id 
_struct_conn.ptnr1_auth_seq_id 
_struct_conn.ptnr2_auth_asym_id 
_struct_conn.ptnr2_auth_comp_id 
_struct_conn.ptnr2_auth_seq_id 
_struct_conn.ptnr2_symmetry 
_struct_conn.pdbx_ptnr3_label_atom_id 
_struct_conn.pdbx_ptnr3_label_seq_id 
_struct_conn.pdbx_ptnr3_label_comp_id 
_struct_conn.pdbx_ptnr3_label_asym_id 
_struct_conn.pdbx_ptnr3_label_alt_id 
_struct_conn.pdbx_ptnr3_PDB_ins_code 
_struct_conn.details 
_struct_conn.pdbx_dist_value 
_struct_conn.pdbx_value_order 
_struct_conn.pdbx_role 
covale1 covale both ? A ACE 1  C   ? ? ? 1_555 A GLY 2  N   ? ? A ACE 0   A GLY 1   1_555 ? ? ? ? ? ? ? 1.290 ? ? 
covale2 covale both ? A GLY 38 C   ? ? ? 1_555 A NH2 39 N   ? ? A GLY 37  A NH2 38  1_555 ? ? ? ? ? ? ? 1.329 ? ? 
covale3 covale both ? B ACE 1  C   ? ? ? 1_555 B GLY 2  N   ? ? B ACE 0   B GLY 1   1_555 ? ? ? ? ? ? ? 1.332 ? ? 
covale4 covale both ? B GLY 38 C   ? ? ? 1_555 B NH2 39 N   ? ? B GLY 37  B NH2 38  1_555 ? ? ? ? ? ? ? 1.312 ? ? 
covale5 covale both ? C GLY 38 C   ? ? ? 1_555 C NH2 39 N   ? ? C GLY 37  C NH2 38  1_555 ? ? ? ? ? ? ? 1.321 ? ? 
covale6 covale both ? D ACE 1  C   ? ? ? 1_555 D GLY 2  N   ? ? D ACE 0   D GLY 1   1_555 ? ? ? ? ? ? ? 1.294 ? ? 
metalc1 metalc ?    ? A HIS 10 NE2 ? ? ? 1_555 E CU  .  CU  ? ? A HIS 9   A CU  101 1_555 ? ? ? ? ? ? ? 2.159 ? ? 
metalc2 metalc ?    ? E CU  .  CU  ? ? ? 1_555 B HIS 10 NE2 ? ? A CU  101 B HIS 9   1_555 ? ? ? ? ? ? ? 2.024 ? ? 
metalc3 metalc ?    ? E CU  .  CU  ? ? ? 1_555 C HIS 10 NE2 ? ? A CU  101 C HIS 9   1_555 ? ? ? ? ? ? ? 1.983 ? ? 
metalc4 metalc ?    ? E CU  .  CU  ? ? ? 1_555 H HOH .  O   ? ? A CU  101 C HOH 118 1_555 ? ? ? ? ? ? ? 2.562 ? ? 
metalc5 metalc ?    ? E CU  .  CU  ? ? ? 1_555 D HIS 10 NE2 ? ? A CU  101 D HIS 9   1_555 ? ? ? ? ? ? ? 2.133 ? ? 
# 
loop_
_struct_conn_type.id 
_struct_conn_type.criteria 
_struct_conn_type.reference 
covale ? ? 
metalc ? ? 
# 
loop_
_pdbx_struct_conn_angle.id 
_pdbx_struct_conn_angle.ptnr1_label_atom_id 
_pdbx_struct_conn_angle.ptnr1_label_alt_id 
_pdbx_struct_conn_angle.ptnr1_label_asym_id 
_pdbx_struct_conn_angle.ptnr1_label_comp_id 
_pdbx_struct_conn_angle.ptnr1_label_seq_id 
_pdbx_struct_conn_angle.ptnr1_auth_atom_id 
_pdbx_struct_conn_angle.ptnr1_auth_asym_id 
_pdbx_struct_conn_angle.ptnr1_auth_comp_id 
_pdbx_struct_conn_angle.ptnr1_auth_seq_id 
_pdbx_struct_conn_angle.ptnr1_PDB_ins_code 
_pdbx_struct_conn_angle.ptnr1_symmetry 
_pdbx_struct_conn_angle.ptnr2_label_atom_id 
_pdbx_struct_conn_angle.ptnr2_label_alt_id 
_pdbx_struct_conn_angle.ptnr2_label_asym_id 
_pdbx_struct_conn_angle.ptnr2_label_comp_id 
_pdbx_struct_conn_angle.ptnr2_label_seq_id 
_pdbx_struct_conn_angle.ptnr2_auth_atom_id 
_pdbx_struct_conn_angle.ptnr2_auth_asym_id 
_pdbx_struct_conn_angle.ptnr2_auth_comp_id 
_pdbx_struct_conn_angle.ptnr2_auth_seq_id 
_pdbx_struct_conn_angle.ptnr2_PDB_ins_code 
_pdbx_struct_conn_angle.ptnr2_symmetry 
_pdbx_struct_conn_angle.ptnr3_label_atom_id 
_pdbx_struct_conn_angle.ptnr3_label_alt_id 
_pdbx_struct_conn_angle.ptnr3_label_asym_id 
_pdbx_struct_conn_angle.ptnr3_label_comp_id 
_pdbx_struct_conn_angle.ptnr3_label_seq_id 
_pdbx_struct_conn_angle.ptnr3_auth_atom_id 
_pdbx_struct_conn_angle.ptnr3_auth_asym_id 
_pdbx_struct_conn_angle.ptnr3_auth_comp_id 
_pdbx_struct_conn_angle.ptnr3_auth_seq_id 
_pdbx_struct_conn_angle.ptnr3_PDB_ins_code 
_pdbx_struct_conn_angle.ptnr3_symmetry 
_pdbx_struct_conn_angle.value 
_pdbx_struct_conn_angle.value_esd 
1  NE2 ? A HIS 10 ? A HIS 9   ? 1_555 CU ? E CU . ? A CU 101 ? 1_555 NE2 ? B HIS 10 ? B HIS 9   ? 1_555 89.7  ? 
2  NE2 ? A HIS 10 ? A HIS 9   ? 1_555 CU ? E CU . ? A CU 101 ? 1_555 NE2 ? C HIS 10 ? C HIS 9   ? 1_555 90.3  ? 
3  NE2 ? B HIS 10 ? B HIS 9   ? 1_555 CU ? E CU . ? A CU 101 ? 1_555 NE2 ? C HIS 10 ? C HIS 9   ? 1_555 171.5 ? 
4  NE2 ? A HIS 10 ? A HIS 9   ? 1_555 CU ? E CU . ? A CU 101 ? 1_555 O   ? H HOH .  ? C HOH 118 ? 1_555 92.6  ? 
5  NE2 ? B HIS 10 ? B HIS 9   ? 1_555 CU ? E CU . ? A CU 101 ? 1_555 O   ? H HOH .  ? C HOH 118 ? 1_555 85.9  ? 
6  NE2 ? C HIS 10 ? C HIS 9   ? 1_555 CU ? E CU . ? A CU 101 ? 1_555 O   ? H HOH .  ? C HOH 118 ? 1_555 85.6  ? 
7  NE2 ? A HIS 10 ? A HIS 9   ? 1_555 CU ? E CU . ? A CU 101 ? 1_555 NE2 ? D HIS 10 ? D HIS 9   ? 1_555 166.2 ? 
8  NE2 ? B HIS 10 ? B HIS 9   ? 1_555 CU ? E CU . ? A CU 101 ? 1_555 NE2 ? D HIS 10 ? D HIS 9   ? 1_555 89.3  ? 
9  NE2 ? C HIS 10 ? C HIS 9   ? 1_555 CU ? E CU . ? A CU 101 ? 1_555 NE2 ? D HIS 10 ? D HIS 9   ? 1_555 92.6  ? 
10 O   ? H HOH .  ? C HOH 118 ? 1_555 CU ? E CU . ? A CU 101 ? 1_555 NE2 ? D HIS 10 ? D HIS 9   ? 1_555 101.0 ? 
# 
loop_
_pdbx_modification_feature.ordinal 
_pdbx_modification_feature.label_comp_id 
_pdbx_modification_feature.label_asym_id 
_pdbx_modification_feature.label_seq_id 
_pdbx_modification_feature.label_alt_id 
_pdbx_modification_feature.modified_residue_label_comp_id 
_pdbx_modification_feature.modified_residue_label_asym_id 
_pdbx_modification_feature.modified_residue_label_seq_id 
_pdbx_modification_feature.modified_residue_label_alt_id 
_pdbx_modification_feature.auth_comp_id 
_pdbx_modification_feature.auth_asym_id 
_pdbx_modification_feature.auth_seq_id 
_pdbx_modification_feature.PDB_ins_code 
_pdbx_modification_feature.symmetry 
_pdbx_modification_feature.modified_residue_auth_comp_id 
_pdbx_modification_feature.modified_residue_auth_asym_id 
_pdbx_modification_feature.modified_residue_auth_seq_id 
_pdbx_modification_feature.modified_residue_PDB_ins_code 
_pdbx_modification_feature.modified_residue_symmetry 
_pdbx_modification_feature.comp_id_linking_atom 
_pdbx_modification_feature.modified_residue_id_linking_atom 
_pdbx_modification_feature.modified_residue_id 
_pdbx_modification_feature.ref_pcm_id 
_pdbx_modification_feature.ref_comp_id 
_pdbx_modification_feature.type 
_pdbx_modification_feature.category 
1 ACE A 1  ? GLY A 2  ? ACE A 0  ? 1_555 GLY A 1  ? 1_555 . . GLY 12 ACE None 'Terminal acetylation' 
2 ACE B 1  ? GLY B 2  ? ACE B 0  ? 1_555 GLY B 1  ? 1_555 . . GLY 12 ACE None 'Terminal acetylation' 
3 ACE D 1  ? GLY D 2  ? ACE D 0  ? 1_555 GLY D 1  ? 1_555 . . GLY 12 ACE None 'Terminal acetylation' 
4 NH2 A 39 ? GLY A 38 ? NH2 A 38 ? 1_555 GLY A 37 ? 1_555 . . GLY 12 NH2 None 'Terminal amidation'   
5 NH2 B 39 ? GLY B 38 ? NH2 B 38 ? 1_555 GLY B 37 ? 1_555 . . GLY 12 NH2 None 'Terminal amidation'   
6 NH2 C 39 ? GLY C 38 ? NH2 C 38 ? 1_555 GLY C 37 ? 1_555 . . GLY 12 NH2 None 'Terminal amidation'   
# 
_pdbx_entry_details.entry_id                   8VHS 
_pdbx_entry_details.nonpolymer_details         ? 
_pdbx_entry_details.sequence_details           ? 
_pdbx_entry_details.compound_details           ? 
_pdbx_entry_details.source_details             ? 
_pdbx_entry_details.has_ligand_of_interest     Y 
_pdbx_entry_details.has_protein_modification   Y 
# 
loop_
_pdbx_unobs_or_zero_occ_residues.id 
_pdbx_unobs_or_zero_occ_residues.PDB_model_num 
_pdbx_unobs_or_zero_occ_residues.polymer_flag 
_pdbx_unobs_or_zero_occ_residues.occupancy_flag 
_pdbx_unobs_or_zero_occ_residues.auth_asym_id 
_pdbx_unobs_or_zero_occ_residues.auth_comp_id 
_pdbx_unobs_or_zero_occ_residues.auth_seq_id 
_pdbx_unobs_or_zero_occ_residues.PDB_ins_code 
_pdbx_unobs_or_zero_occ_residues.label_asym_id 
_pdbx_unobs_or_zero_occ_residues.label_comp_id 
_pdbx_unobs_or_zero_occ_residues.label_seq_id 
1 1 Y 1 C ACE 0  ? C ACE 1  
2 1 Y 1 D GLU 36 ? D GLU 37 
3 1 Y 1 D GLY 37 ? D GLY 38 
4 1 Y 1 D NH2 38 ? D NH2 39 
# 
loop_
_chem_comp_atom.comp_id 
_chem_comp_atom.atom_id 
_chem_comp_atom.type_symbol 
_chem_comp_atom.pdbx_aromatic_flag 
_chem_comp_atom.pdbx_stereo_config 
_chem_comp_atom.pdbx_ordinal 
ACE C    C  N N 1   
ACE O    O  N N 2   
ACE CH3  C  N N 3   
ACE H    H  N N 4   
ACE H1   H  N N 5   
ACE H2   H  N N 6   
ACE H3   H  N N 7   
ALA N    N  N N 8   
ALA CA   C  N S 9   
ALA C    C  N N 10  
ALA O    O  N N 11  
ALA CB   C  N N 12  
ALA OXT  O  N N 13  
ALA H    H  N N 14  
ALA H2   H  N N 15  
ALA HA   H  N N 16  
ALA HB1  H  N N 17  
ALA HB2  H  N N 18  
ALA HB3  H  N N 19  
ALA HXT  H  N N 20  
CU  CU   CU N N 21  
GLN N    N  N N 22  
GLN CA   C  N S 23  
GLN C    C  N N 24  
GLN O    O  N N 25  
GLN CB   C  N N 26  
GLN CG   C  N N 27  
GLN CD   C  N N 28  
GLN OE1  O  N N 29  
GLN NE2  N  N N 30  
GLN OXT  O  N N 31  
GLN H    H  N N 32  
GLN H2   H  N N 33  
GLN HA   H  N N 34  
GLN HB2  H  N N 35  
GLN HB3  H  N N 36  
GLN HG2  H  N N 37  
GLN HG3  H  N N 38  
GLN HE21 H  N N 39  
GLN HE22 H  N N 40  
GLN HXT  H  N N 41  
GLU N    N  N N 42  
GLU CA   C  N S 43  
GLU C    C  N N 44  
GLU O    O  N N 45  
GLU CB   C  N N 46  
GLU CG   C  N N 47  
GLU CD   C  N N 48  
GLU OE1  O  N N 49  
GLU OE2  O  N N 50  
GLU OXT  O  N N 51  
GLU H    H  N N 52  
GLU H2   H  N N 53  
GLU HA   H  N N 54  
GLU HB2  H  N N 55  
GLU HB3  H  N N 56  
GLU HG2  H  N N 57  
GLU HG3  H  N N 58  
GLU HE2  H  N N 59  
GLU HXT  H  N N 60  
GLY N    N  N N 61  
GLY CA   C  N N 62  
GLY C    C  N N 63  
GLY O    O  N N 64  
GLY OXT  O  N N 65  
GLY H    H  N N 66  
GLY H2   H  N N 67  
GLY HA2  H  N N 68  
GLY HA3  H  N N 69  
GLY HXT  H  N N 70  
HIS N    N  N N 71  
HIS CA   C  N S 72  
HIS C    C  N N 73  
HIS O    O  N N 74  
HIS CB   C  N N 75  
HIS CG   C  Y N 76  
HIS ND1  N  Y N 77  
HIS CD2  C  Y N 78  
HIS CE1  C  Y N 79  
HIS NE2  N  Y N 80  
HIS OXT  O  N N 81  
HIS H    H  N N 82  
HIS H2   H  N N 83  
HIS HA   H  N N 84  
HIS HB2  H  N N 85  
HIS HB3  H  N N 86  
HIS HD1  H  N N 87  
HIS HD2  H  N N 88  
HIS HE1  H  N N 89  
HIS HE2  H  N N 90  
HIS HXT  H  N N 91  
HOH O    O  N N 92  
HOH H1   H  N N 93  
HOH H2   H  N N 94  
ILE N    N  N N 95  
ILE CA   C  N S 96  
ILE C    C  N N 97  
ILE O    O  N N 98  
ILE CB   C  N S 99  
ILE CG1  C  N N 100 
ILE CG2  C  N N 101 
ILE CD1  C  N N 102 
ILE OXT  O  N N 103 
ILE H    H  N N 104 
ILE H2   H  N N 105 
ILE HA   H  N N 106 
ILE HB   H  N N 107 
ILE HG12 H  N N 108 
ILE HG13 H  N N 109 
ILE HG21 H  N N 110 
ILE HG22 H  N N 111 
ILE HG23 H  N N 112 
ILE HD11 H  N N 113 
ILE HD12 H  N N 114 
ILE HD13 H  N N 115 
ILE HXT  H  N N 116 
LEU N    N  N N 117 
LEU CA   C  N S 118 
LEU C    C  N N 119 
LEU O    O  N N 120 
LEU CB   C  N N 121 
LEU CG   C  N N 122 
LEU CD1  C  N N 123 
LEU CD2  C  N N 124 
LEU OXT  O  N N 125 
LEU H    H  N N 126 
LEU H2   H  N N 127 
LEU HA   H  N N 128 
LEU HB2  H  N N 129 
LEU HB3  H  N N 130 
LEU HG   H  N N 131 
LEU HD11 H  N N 132 
LEU HD12 H  N N 133 
LEU HD13 H  N N 134 
LEU HD21 H  N N 135 
LEU HD22 H  N N 136 
LEU HD23 H  N N 137 
LEU HXT  H  N N 138 
LYS N    N  N N 139 
LYS CA   C  N S 140 
LYS C    C  N N 141 
LYS O    O  N N 142 
LYS CB   C  N N 143 
LYS CG   C  N N 144 
LYS CD   C  N N 145 
LYS CE   C  N N 146 
LYS NZ   N  N N 147 
LYS OXT  O  N N 148 
LYS H    H  N N 149 
LYS H2   H  N N 150 
LYS HA   H  N N 151 
LYS HB2  H  N N 152 
LYS HB3  H  N N 153 
LYS HG2  H  N N 154 
LYS HG3  H  N N 155 
LYS HD2  H  N N 156 
LYS HD3  H  N N 157 
LYS HE2  H  N N 158 
LYS HE3  H  N N 159 
LYS HZ1  H  N N 160 
LYS HZ2  H  N N 161 
LYS HZ3  H  N N 162 
LYS HXT  H  N N 163 
NH2 N    N  N N 164 
NH2 HN1  H  N N 165 
NH2 HN2  H  N N 166 
TRP N    N  N N 167 
TRP CA   C  N S 168 
TRP C    C  N N 169 
TRP O    O  N N 170 
TRP CB   C  N N 171 
TRP CG   C  Y N 172 
TRP CD1  C  Y N 173 
TRP CD2  C  Y N 174 
TRP NE1  N  Y N 175 
TRP CE2  C  Y N 176 
TRP CE3  C  Y N 177 
TRP CZ2  C  Y N 178 
TRP CZ3  C  Y N 179 
TRP CH2  C  Y N 180 
TRP OXT  O  N N 181 
TRP H    H  N N 182 
TRP H2   H  N N 183 
TRP HA   H  N N 184 
TRP HB2  H  N N 185 
TRP HB3  H  N N 186 
TRP HD1  H  N N 187 
TRP HE1  H  N N 188 
TRP HE3  H  N N 189 
TRP HZ2  H  N N 190 
TRP HZ3  H  N N 191 
TRP HH2  H  N N 192 
TRP HXT  H  N N 193 
# 
loop_
_chem_comp_bond.comp_id 
_chem_comp_bond.atom_id_1 
_chem_comp_bond.atom_id_2 
_chem_comp_bond.value_order 
_chem_comp_bond.pdbx_aromatic_flag 
_chem_comp_bond.pdbx_stereo_config 
_chem_comp_bond.pdbx_ordinal 
ACE C   O    doub N N 1   
ACE C   CH3  sing N N 2   
ACE C   H    sing N N 3   
ACE CH3 H1   sing N N 4   
ACE CH3 H2   sing N N 5   
ACE CH3 H3   sing N N 6   
ALA N   CA   sing N N 7   
ALA N   H    sing N N 8   
ALA N   H2   sing N N 9   
ALA CA  C    sing N N 10  
ALA CA  CB   sing N N 11  
ALA CA  HA   sing N N 12  
ALA C   O    doub N N 13  
ALA C   OXT  sing N N 14  
ALA CB  HB1  sing N N 15  
ALA CB  HB2  sing N N 16  
ALA CB  HB3  sing N N 17  
ALA OXT HXT  sing N N 18  
GLN N   CA   sing N N 19  
GLN N   H    sing N N 20  
GLN N   H2   sing N N 21  
GLN CA  C    sing N N 22  
GLN CA  CB   sing N N 23  
GLN CA  HA   sing N N 24  
GLN C   O    doub N N 25  
GLN C   OXT  sing N N 26  
GLN CB  CG   sing N N 27  
GLN CB  HB2  sing N N 28  
GLN CB  HB3  sing N N 29  
GLN CG  CD   sing N N 30  
GLN CG  HG2  sing N N 31  
GLN CG  HG3  sing N N 32  
GLN CD  OE1  doub N N 33  
GLN CD  NE2  sing N N 34  
GLN NE2 HE21 sing N N 35  
GLN NE2 HE22 sing N N 36  
GLN OXT HXT  sing N N 37  
GLU N   CA   sing N N 38  
GLU N   H    sing N N 39  
GLU N   H2   sing N N 40  
GLU CA  C    sing N N 41  
GLU CA  CB   sing N N 42  
GLU CA  HA   sing N N 43  
GLU C   O    doub N N 44  
GLU C   OXT  sing N N 45  
GLU CB  CG   sing N N 46  
GLU CB  HB2  sing N N 47  
GLU CB  HB3  sing N N 48  
GLU CG  CD   sing N N 49  
GLU CG  HG2  sing N N 50  
GLU CG  HG3  sing N N 51  
GLU CD  OE1  doub N N 52  
GLU CD  OE2  sing N N 53  
GLU OE2 HE2  sing N N 54  
GLU OXT HXT  sing N N 55  
GLY N   CA   sing N N 56  
GLY N   H    sing N N 57  
GLY N   H2   sing N N 58  
GLY CA  C    sing N N 59  
GLY CA  HA2  sing N N 60  
GLY CA  HA3  sing N N 61  
GLY C   O    doub N N 62  
GLY C   OXT  sing N N 63  
GLY OXT HXT  sing N N 64  
HIS N   CA   sing N N 65  
HIS N   H    sing N N 66  
HIS N   H2   sing N N 67  
HIS CA  C    sing N N 68  
HIS CA  CB   sing N N 69  
HIS CA  HA   sing N N 70  
HIS C   O    doub N N 71  
HIS C   OXT  sing N N 72  
HIS CB  CG   sing N N 73  
HIS CB  HB2  sing N N 74  
HIS CB  HB3  sing N N 75  
HIS CG  ND1  sing Y N 76  
HIS CG  CD2  doub Y N 77  
HIS ND1 CE1  doub Y N 78  
HIS ND1 HD1  sing N N 79  
HIS CD2 NE2  sing Y N 80  
HIS CD2 HD2  sing N N 81  
HIS CE1 NE2  sing Y N 82  
HIS CE1 HE1  sing N N 83  
HIS NE2 HE2  sing N N 84  
HIS OXT HXT  sing N N 85  
HOH O   H1   sing N N 86  
HOH O   H2   sing N N 87  
ILE N   CA   sing N N 88  
ILE N   H    sing N N 89  
ILE N   H2   sing N N 90  
ILE CA  C    sing N N 91  
ILE CA  CB   sing N N 92  
ILE CA  HA   sing N N 93  
ILE C   O    doub N N 94  
ILE C   OXT  sing N N 95  
ILE CB  CG1  sing N N 96  
ILE CB  CG2  sing N N 97  
ILE CB  HB   sing N N 98  
ILE CG1 CD1  sing N N 99  
ILE CG1 HG12 sing N N 100 
ILE CG1 HG13 sing N N 101 
ILE CG2 HG21 sing N N 102 
ILE CG2 HG22 sing N N 103 
ILE CG2 HG23 sing N N 104 
ILE CD1 HD11 sing N N 105 
ILE CD1 HD12 sing N N 106 
ILE CD1 HD13 sing N N 107 
ILE OXT HXT  sing N N 108 
LEU N   CA   sing N N 109 
LEU N   H    sing N N 110 
LEU N   H2   sing N N 111 
LEU CA  C    sing N N 112 
LEU CA  CB   sing N N 113 
LEU CA  HA   sing N N 114 
LEU C   O    doub N N 115 
LEU C   OXT  sing N N 116 
LEU CB  CG   sing N N 117 
LEU CB  HB2  sing N N 118 
LEU CB  HB3  sing N N 119 
LEU CG  CD1  sing N N 120 
LEU CG  CD2  sing N N 121 
LEU CG  HG   sing N N 122 
LEU CD1 HD11 sing N N 123 
LEU CD1 HD12 sing N N 124 
LEU CD1 HD13 sing N N 125 
LEU CD2 HD21 sing N N 126 
LEU CD2 HD22 sing N N 127 
LEU CD2 HD23 sing N N 128 
LEU OXT HXT  sing N N 129 
LYS N   CA   sing N N 130 
LYS N   H    sing N N 131 
LYS N   H2   sing N N 132 
LYS CA  C    sing N N 133 
LYS CA  CB   sing N N 134 
LYS CA  HA   sing N N 135 
LYS C   O    doub N N 136 
LYS C   OXT  sing N N 137 
LYS CB  CG   sing N N 138 
LYS CB  HB2  sing N N 139 
LYS CB  HB3  sing N N 140 
LYS CG  CD   sing N N 141 
LYS CG  HG2  sing N N 142 
LYS CG  HG3  sing N N 143 
LYS CD  CE   sing N N 144 
LYS CD  HD2  sing N N 145 
LYS CD  HD3  sing N N 146 
LYS CE  NZ   sing N N 147 
LYS CE  HE2  sing N N 148 
LYS CE  HE3  sing N N 149 
LYS NZ  HZ1  sing N N 150 
LYS NZ  HZ2  sing N N 151 
LYS NZ  HZ3  sing N N 152 
LYS OXT HXT  sing N N 153 
NH2 N   HN1  sing N N 154 
NH2 N   HN2  sing N N 155 
TRP N   CA   sing N N 156 
TRP N   H    sing N N 157 
TRP N   H2   sing N N 158 
TRP CA  C    sing N N 159 
TRP CA  CB   sing N N 160 
TRP CA  HA   sing N N 161 
TRP C   O    doub N N 162 
TRP C   OXT  sing N N 163 
TRP CB  CG   sing N N 164 
TRP CB  HB2  sing N N 165 
TRP CB  HB3  sing N N 166 
TRP CG  CD1  doub Y N 167 
TRP CG  CD2  sing Y N 168 
TRP CD1 NE1  sing Y N 169 
TRP CD1 HD1  sing N N 170 
TRP CD2 CE2  doub Y N 171 
TRP CD2 CE3  sing Y N 172 
TRP NE1 CE2  sing Y N 173 
TRP NE1 HE1  sing N N 174 
TRP CE2 CZ2  sing Y N 175 
TRP CE3 CZ3  doub Y N 176 
TRP CE3 HE3  sing N N 177 
TRP CZ2 CH2  doub Y N 178 
TRP CZ2 HZ2  sing N N 179 
TRP CZ3 CH2  sing Y N 180 
TRP CZ3 HZ3  sing N N 181 
TRP CH2 HH2  sing N N 182 
TRP OXT HXT  sing N N 183 
# 
_pdbx_audit_support.funding_organization   'Other government' 
_pdbx_audit_support.country                'United States' 
_pdbx_audit_support.grant_number           ? 
_pdbx_audit_support.ordinal                1 
# 
_pdbx_initial_refinement_model.id               1 
_pdbx_initial_refinement_model.entity_id_list   ? 
_pdbx_initial_refinement_model.type             'experimental model' 
_pdbx_initial_refinement_model.source_name      PDB 
_pdbx_initial_refinement_model.accession_code   3R4A 
_pdbx_initial_refinement_model.details          ? 
# 
_atom_sites.entry_id                    8VHS 
_atom_sites.Cartn_transf_matrix[1][1]   ? 
_atom_sites.Cartn_transf_matrix[1][2]   ? 
_atom_sites.Cartn_transf_matrix[1][3]   ? 
_atom_sites.Cartn_transf_matrix[2][1]   ? 
_atom_sites.Cartn_transf_matrix[2][2]   ? 
_atom_sites.Cartn_transf_matrix[2][3]   ? 
_atom_sites.Cartn_transf_matrix[3][1]   ? 
_atom_sites.Cartn_transf_matrix[3][2]   ? 
_atom_sites.Cartn_transf_matrix[3][3]   ? 
_atom_sites.Cartn_transf_vector[1]      ? 
_atom_sites.Cartn_transf_vector[2]      ? 
_atom_sites.Cartn_transf_vector[3]      ? 
_atom_sites.Cartn_transform_axes        ? 
_atom_sites.fract_transf_matrix[1][1]   -0.02238186 
_atom_sites.fract_transf_matrix[1][2]   0.01261196 
_atom_sites.fract_transf_matrix[1][3]   -0.02781498 
_atom_sites.fract_transf_matrix[2][1]   -0.01136385 
_atom_sites.fract_transf_matrix[2][2]   0.01194150 
_atom_sites.fract_transf_matrix[2][3]   0.01455869 
_atom_sites.fract_transf_matrix[3][1]   0.00632303 
_atom_sites.fract_transf_matrix[3][2]   0.00786980 
_atom_sites.fract_transf_matrix[3][3]   -0.00151959 
_atom_sites.fract_transf_vector[1]      0.444391 
_atom_sites.fract_transf_vector[2]      0.004566 
_atom_sites.fract_transf_vector[3]      -0.017984 
_atom_sites.solution_primary            ? 
_atom_sites.solution_secondary          ? 
_atom_sites.solution_hydrogens          ? 
_atom_sites.special_details             ? 
# 
loop_
_atom_type.symbol 
C  
CU 
N  
O  
# 
loop_
_atom_site.group_PDB 
_atom_site.id 
_atom_site.type_symbol 
_atom_site.label_atom_id 
_atom_site.label_alt_id 
_atom_site.label_comp_id 
_atom_site.label_asym_id 
_atom_site.label_entity_id 
_atom_site.label_seq_id 
_atom_site.pdbx_PDB_ins_code 
_atom_site.Cartn_x 
_atom_site.Cartn_y 
_atom_site.Cartn_z 
_atom_site.occupancy 
_atom_site.B_iso_or_equiv 
_atom_site.pdbx_formal_charge 
_atom_site.auth_seq_id 
_atom_site.auth_comp_id 
_atom_site.auth_asym_id 
_atom_site.auth_atom_id 
_atom_site.pdbx_PDB_model_num 
HETATM 1    C  C   . ACE A 1 1  ? -13.852 -24.814 -1.817  1.00 21.14 ? 0   ACE A C   1 
HETATM 2    O  O   . ACE A 1 1  ? -13.349 -24.032 -1.101  1.00 16.64 ? 0   ACE A O   1 
HETATM 3    C  CH3 . ACE A 1 1  ? -14.239 -26.190 -1.305  1.00 25.88 ? 0   ACE A CH3 1 
ATOM   4    N  N   . GLY A 1 2  ? -14.123 -24.615 -3.062  1.00 13.63 ? 1   GLY A N   1 
ATOM   5    C  CA  . GLY A 1 2  ? -13.482 -23.443 -3.686  1.00 14.77 ? 1   GLY A CA  1 
ATOM   6    C  C   . GLY A 1 2  ? -13.984 -22.127 -3.111  1.00 13.34 ? 1   GLY A C   1 
ATOM   7    O  O   . GLY A 1 2  ? -13.193 -21.186 -3.100  1.00 14.40 ? 1   GLY A O   1 
ATOM   8    N  N   . LEU A 1 3  ? -15.243 -22.044 -2.670  1.00 13.87 ? 2   LEU A N   1 
ATOM   9    C  CA  . LEU A 1 3  ? -15.671 -20.789 -2.058  1.00 15.67 ? 2   LEU A CA  1 
ATOM   10   C  C   . LEU A 1 3  ? -14.893 -20.509 -0.781  1.00 15.33 ? 2   LEU A C   1 
ATOM   11   O  O   . LEU A 1 3  ? -14.498 -19.364 -0.524  1.00 16.69 ? 2   LEU A O   1 
ATOM   12   C  CB  . LEU A 1 3  ? -17.171 -20.781 -1.793  1.00 15.83 ? 2   LEU A CB  1 
ATOM   13   C  CG  . LEU A 1 3  ? -18.035 -20.803 -3.050  1.00 17.68 ? 2   LEU A CG  1 
ATOM   14   C  CD1 . LEU A 1 3  ? -19.511 -20.926 -2.673  1.00 18.74 ? 2   LEU A CD1 1 
ATOM   15   C  CD2 . LEU A 1 3  ? -17.780 -19.566 -3.894  1.00 20.04 ? 2   LEU A CD2 1 
ATOM   16   N  N   . ALA A 1 4  ? -14.641 -21.545 0.021   1.00 15.34 ? 3   ALA A N   1 
ATOM   17   C  CA  . ALA A 1 4  ? -13.836 -21.366 1.224   1.00 16.06 ? 3   ALA A CA  1 
ATOM   18   C  C   . ALA A 1 4  ? -12.387 -21.070 0.877   1.00 16.18 ? 3   ALA A C   1 
ATOM   19   O  O   . ALA A 1 4  ? -11.735 -20.276 1.562   1.00 16.50 ? 3   ALA A O   1 
ATOM   20   C  CB  . ALA A 1 4  ? -13.926 -22.618 2.104   1.00 16.50 ? 3   ALA A CB  1 
ATOM   21   N  N   . ALA A 1 5  ? -11.861 -21.692 -0.178  1.00 14.91 ? 4   ALA A N   1 
ATOM   22   C  CA  . ALA A 1 5  ? -10.485 -21.432 -0.589  1.00 15.96 ? 4   ALA A CA  1 
ATOM   23   C  C   . ALA A 1 5  ? -10.297 -19.976 -0.973  1.00 15.50 ? 4   ALA A C   1 
ATOM   24   O  O   . ALA A 1 5  ? -9.303  -19.343 -0.579  1.00 16.06 ? 4   ALA A O   1 
ATOM   25   C  CB  . ALA A 1 5  ? -10.108 -22.326 -1.770  1.00 18.72 ? 4   ALA A CB  1 
ATOM   26   N  N   . ILE A 1 6  ? -11.229 -19.436 -1.738  1.00 14.54 ? 5   ILE A N   1 
ATOM   27   C  CA  . ILE A 1 6  ? -11.158 -18.006 -2.156  1.00 15.75 ? 5   ILE A CA  1 
ATOM   28   C  C   . ILE A 1 6  ? -11.237 -17.107 -0.908  1.00 16.80 ? 5   ILE A C   1 
ATOM   29   O  O   . ILE A 1 6  ? -10.484 -16.134 -0.840  1.00 15.99 ? 5   ILE A O   1 
ATOM   30   C  CB  . ILE A 1 6  ? -12.288 -17.707 -3.161  1.00 20.18 ? 5   ILE A CB  1 
ATOM   31   C  CG1 . ILE A 1 6  ? -11.992 -18.307 -4.523  1.00 22.10 ? 5   ILE A CG1 1 
ATOM   32   C  CG2 . ILE A 1 6  ? -12.553 -16.205 -3.264  1.00 20.80 ? 5   ILE A CG2 1 
ATOM   33   C  CD1 . ILE A 1 6  ? -13.190 -18.292 -5.454  1.00 29.80 ? 5   ILE A CD1 1 
ATOM   34   N  N   . LYS A 1 7  ? -12.128 -17.433 0.029   1.00 16.31 ? 6   LYS A N   1 
ATOM   35   C  CA  . LYS A 1 7  ? -12.238 -16.634 1.243   1.00 17.43 ? 6   LYS A CA  1 
ATOM   36   C  C   . LYS A 1 7  ? -10.924 -16.641 2.016   1.00 17.42 ? 6   LYS A C   1 
ATOM   37   O  O   . LYS A 1 7  ? -10.498 -15.603 2.545   1.00 16.81 ? 6   LYS A O   1 
ATOM   38   C  CB  . LYS A 1 7  ? -13.394 -17.163 2.095   1.00 20.63 ? 6   LYS A CB  1 
ATOM   39   C  CG  . LYS A 1 7  ? -13.867 -16.209 3.176   1.00 29.26 ? 6   LYS A CG  1 
ATOM   40   C  CD  . LYS A 1 7  ? -15.260 -16.584 3.656   1.00 33.89 ? 6   LYS A CD  1 
ATOM   41   C  CE  . LYS A 1 7  ? -15.547 -16.030 5.044   1.00 36.35 ? 6   LYS A CE  1 
ATOM   42   N  NZ  . LYS A 1 7  ? -14.329 -15.469 5.687   1.00 36.84 ? 6   LYS A NZ  1 
ATOM   43   N  N   . GLN A 1 8  ? -10.239 -17.787 2.053   1.00 15.30 ? 7   GLN A N   1 
ATOM   44   C  CA  . GLN A 1 8  ? -8.943  -17.882 2.726   1.00 15.94 ? 7   GLN A CA  1 
ATOM   45   C  C   . GLN A 1 8  ? -7.897  -17.028 2.025   1.00 14.51 ? 7   GLN A C   1 
ATOM   46   O  O   . GLN A 1 8  ? -7.090  -16.358 2.684   1.00 15.46 ? 7   GLN A O   1 
ATOM   47   C  CB  . GLN A 1 8  ? -8.468  -19.340 2.760   1.00 17.61 ? 7   GLN A CB  1 
ATOM   48   C  CG  . GLN A 1 8  ? -9.343  -20.288 3.581   1.00 19.58 ? 7   GLN A CG  1 
ATOM   49   C  CD  . GLN A 1 8  ? -9.194  -21.756 3.173   1.00 22.29 ? 7   GLN A CD  1 
ATOM   50   O  OE1 . GLN A 1 8  ? -8.411  -22.094 2.286   1.00 21.88 ? 7   GLN A OE1 1 
ATOM   51   N  NE2 . GLN A 1 8  ? -9.936  -22.637 3.844   1.00 23.75 ? 7   GLN A NE2 1 
ATOM   52   N  N   . GLU A 1 9  ? -7.885  -17.049 0.691   1.00 13.42 ? 8   GLU A N   1 
ATOM   53   C  CA  . GLU A 1 9  ? -6.942  -16.216 -0.048  1.00 15.65 ? 8   GLU A CA  1 
ATOM   54   C  C   . GLU A 1 9  ? -7.232  -14.742 0.186   1.00 15.24 ? 8   GLU A C   1 
ATOM   55   O  O   . GLU A 1 9  ? -6.302  -13.935 0.329   1.00 15.58 ? 8   GLU A O   1 
ATOM   56   C  CB  . GLU A 1 9  ? -6.973  -16.581 -1.531  1.00 16.71 ? 8   GLU A CB  1 
ATOM   57   C  CG  . GLU A 1 9  ? -6.502  -18.010 -1.770  1.00 19.09 ? 8   GLU A CG  1 
ATOM   58   C  CD  . GLU A 1 9  ? -6.635  -18.469 -3.204  1.00 27.71 ? 8   GLU A CD  1 
ATOM   59   O  OE1 . GLU A 1 9  ? -7.435  -17.879 -3.964  1.00 26.94 ? 8   GLU A OE1 1 
ATOM   60   O  OE2 . GLU A 1 9  ? -5.941  -19.444 -3.567  1.00 33.48 ? 8   GLU A OE2 1 
ATOM   61   N  N   . HIS A 1 10 ? -8.511  -14.373 0.273   1.00 14.85 ? 9   HIS A N   1 
ATOM   62   C  CA  . HIS A 1 10 ? -8.835  -12.983 0.584   1.00 14.83 ? 9   HIS A CA  1 
ATOM   63   C  C   . HIS A 1 10 ? -8.399  -12.623 2.001   1.00 16.26 ? 9   HIS A C   1 
ATOM   64   O  O   . HIS A 1 10 ? -7.930  -11.502 2.236   1.00 14.69 ? 9   HIS A O   1 
ATOM   65   C  CB  . HIS A 1 10 ? -10.326 -12.722 0.373   1.00 15.63 ? 9   HIS A CB  1 
ATOM   66   C  CG  . HIS A 1 10 ? -10.721 -12.561 -1.065  1.00 17.21 ? 9   HIS A CG  1 
ATOM   67   N  ND1 . HIS A 1 10 ? -12.039 -12.525 -1.466  1.00 18.62 ? 9   HIS A ND1 1 
ATOM   68   C  CD2 . HIS A 1 10 ? -9.982  -12.410 -2.191  1.00 18.30 ? 9   HIS A CD2 1 
ATOM   69   C  CE1 . HIS A 1 10 ? -12.096 -12.362 -2.776  1.00 22.18 ? 9   HIS A CE1 1 
ATOM   70   N  NE2 . HIS A 1 10 ? -10.863 -12.290 -3.241  1.00 19.88 ? 9   HIS A NE2 1 
ATOM   71   N  N   . ALA A 1 11 ? -8.505  -13.564 2.948   1.00 16.02 ? 10  ALA A N   1 
ATOM   72   C  CA  . ALA A 1 11 ? -8.052  -13.312 4.313   1.00 17.10 ? 10  ALA A CA  1 
ATOM   73   C  C   . ALA A 1 11 ? -6.545  -13.105 4.357   1.00 16.88 ? 10  ALA A C   1 
ATOM   74   O  O   . ALA A 1 11 ? -6.042  -12.277 5.133   1.00 17.78 ? 10  ALA A O   1 
ATOM   75   C  CB  . ALA A 1 11 ? -8.464  -14.472 5.224   1.00 16.90 ? 10  ALA A CB  1 
ATOM   76   N  N   . ALA A 1 12 ? -5.803  -13.827 3.512   1.00 16.26 ? 11  ALA A N   1 
ATOM   77   C  CA  . ALA A 1 12 ? -4.359  -13.629 3.448   1.00 17.60 ? 11  ALA A CA  1 
ATOM   78   C  C   . ALA A 1 12 ? -4.040  -12.237 2.921   1.00 14.89 ? 11  ALA A C   1 
ATOM   79   O  O   . ALA A 1 12 ? -3.134  -11.558 3.431   1.00 15.83 ? 11  ALA A O   1 
ATOM   80   C  CB  . ALA A 1 12 ? -3.729  -14.694 2.551   1.00 17.94 ? 11  ALA A CB  1 
ATOM   81   N  N   . ILE A 1 13 ? -4.779  -11.793 1.904   1.00 14.21 ? 12  ILE A N   1 
ATOM   82   C  CA  . ILE A 1 13 ? -4.618  -10.434 1.389   1.00 14.27 ? 12  ILE A CA  1 
ATOM   83   C  C   . ILE A 1 13 ? -4.947  -9.406  2.470   1.00 14.09 ? 12  ILE A C   1 
ATOM   84   O  O   . ILE A 1 13 ? -4.245  -8.389  2.613   1.00 14.53 ? 12  ILE A O   1 
ATOM   85   C  CB  . ILE A 1 13 ? -5.464  -10.265 0.109   1.00 13.76 ? 12  ILE A CB  1 
ATOM   86   C  CG1 . ILE A 1 13 ? -4.780  -10.974 -1.059  1.00 15.01 ? 12  ILE A CG1 1 
ATOM   87   C  CG2 . ILE A 1 13 ? -5.707  -8.784  -0.222  1.00 14.73 ? 12  ILE A CG2 1 
ATOM   88   C  CD1 . ILE A 1 13 ? -5.722  -11.328 -2.210  1.00 16.57 ? 12  ILE A CD1 1 
ATOM   89   N  N   . LYS A 1 14 ? -6.006  -9.646  3.248   1.00 14.79 ? 13  LYS A N   1 
ATOM   90   C  CA  . LYS A 1 14 ? -6.365  -8.759  4.351   1.00 15.11 ? 13  LYS A CA  1 
ATOM   91   C  C   . LYS A 1 14 ? -5.216  -8.618  5.343   1.00 15.03 ? 13  LYS A C   1 
ATOM   92   O  O   . LYS A 1 14 ? -4.917  -7.508  5.805   1.00 15.15 ? 13  LYS A O   1 
ATOM   93   C  CB  . LYS A 1 14 ? -7.626  -9.280  5.057   1.00 15.17 ? 13  LYS A CB  1 
ATOM   94   C  CG  . LYS A 1 14 ? -8.256  -8.271  6.028   1.00 15.49 ? 13  LYS A CG  1 
ATOM   95   C  CD  . LYS A 1 14 ? -9.465  -8.850  6.751   1.00 16.84 ? 13  LYS A CD  1 
ATOM   96   C  CE  . LYS A 1 14 ? -10.159 -7.763  7.561   1.00 18.71 ? 13  LYS A CE  1 
ATOM   97   N  NZ  . LYS A 1 14 ? -11.358 -8.300  8.264   1.00 21.74 ? 13  LYS A NZ  1 
ATOM   98   N  N   A GLN A 1 15 ? -4.546  -9.724  5.675   0.39 14.89 ? 14  GLN A N   1 
ATOM   99   N  N   B GLN A 1 15 ? -4.543  -9.724  5.669   0.61 14.85 ? 14  GLN A N   1 
ATOM   100  C  CA  A GLN A 1 15 ? -3.434  -9.647  6.617   0.39 17.65 ? 14  GLN A CA  1 
ATOM   101  C  CA  B GLN A 1 15 ? -3.435  -9.649  6.617   0.61 17.61 ? 14  GLN A CA  1 
ATOM   102  C  C   A GLN A 1 15 ? -2.283  -8.815  6.061   0.39 18.18 ? 14  GLN A C   1 
ATOM   103  C  C   B GLN A 1 15 ? -2.284  -8.815  6.063   0.61 18.17 ? 14  GLN A C   1 
ATOM   104  O  O   A GLN A 1 15 ? -1.653  -8.045  6.798   0.39 18.17 ? 14  GLN A O   1 
ATOM   105  O  O   B GLN A 1 15 ? -1.659  -8.041  6.801   0.61 18.17 ? 14  GLN A O   1 
ATOM   106  C  CB  A GLN A 1 15 ? -2.960  -11.047 7.007   0.39 20.99 ? 14  GLN A CB  1 
ATOM   107  C  CB  B GLN A 1 15 ? -2.960  -11.049 7.006   0.61 20.98 ? 14  GLN A CB  1 
ATOM   108  C  CG  A GLN A 1 15 ? -1.945  -11.057 8.150   0.39 26.17 ? 14  GLN A CG  1 
ATOM   109  C  CG  B GLN A 1 15 ? -1.818  -11.032 8.022   0.61 26.23 ? 14  GLN A CG  1 
ATOM   110  C  CD  A GLN A 1 15 ? -2.258  -10.035 9.233   0.39 26.76 ? 14  GLN A CD  1 
ATOM   111  C  CD  B GLN A 1 15 ? -1.478  -12.410 8.563   0.61 26.38 ? 14  GLN A CD  1 
ATOM   112  O  OE1 A GLN A 1 15 ? -3.378  -9.974  9.746   0.39 24.98 ? 14  GLN A OE1 1 
ATOM   113  O  OE1 B GLN A 1 15 ? -2.048  -12.856 9.558   0.61 34.16 ? 14  GLN A OE1 1 
ATOM   114  N  NE2 A GLN A 1 15 ? -1.267  -9.219  9.580   0.39 32.32 ? 14  GLN A NE2 1 
ATOM   115  N  NE2 B GLN A 1 15 ? -0.515  -13.071 7.938   0.61 30.57 ? 14  GLN A NE2 1 
ATOM   116  N  N   . GLU A 1 16 ? -1.989  -8.950  4.763   1.00 15.68 ? 15  GLU A N   1 
ATOM   117  C  CA  . GLU A 1 16 ? -0.926  -8.147  4.167   1.00 17.78 ? 15  GLU A CA  1 
ATOM   118  C  C   . GLU A 1 16 ? -1.311  -6.674  4.115   1.00 14.63 ? 15  GLU A C   1 
ATOM   119  O  O   . GLU A 1 16 ? -0.458  -5.799  4.330   1.00 15.30 ? 15  GLU A O   1 
ATOM   120  C  CB  . GLU A 1 16 ? -0.538  -8.678  2.786   1.00 21.06 ? 15  GLU A CB  1 
ATOM   121  C  CG  . GLU A 1 16 ? 0.802   -8.170  2.253   1.00 25.09 ? 15  GLU A CG  1 
ATOM   122  C  CD  . GLU A 1 16 ? 2.013   -8.743  2.992   1.00 25.74 ? 15  GLU A CD  1 
ATOM   123  O  OE1 . GLU A 1 16 ? 2.004   -8.824  4.242   1.00 28.74 ? 15  GLU A OE1 1 
ATOM   124  O  OE2 . GLU A 1 16 ? 2.974   -9.143  2.306   1.00 32.50 ? 15  GLU A OE2 1 
ATOM   125  N  N   . LEU A 1 17 ? -2.586  -6.372  3.843   1.00 13.94 ? 16  LEU A N   1 
ATOM   126  C  CA  . LEU A 1 17 ? -3.045  -4.984  3.922   1.00 13.87 ? 16  LEU A CA  1 
ATOM   127  C  C   . LEU A 1 17 ? -2.864  -4.427  5.334   1.00 13.61 ? 16  LEU A C   1 
ATOM   128  O  O   . LEU A 1 17 ? -2.466  -3.264  5.504   1.00 13.81 ? 16  LEU A O   1 
ATOM   129  C  CB  . LEU A 1 17 ? -4.502  -4.885  3.456   1.00 14.36 ? 16  LEU A CB  1 
ATOM   130  C  CG  . LEU A 1 17 ? -4.749  -5.178  1.978   1.00 13.57 ? 16  LEU A CG  1 
ATOM   131  C  CD1 . LEU A 1 17 ? -6.242  -5.416  1.723   1.00 15.55 ? 16  LEU A CD1 1 
ATOM   132  C  CD2 . LEU A 1 17 ? -4.225  -4.063  1.078   1.00 15.42 ? 16  LEU A CD2 1 
ATOM   133  N  N   . ALA A 1 18 ? -3.101  -5.250  6.353   1.00 14.57 ? 17  ALA A N   1 
ATOM   134  C  CA  . ALA A 1 18 ? -2.899  -4.820  7.734   1.00 15.30 ? 17  ALA A CA  1 
ATOM   135  C  C   . ALA A 1 18 ? -1.428  -4.529  8.004   1.00 14.94 ? 17  ALA A C   1 
ATOM   136  O  O   . ALA A 1 18 ? -1.087  -3.541  8.679   1.00 14.79 ? 17  ALA A O   1 
ATOM   137  C  CB  . ALA A 1 18 ? -3.421  -5.898  8.692   1.00 15.38 ? 17  ALA A CB  1 
ATOM   138  N  N   . ALA A 1 19 ? -0.539  -5.365  7.469   1.00 14.60 ? 18  ALA A N   1 
ATOM   139  C  CA  . ALA A 1 19 ? 0.893   -5.137  7.646   1.00 16.31 ? 18  ALA A CA  1 
ATOM   140  C  C   . ALA A 1 19 ? 1.326   -3.852  6.955   1.00 13.62 ? 18  ALA A C   1 
ATOM   141  O  O   . ALA A 1 19 ? 2.162   -3.099  7.481   1.00 14.75 ? 18  ALA A O   1 
ATOM   142  C  CB  . ALA A 1 19 ? 1.679   -6.330  7.100   1.00 16.43 ? 18  ALA A CB  1 
ATOM   143  N  N   . ILE A 1 20 ? 0.775   -3.577  5.771   1.00 14.11 ? 19  ILE A N   1 
ATOM   144  C  CA  . ILE A 1 20 ? 1.074   -2.321  5.090   1.00 14.92 ? 19  ILE A CA  1 
ATOM   145  C  C   . ILE A 1 20 ? 0.610   -1.138  5.928   1.00 12.74 ? 19  ILE A C   1 
ATOM   146  O  O   . ILE A 1 20 ? 1.329   -0.138  6.060   1.00 13.07 ? 19  ILE A O   1 
ATOM   147  C  CB  . ILE A 1 20 ? 0.471   -2.315  3.667   1.00 13.80 ? 19  ILE A CB  1 
ATOM   148  C  CG1 . ILE A 1 20 ? 1.296   -3.212  2.745   1.00 15.61 ? 19  ILE A CG1 1 
ATOM   149  C  CG2 . ILE A 1 20 ? 0.381   -0.888  3.099   1.00 13.85 ? 19  ILE A CG2 1 
ATOM   150  C  CD1 . ILE A 1 20 ? 0.595   -3.591  1.451   1.00 18.48 ? 19  ILE A CD1 1 
ATOM   151  N  N   . LYS A 1 21 ? -0.588  -1.224  6.516   1.00 13.93 ? 20  LYS A N   1 
ATOM   152  C  CA  . LYS A 1 21 ? -1.081  -0.142  7.367   1.00 14.24 ? 20  LYS A CA  1 
ATOM   153  C  C   . LYS A 1 21 ? -0.148  0.106   8.542   1.00 14.35 ? 20  LYS A C   1 
ATOM   154  O  O   . LYS A 1 21 ? 0.072   1.260   8.931   1.00 14.39 ? 20  LYS A O   1 
ATOM   155  C  CB  . LYS A 1 21 ? -2.498  -0.446  7.858   1.00 15.08 ? 20  LYS A CB  1 
ATOM   156  C  CG  . LYS A 1 21 ? -3.193  0.718   8.574   1.00 20.76 ? 20  LYS A CG  1 
ATOM   157  C  CD  . LYS A 1 21 ? -4.590  0.325   9.064   1.00 23.84 ? 20  LYS A CD  1 
ATOM   158  C  CE  . LYS A 1 21 ? -5.308  1.500   9.736   1.00 28.23 ? 20  LYS A CE  1 
ATOM   159  N  NZ  . LYS A 1 21 ? -5.960  2.444   8.778   1.00 30.11 ? 20  LYS A NZ  1 
ATOM   160  N  N   . GLN A 1 22 ? 0.413   -0.952  9.114   1.00 13.87 ? 21  GLN A N   1 
ATOM   161  C  CA  . GLN A 1 22 ? 1.407   -0.799  10.208  1.00 14.79 ? 21  GLN A CA  1 
ATOM   162  C  C   . GLN A 1 22 ? 2.683   -0.133  9.652   1.00 13.78 ? 21  GLN A C   1 
ATOM   163  O  O   . GLN A 1 22 ? 3.159   0.782   10.338  1.00 15.03 ? 21  GLN A O   1 
ATOM   164  C  CB  . GLN A 1 22 ? 1.802   -2.145  10.809  1.00 18.17 ? 21  GLN A CB  1 
ATOM   165  C  CG  . GLN A 1 22 ? 0.665   -2.884  11.505  1.00 23.92 ? 21  GLN A CG  1 
ATOM   166  C  CD  . GLN A 1 22 ? 1.064   -4.256  12.002  1.00 34.64 ? 21  GLN A CD  1 
ATOM   167  O  OE1 . GLN A 1 22 ? 1.808   -4.998  11.352  1.00 33.89 ? 21  GLN A OE1 1 
ATOM   168  N  NE2 . GLN A 1 22 ? 0.579   -4.602  13.183  1.00 40.62 ? 21  GLN A NE2 1 
ATOM   169  N  N   A GLU A 1 23 ? 3.127   -0.373  8.526   0.57 13.54 ? 22  GLU A N   1 
ATOM   170  N  N   B GLU A 1 23 ? 3.101   -0.389  8.426   0.43 13.57 ? 22  GLU A N   1 
ATOM   171  C  CA  A GLU A 1 23 ? 4.276   0.356   7.990   0.57 14.79 ? 22  GLU A CA  1 
ATOM   172  C  CA  B GLU A 1 23 ? 4.300   0.340   7.938   0.43 14.80 ? 22  GLU A CA  1 
ATOM   173  C  C   A GLU A 1 23 ? 3.940   1.824   7.752   0.57 13.31 ? 22  GLU A C   1 
ATOM   174  C  C   B GLU A 1 23 ? 3.951   1.825   7.714   0.43 13.33 ? 22  GLU A C   1 
ATOM   175  O  O   A GLU A 1 23 ? 4.770   2.706   8.013   0.57 13.25 ? 22  GLU A O   1 
ATOM   176  O  O   B GLU A 1 23 ? 4.806   2.682   7.981   0.43 13.31 ? 22  GLU A O   1 
ATOM   177  C  CB  A GLU A 1 23 ? 4.782   -0.283  6.695   0.57 17.51 ? 22  GLU A CB  1 
ATOM   178  C  CB  B GLU A 1 23 ? 4.855   -0.299  6.669   0.43 17.60 ? 22  GLU A CB  1 
ATOM   179  C  CG  A GLU A 1 23 ? 5.244   -1.725  6.829   0.57 18.65 ? 22  GLU A CG  1 
ATOM   180  C  CG  B GLU A 1 23 ? 6.353   -0.055  6.512   0.43 18.43 ? 22  GLU A CG  1 
ATOM   181  C  CD  A GLU A 1 23 ? 6.589   -1.877  7.523   0.57 23.17 ? 22  GLU A CD  1 
ATOM   182  C  CD  B GLU A 1 23 ? 7.203   -0.526  7.677   0.43 21.87 ? 22  GLU A CD  1 
ATOM   183  O  OE1 A GLU A 1 23 ? 7.301   -0.867  7.708   0.57 21.68 ? 22  GLU A OE1 1 
ATOM   184  O  OE1 B GLU A 1 23 ? 7.123   -1.720  8.009   0.43 23.43 ? 22  GLU A OE1 1 
ATOM   185  O  OE2 A GLU A 1 23 ? 6.937   -3.024  7.880   0.57 28.20 ? 22  GLU A OE2 1 
ATOM   186  O  OE2 B GLU A 1 23 ? 7.945   0.297   8.250   0.43 23.97 ? 22  GLU A OE2 1 
ATOM   187  N  N   . LEU A 1 24 ? 2.739   2.110   7.244   1.00 13.11 ? 23  LEU A N   1 
ATOM   188  C  CA  . LEU A 1 24 ? 2.336   3.501   7.041   1.00 12.80 ? 23  LEU A CA  1 
ATOM   189  C  C   . LEU A 1 24 ? 2.329   4.259   8.362   1.00 13.03 ? 23  LEU A C   1 
ATOM   190  O  O   . LEU A 1 24 ? 2.794   5.405   8.428   1.00 12.68 ? 23  LEU A O   1 
ATOM   191  C  CB  . LEU A 1 24 ? 0.956   3.566   6.377   1.00 12.76 ? 23  LEU A CB  1 
ATOM   192  C  CG  . LEU A 1 24 ? 0.856   3.055   4.944   1.00 13.75 ? 23  LEU A CG  1 
ATOM   193  C  CD1 . LEU A 1 24 ? -0.591  3.024   4.501   1.00 16.71 ? 23  LEU A CD1 1 
ATOM   194  C  CD2 . LEU A 1 24 ? 1.652   3.973   4.036   1.00 15.65 ? 23  LEU A CD2 1 
ATOM   195  N  N   . ALA A 1 25 ? 1.845   3.627   9.427   1.00 12.86 ? 24  ALA A N   1 
ATOM   196  C  CA  . ALA A 1 25 ? 1.839   4.270   10.733  1.00 12.74 ? 24  ALA A CA  1 
ATOM   197  C  C   . ALA A 1 25 ? 3.258   4.558   11.189  1.00 14.16 ? 24  ALA A C   1 
ATOM   198  O  O   . ALA A 1 25 ? 3.530   5.629   11.741  1.00 14.26 ? 24  ALA A O   1 
ATOM   199  C  CB  . ALA A 1 25 ? 1.102   3.376   11.742  1.00 14.69 ? 24  ALA A CB  1 
ATOM   200  N  N   . ALA A 1 26 ? 4.185   3.637   10.924  1.00 12.53 ? 25  ALA A N   1 
ATOM   201  C  CA  . ALA A 1 26 ? 5.576   3.828   11.322  1.00 13.89 ? 25  ALA A CA  1 
ATOM   202  C  C   . ALA A 1 26 ? 6.205   4.972   10.541  1.00 12.50 ? 25  ALA A C   1 
ATOM   203  O  O   . ALA A 1 26 ? 6.994   5.754   11.096  1.00 13.17 ? 25  ALA A O   1 
ATOM   204  C  CB  . ALA A 1 26 ? 6.363   2.532   11.112  1.00 14.26 ? 25  ALA A CB  1 
ATOM   205  N  N   . ILE A 1 27 ? 5.869   5.095   9.258   1.00 11.75 ? 26  ILE A N   1 
ATOM   206  C  CA  . ILE A 1 27 ? 6.357   6.219   8.456   1.00 11.88 ? 26  ILE A CA  1 
ATOM   207  C  C   . ILE A 1 27 ? 5.825   7.535   9.003   1.00 11.81 ? 26  ILE A C   1 
ATOM   208  O  O   . ILE A 1 27 ? 6.568   8.518   9.121   1.00 12.33 ? 26  ILE A O   1 
ATOM   209  C  CB  . ILE A 1 27 ? 5.992   6.010   6.969   1.00 11.74 ? 26  ILE A CB  1 
ATOM   210  C  CG1 . ILE A 1 27 ? 6.854   4.880   6.385   1.00 13.13 ? 26  ILE A CG1 1 
ATOM   211  C  CG2 . ILE A 1 27 ? 6.131   7.312   6.170   1.00 12.93 ? 26  ILE A CG2 1 
ATOM   212  C  CD1 . ILE A 1 27 ? 6.413   4.393   5.014   1.00 14.27 ? 26  ILE A CD1 1 
ATOM   213  N  N   . LYS A 1 28 ? 4.536   7.583   9.345   1.00 12.92 ? 27  LYS A N   1 
ATOM   214  C  CA  . LYS A 1 28 ? 3.960   8.806   9.897   1.00 12.32 ? 27  LYS A CA  1 
ATOM   215  C  C   . LYS A 1 28 ? 4.599   9.164   11.231  1.00 12.85 ? 27  LYS A C   1 
ATOM   216  O  O   . LYS A 1 28 ? 4.802   10.355  11.513  1.00 12.35 ? 27  LYS A O   1 
ATOM   217  C  CB  . LYS A 1 28 ? 2.445   8.667   10.018  1.00 13.32 ? 27  LYS A CB  1 
ATOM   218  C  CG  . LYS A 1 28 ? 1.777   8.645   8.648   1.00 16.90 ? 27  LYS A CG  1 
ATOM   219  C  CD  . LYS A 1 28 ? 0.256   8.562   8.726   1.00 19.54 ? 27  LYS A CD  1 
ATOM   220  C  CE  . LYS A 1 28 ? -0.211  7.254   9.317   1.00 22.39 ? 27  LYS A CE  1 
ATOM   221  N  NZ  . LYS A 1 28 ? -1.701  7.197   9.283   1.00 26.58 ? 27  LYS A NZ  1 
ATOM   222  N  N   . GLN A 1 29 ? 4.979   8.160   12.024  1.00 13.08 ? 28  GLN A N   1 
ATOM   223  C  CA  . GLN A 1 29 ? 5.690   8.452   13.258  1.00 13.78 ? 28  GLN A CA  1 
ATOM   224  C  C   . GLN A 1 29 ? 7.020   9.134   12.972  1.00 12.95 ? 28  GLN A C   1 
ATOM   225  O  O   . GLN A 1 29 ? 7.359   10.136  13.622  1.00 14.54 ? 28  GLN A O   1 
ATOM   226  C  CB  . GLN A 1 29 ? 5.852   7.175   14.080  1.00 15.15 ? 28  GLN A CB  1 
ATOM   227  C  CG  . GLN A 1 29 ? 4.549   6.716   14.704  1.00 19.45 ? 28  GLN A CG  1 
ATOM   228  C  CD  . GLN A 1 29 ? 4.597   5.284   15.166  1.00 25.25 ? 28  GLN A CD  1 
ATOM   229  O  OE1 . GLN A 1 29 ? 5.665   4.675   15.238  1.00 29.15 ? 28  GLN A OE1 1 
ATOM   230  N  NE2 . GLN A 1 29 ? 3.432   4.731   15.484  1.00 20.70 ? 28  GLN A NE2 1 
ATOM   231  N  N   . GLU A 1 30 ? 7.784   8.619   12.004  1.00 12.24 ? 29  GLU A N   1 
ATOM   232  C  CA  . GLU A 1 30 ? 9.049   9.250   11.645  1.00 11.45 ? 29  GLU A CA  1 
ATOM   233  C  C   . GLU A 1 30 ? 8.827   10.660  11.126  1.00 12.28 ? 29  GLU A C   1 
ATOM   234  O  O   . GLU A 1 30 ? 9.601   11.564  11.448  1.00 13.07 ? 29  GLU A O   1 
ATOM   235  C  CB  . GLU A 1 30 ? 9.806   8.424   10.599  1.00 14.09 ? 29  GLU A CB  1 
ATOM   236  C  CG  . GLU A 1 30 ? 10.200  7.006   11.032  1.00 14.20 ? 29  GLU A CG  1 
ATOM   237  C  CD  . GLU A 1 30 ? 11.097  6.940   12.242  1.00 18.03 ? 29  GLU A CD  1 
ATOM   238  O  OE1 . GLU A 1 30 ? 11.808  7.920   12.531  1.00 19.37 ? 29  GLU A OE1 1 
ATOM   239  O  OE2 . GLU A 1 30 ? 11.100  5.881   12.911  1.00 22.01 ? 29  GLU A OE2 1 
ATOM   240  N  N   A LEU A 1 31 ? 7.799   10.875  10.297  0.91 12.53 ? 30  LEU A N   1 
ATOM   241  N  N   B LEU A 1 31 ? 7.759   10.856  10.355  0.09 12.52 ? 30  LEU A N   1 
ATOM   242  C  CA  A LEU A 1 31 ? 7.539   12.217  9.774   0.91 12.92 ? 30  LEU A CA  1 
ATOM   243  C  CA  B LEU A 1 31 ? 7.455   12.146  9.757   0.09 13.03 ? 30  LEU A CA  1 
ATOM   244  C  C   A LEU A 1 31 ? 7.252   13.199  10.900  0.91 13.61 ? 30  LEU A C   1 
ATOM   245  C  C   B LEU A 1 31 ? 7.142   13.187  10.825  0.09 13.53 ? 30  LEU A C   1 
ATOM   246  O  O   A LEU A 1 31 ? 7.716   14.349  10.857  0.91 13.16 ? 30  LEU A O   1 
ATOM   247  O  O   B LEU A 1 31 ? 7.480   14.367  10.663  0.09 13.55 ? 30  LEU A O   1 
ATOM   248  C  CB  A LEU A 1 31 ? 6.384   12.208  8.767   0.91 13.59 ? 30  LEU A CB  1 
ATOM   249  C  CB  B LEU A 1 31 ? 6.253   11.941  8.836   0.09 13.97 ? 30  LEU A CB  1 
ATOM   250  C  CG  A LEU A 1 31 ? 6.641   11.518  7.428   0.91 15.10 ? 30  LEU A CG  1 
ATOM   251  C  CG  B LEU A 1 31 ? 5.622   13.045  8.004   0.09 15.08 ? 30  LEU A CG  1 
ATOM   252  C  CD1 A LEU A 1 31 ? 5.328   11.430  6.639   0.91 16.57 ? 30  LEU A CD1 1 
ATOM   253  C  CD1 B LEU A 1 31 ? 6.636   13.501  7.001   0.09 16.74 ? 30  LEU A CD1 1 
ATOM   254  C  CD2 A LEU A 1 31 ? 7.695   12.270  6.641   0.91 16.87 ? 30  LEU A CD2 1 
ATOM   255  C  CD2 B LEU A 1 31 ? 4.388   12.509  7.305   0.09 14.80 ? 30  LEU A CD2 1 
ATOM   256  N  N   . ALA A 1 32 ? 6.514   12.763  11.925  1.00 13.61 ? 31  ALA A N   1 
ATOM   257  C  CA  . ALA A 1 32 ? 6.229   13.658  13.043  1.00 13.85 ? 31  ALA A CA  1 
ATOM   258  C  C   . ALA A 1 32 ? 7.516   14.081  13.738  1.00 14.44 ? 31  ALA A C   1 
ATOM   259  O  O   . ALA A 1 32 ? 7.692   15.261  14.051  1.00 15.05 ? 31  ALA A O   1 
ATOM   260  C  CB  . ALA A 1 32 ? 5.276   12.989  14.031  1.00 14.43 ? 31  ALA A CB  1 
ATOM   261  N  N   . ALA A 1 33 ? 8.445   13.146  13.950  1.00 13.43 ? 32  ALA A N   1 
ATOM   262  C  CA  . ALA A 1 33 ? 9.724   13.496  14.557  1.00 13.72 ? 32  ALA A CA  1 
ATOM   263  C  C   . ALA A 1 33 ? 10.504  14.444  13.661  1.00 13.12 ? 32  ALA A C   1 
ATOM   264  O  O   . ALA A 1 33 ? 11.102  15.423  14.139  1.00 13.94 ? 32  ALA A O   1 
ATOM   265  C  CB  . ALA A 1 33 ? 10.534  12.221  14.786  1.00 15.43 ? 32  ALA A CB  1 
ATOM   266  N  N   . ILE A 1 34 ? 10.513  14.172  12.356  1.00 12.24 ? 33  ILE A N   1 
ATOM   267  C  CA  . ILE A 1 34 ? 11.260  14.986  11.398  1.00 14.35 ? 33  ILE A CA  1 
ATOM   268  C  C   . ILE A 1 34 ? 10.721  16.405  11.363  1.00 13.81 ? 33  ILE A C   1 
ATOM   269  O  O   . ILE A 1 34 ? 11.487  17.369  11.214  1.00 13.76 ? 33  ILE A O   1 
ATOM   270  C  CB  . ILE A 1 34 ? 11.222  14.326  10.002  1.00 14.73 ? 33  ILE A CB  1 
ATOM   271  C  CG1 . ILE A 1 34 ? 12.140  13.097  9.974   1.00 15.78 ? 33  ILE A CG1 1 
ATOM   272  C  CG2 . ILE A 1 34 ? 11.570  15.327  8.887   1.00 17.03 ? 33  ILE A CG2 1 
ATOM   273  C  CD1 . ILE A 1 34 ? 11.829  12.114  8.850   1.00 16.49 ? 33  ILE A CD1 1 
ATOM   274  N  N   . LYS A 1 35 ? 9.401   16.561  11.510  1.00 13.22 ? 34  LYS A N   1 
ATOM   275  C  CA  . LYS A 1 35 ? 8.770   17.868  11.348  1.00 13.71 ? 34  LYS A CA  1 
ATOM   276  C  C   . LYS A 1 35 ? 9.278   18.865  12.378  1.00 14.93 ? 34  LYS A C   1 
ATOM   277  O  O   . LYS A 1 35 ? 9.354   20.067  12.090  1.00 17.01 ? 34  LYS A O   1 
ATOM   278  C  CB  . LYS A 1 35 ? 7.252   17.708  11.461  1.00 14.97 ? 34  LYS A CB  1 
ATOM   279  C  CG  . LYS A 1 35 ? 6.445   18.926  11.033  1.00 14.24 ? 34  LYS A CG  1 
ATOM   280  C  CD  . LYS A 1 35 ? 6.643   19.247  9.554   1.00 14.50 ? 34  LYS A CD  1 
ATOM   281  C  CE  . LYS A 1 35 ? 5.638   20.283  9.105   1.00 17.27 ? 34  LYS A CE  1 
ATOM   282  N  NZ  . LYS A 1 35 ? 5.666   20.437  7.624   1.00 18.19 ? 34  LYS A NZ  1 
ATOM   283  N  N   . TRP A 1 36 ? 9.680   18.393  13.558  1.00 14.54 ? 35  TRP A N   1 
ATOM   284  C  CA  . TRP A 1 36 ? 10.231  19.292  14.569  1.00 15.55 ? 35  TRP A CA  1 
ATOM   285  C  C   . TRP A 1 36 ? 11.556  19.902  14.131  1.00 17.25 ? 35  TRP A C   1 
ATOM   286  O  O   . TRP A 1 36 ? 11.926  20.984  14.606  1.00 19.46 ? 35  TRP A O   1 
ATOM   287  C  CB  . TRP A 1 36 ? 10.534  18.501  15.839  1.00 15.52 ? 35  TRP A CB  1 
ATOM   288  C  CG  . TRP A 1 36 ? 9.362   18.087  16.667  1.00 14.88 ? 35  TRP A CG  1 
ATOM   289  C  CD1 . TRP A 1 36 ? 8.772   16.856  16.700  1.00 16.31 ? 35  TRP A CD1 1 
ATOM   290  C  CD2 . TRP A 1 36 ? 8.674   18.887  17.640  1.00 15.00 ? 35  TRP A CD2 1 
ATOM   291  N  NE1 . TRP A 1 36 ? 7.746   16.850  17.610  1.00 16.45 ? 35  TRP A NE1 1 
ATOM   292  C  CE2 . TRP A 1 36 ? 7.666   18.082  18.204  1.00 16.49 ? 35  TRP A CE2 1 
ATOM   293  C  CE3 . TRP A 1 36 ? 8.809   20.208  18.082  1.00 15.31 ? 35  TRP A CE3 1 
ATOM   294  C  CZ2 . TRP A 1 36 ? 6.797   18.556  19.187  1.00 17.73 ? 35  TRP A CZ2 1 
ATOM   295  C  CZ3 . TRP A 1 36 ? 7.940   20.679  19.052  1.00 15.93 ? 35  TRP A CZ3 1 
ATOM   296  C  CH2 . TRP A 1 36 ? 6.953   19.852  19.599  1.00 17.96 ? 35  TRP A CH2 1 
ATOM   297  N  N   . GLU A 1 37 ? 12.299  19.216  13.267  1.00 17.11 ? 36  GLU A N   1 
ATOM   298  C  CA  . GLU A 1 37 ? 13.718  19.483  13.055  1.00 17.68 ? 36  GLU A CA  1 
ATOM   299  C  C   . GLU A 1 37 ? 14.021  20.270  11.782  1.00 24.07 ? 36  GLU A C   1 
ATOM   300  O  O   . GLU A 1 37 ? 15.194  20.410  11.423  1.00 24.82 ? 36  GLU A O   1 
ATOM   301  C  CB  . GLU A 1 37 ? 14.511  18.171  13.085  1.00 17.85 ? 36  GLU A CB  1 
ATOM   302  C  CG  . GLU A 1 37 ? 14.257  17.365  14.349  1.00 19.13 ? 36  GLU A CG  1 
ATOM   303  C  CD  . GLU A 1 37 ? 15.035  16.071  14.424  1.00 18.34 ? 36  GLU A CD  1 
ATOM   304  O  OE1 . GLU A 1 37 ? 15.750  15.700  13.469  1.00 15.74 ? 36  GLU A OE1 1 
ATOM   305  O  OE2 . GLU A 1 37 ? 14.916  15.404  15.467  1.00 19.89 ? 36  GLU A OE2 1 
ATOM   306  N  N   . GLY A 1 38 ? 13.011  20.799  11.103  1.00 29.45 ? 37  GLY A N   1 
ATOM   307  C  CA  . GLY A 1 38 ? 13.268  21.626  9.937   1.00 35.16 ? 37  GLY A CA  1 
ATOM   308  C  C   . GLY A 1 38 ? 13.282  23.121  10.206  1.00 40.31 ? 37  GLY A C   1 
ATOM   309  O  O   . GLY A 1 38 ? 13.539  23.565  11.327  1.00 42.07 ? 37  GLY A O   1 
HETATM 310  N  N   . NH2 A 1 39 ? 13.006  23.907  9.169   1.00 44.84 ? 38  NH2 A N   1 
HETATM 311  C  C   . ACE B 1 1  ? -10.236 -20.685 -15.048 1.00 34.58 ? 0   ACE B C   1 
HETATM 312  O  O   . ACE B 1 1  ? -9.552  -21.401 -14.305 1.00 24.84 ? 0   ACE B O   1 
HETATM 313  C  CH3 . ACE B 1 1  ? -9.708  -20.119 -16.336 1.00 30.58 ? 0   ACE B CH3 1 
ATOM   314  N  N   . GLY B 1 2  ? -11.493 -20.329 -14.785 1.00 27.79 ? 1   GLY B N   1 
ATOM   315  C  CA  . GLY B 1 2  ? -12.242 -20.758 -13.615 1.00 24.09 ? 1   GLY B CA  1 
ATOM   316  C  C   . GLY B 1 2  ? -11.590 -20.532 -12.266 1.00 24.07 ? 1   GLY B C   1 
ATOM   317  O  O   . GLY B 1 2  ? -10.957 -19.502 -12.025 1.00 22.97 ? 1   GLY B O   1 
ATOM   318  N  N   . LEU B 1 3  ? -11.755 -21.519 -11.382 1.00 23.68 ? 2   LEU B N   1 
ATOM   319  C  CA  . LEU B 1 3  ? -11.246 -21.403 -10.019 1.00 24.28 ? 2   LEU B CA  1 
ATOM   320  C  C   . LEU B 1 3  ? -9.726  -21.276 -9.979  1.00 22.68 ? 2   LEU B C   1 
ATOM   321  O  O   . LEU B 1 3  ? -9.185  -20.463 -9.216  1.00 22.87 ? 2   LEU B O   1 
ATOM   322  C  CB  . LEU B 1 3  ? -11.750 -22.579 -9.179  1.00 23.69 ? 2   LEU B CB  1 
ATOM   323  C  CG  . LEU B 1 3  ? -11.385 -22.598 -7.700  1.00 23.62 ? 2   LEU B CG  1 
ATOM   324  C  CD1 . LEU B 1 3  ? -12.045 -21.449 -6.975  1.00 24.97 ? 2   LEU B CD1 1 
ATOM   325  C  CD2 . LEU B 1 3  ? -11.843 -23.923 -7.095  1.00 29.23 ? 2   LEU B CD2 1 
ATOM   326  N  N   . ALA B 1 4  ? -9.016  -22.043 -10.811 1.00 22.00 ? 3   ALA B N   1 
ATOM   327  C  CA  . ALA B 1 4  ? -7.555  -21.998 -10.803 1.00 21.13 ? 3   ALA B CA  1 
ATOM   328  C  C   . ALA B 1 4  ? -7.026  -20.623 -11.196 1.00 20.32 ? 3   ALA B C   1 
ATOM   329  O  O   . ALA B 1 4  ? -6.036  -20.150 -10.627 1.00 22.02 ? 3   ALA B O   1 
ATOM   330  C  CB  . ALA B 1 4  ? -6.983  -23.072 -11.731 1.00 24.06 ? 3   ALA B CB  1 
ATOM   331  N  N   . ALA B 1 5  ? -7.663  -19.976 -12.177 1.00 20.89 ? 4   ALA B N   1 
ATOM   332  C  CA  . ALA B 1 5  ? -7.207  -18.664 -12.628 1.00 19.55 ? 4   ALA B CA  1 
ATOM   333  C  C   . ALA B 1 5  ? -7.418  -17.601 -11.559 1.00 18.97 ? 4   ALA B C   1 
ATOM   334  O  O   . ALA B 1 5  ? -6.606  -16.674 -11.429 1.00 19.11 ? 4   ALA B O   1 
ATOM   335  C  CB  . ALA B 1 5  ? -7.940  -18.275 -13.909 1.00 22.65 ? 4   ALA B CB  1 
ATOM   336  N  N   . ILE B 1 6  ? -8.497  -17.721 -10.790 1.00 18.02 ? 5   ILE B N   1 
ATOM   337  C  CA  . ILE B 1 6  ? -8.721  -16.824 -9.660  1.00 17.94 ? 5   ILE B CA  1 
ATOM   338  C  C   . ILE B 1 6  ? -7.615  -16.992 -8.635  1.00 19.92 ? 5   ILE B C   1 
ATOM   339  O  O   . ILE B 1 6  ? -7.055  -16.012 -8.136  1.00 17.89 ? 5   ILE B O   1 
ATOM   340  C  CB  . ILE B 1 6  ? -10.109 -17.081 -9.051  1.00 19.99 ? 5   ILE B CB  1 
ATOM   341  C  CG1 . ILE B 1 6  ? -11.206 -16.684 -10.040 1.00 20.63 ? 5   ILE B CG1 1 
ATOM   342  C  CG2 . ILE B 1 6  ? -10.269 -16.368 -7.704  1.00 23.52 ? 5   ILE B CG2 1 
ATOM   343  C  CD1 . ILE B 1 6  ? -12.575 -17.178 -9.633  1.00 24.17 ? 5   ILE B CD1 1 
ATOM   344  N  N   . LYS B 1 7  ? -7.280  -18.243 -8.309  1.00 19.84 ? 6   LYS B N   1 
ATOM   345  C  CA  . LYS B 1 7  ? -6.214  -18.498 -7.348  1.00 20.26 ? 6   LYS B CA  1 
ATOM   346  C  C   . LYS B 1 7  ? -4.894  -17.895 -7.816  1.00 19.24 ? 6   LYS B C   1 
ATOM   347  O  O   . LYS B 1 7  ? -4.145  -17.323 -7.011  1.00 20.44 ? 6   LYS B O   1 
ATOM   348  C  CB  . LYS B 1 7  ? -6.090  -20.004 -7.106  1.00 20.68 ? 6   LYS B CB  1 
ATOM   349  C  CG  . LYS B 1 7  ? -7.322  -20.610 -6.423  1.00 26.96 ? 6   LYS B CG  1 
ATOM   350  C  CD  . LYS B 1 7  ? -7.047  -22.028 -5.926  1.00 27.66 ? 6   LYS B CD  1 
ATOM   351  C  CE  . LYS B 1 7  ? -8.318  -22.717 -5.447  1.00 32.47 ? 6   LYS B CE  1 
ATOM   352  N  NZ  . LYS B 1 7  ? -8.012  -24.000 -4.750  1.00 41.95 ? 6   LYS B NZ  1 
ATOM   353  N  N   . GLN B 1 8  ? -4.610  -17.969 -9.121  1.00 18.88 ? 7   GLN B N   1 
ATOM   354  C  CA  . GLN B 1 8  ? -3.378  -17.383 -9.646  1.00 20.94 ? 7   GLN B CA  1 
ATOM   355  C  C   . GLN B 1 8  ? -3.374  -15.866 -9.495  1.00 18.14 ? 7   GLN B C   1 
ATOM   356  O  O   . GLN B 1 8  ? -2.351  -15.272 -9.124  1.00 18.70 ? 7   GLN B O   1 
ATOM   357  C  CB  . GLN B 1 8  ? -3.206  -17.773 -11.118 1.00 24.20 ? 7   GLN B CB  1 
ATOM   358  C  CG  . GLN B 1 8  ? -1.970  -17.194 -11.793 1.00 26.12 ? 7   GLN B CG  1 
ATOM   359  C  CD  . GLN B 1 8  ? -0.673  -17.710 -11.197 1.00 31.96 ? 7   GLN B CD  1 
ATOM   360  O  OE1 . GLN B 1 8  ? -0.542  -18.900 -10.905 1.00 38.16 ? 7   GLN B OE1 1 
ATOM   361  N  NE2 . GLN B 1 8  ? 0.294   -16.814 -11.017 1.00 35.10 ? 7   GLN B NE2 1 
ATOM   362  N  N   . GLU B 1 9  ? -4.502  -15.219 -9.788  1.00 18.09 ? 8   GLU B N   1 
ATOM   363  C  CA  . GLU B 1 9  ? -4.583  -13.769 -9.642  1.00 16.96 ? 8   GLU B CA  1 
ATOM   364  C  C   . GLU B 1 9  ? -4.400  -13.361 -8.188  1.00 16.96 ? 8   GLU B C   1 
ATOM   365  O  O   . GLU B 1 9  ? -3.749  -12.351 -7.898  1.00 16.93 ? 8   GLU B O   1 
ATOM   366  C  CB  . GLU B 1 9  ? -5.914  -13.260 -10.209 1.00 19.23 ? 8   GLU B CB  1 
ATOM   367  C  CG  . GLU B 1 9  ? -5.964  -13.328 -11.742 1.00 20.09 ? 8   GLU B CG  1 
ATOM   368  C  CD  . GLU B 1 9  ? -7.228  -12.742 -12.365 1.00 26.38 ? 8   GLU B CD  1 
ATOM   369  O  OE1 . GLU B 1 9  ? -8.286  -12.711 -11.701 1.00 24.81 ? 8   GLU B OE1 1 
ATOM   370  O  OE2 . GLU B 1 9  ? -7.160  -12.322 -13.546 1.00 29.81 ? 8   GLU B OE2 1 
ATOM   371  N  N   . HIS B 1 10 ? -4.934  -14.150 -7.256  1.00 17.59 ? 9   HIS B N   1 
ATOM   372  C  CA  . HIS B 1 10 ? -4.724  -13.862 -5.841  1.00 14.74 ? 9   HIS B CA  1 
ATOM   373  C  C   . HIS B 1 10 ? -3.253  -13.972 -5.470  1.00 18.53 ? 9   HIS B C   1 
ATOM   374  O  O   . HIS B 1 10 ? -2.731  -13.118 -4.748  1.00 18.40 ? 9   HIS B O   1 
ATOM   375  C  CB  . HIS B 1 10 ? -5.564  -14.809 -4.983  1.00 16.52 ? 9   HIS B CB  1 
ATOM   376  C  CG  . HIS B 1 10 ? -7.019  -14.475 -4.983  1.00 16.40 ? 9   HIS B CG  1 
ATOM   377  N  ND1 . HIS B 1 10 ? -7.994  -15.379 -4.614  1.00 18.92 ? 9   HIS B ND1 1 
ATOM   378  C  CD2 . HIS B 1 10 ? -7.668  -13.340 -5.323  1.00 17.53 ? 9   HIS B CD2 1 
ATOM   379  C  CE1 . HIS B 1 10 ? -9.180  -14.806 -4.718  1.00 18.70 ? 9   HIS B CE1 1 
ATOM   380  N  NE2 . HIS B 1 10 ? -9.010  -13.569 -5.152  1.00 17.82 ? 9   HIS B NE2 1 
ATOM   381  N  N   . ALA B 1 11 ? -2.564  -15.006 -5.963  1.00 16.92 ? 10  ALA B N   1 
ATOM   382  C  CA  . ALA B 1 11 ? -1.128  -15.133 -5.721  1.00 19.40 ? 10  ALA B CA  1 
ATOM   383  C  C   . ALA B 1 11 ? -0.360  -13.924 -6.249  1.00 18.81 ? 10  ALA B C   1 
ATOM   384  O  O   . ALA B 1 11 ? 0.582   -13.445 -5.600  1.00 20.96 ? 10  ALA B O   1 
ATOM   385  C  CB  . ALA B 1 11 ? -0.608  -16.427 -6.356  1.00 22.94 ? 10  ALA B CB  1 
ATOM   386  N  N   . ALA B 1 12 ? -0.747  -13.413 -7.421  1.00 17.63 ? 11  ALA B N   1 
ATOM   387  C  CA  . ALA B 1 12 ? -0.060  -12.245 -7.978  1.00 18.39 ? 11  ALA B CA  1 
ATOM   388  C  C   . ALA B 1 12 ? -0.333  -11.000 -7.145  1.00 16.81 ? 11  ALA B C   1 
ATOM   389  O  O   . ALA B 1 12 ? 0.563   -10.164 -6.949  1.00 17.53 ? 11  ALA B O   1 
ATOM   390  C  CB  . ALA B 1 12 ? -0.490  -12.016 -9.427  1.00 21.57 ? 11  ALA B CB  1 
ATOM   391  N  N   . ILE B 1 13 ? -1.565  -10.851 -6.663  1.00 17.39 ? 12  ILE B N   1 
ATOM   392  C  CA  . ILE B 1 13 ? -1.897  -9.708  -5.819  1.00 16.81 ? 12  ILE B CA  1 
ATOM   393  C  C   . ILE B 1 13 ? -1.118  -9.770  -4.512  1.00 18.21 ? 12  ILE B C   1 
ATOM   394  O  O   . ILE B 1 13 ? -0.532  -8.773  -4.071  1.00 15.98 ? 12  ILE B O   1 
ATOM   395  C  CB  . ILE B 1 13 ? -3.418  -9.630  -5.594  1.00 16.57 ? 12  ILE B CB  1 
ATOM   396  C  CG1 . ILE B 1 13 ? -4.118  -9.224  -6.890  1.00 16.32 ? 12  ILE B CG1 1 
ATOM   397  C  CG2 . ILE B 1 13 ? -3.750  -8.670  -4.450  1.00 16.85 ? 12  ILE B CG2 1 
ATOM   398  C  CD1 . ILE B 1 13 ? -5.613  -9.532  -6.889  1.00 18.74 ? 12  ILE B CD1 1 
ATOM   399  N  N   . LYS B 1 14 ? -1.074  -10.946 -3.887  1.00 17.66 ? 13  LYS B N   1 
ATOM   400  C  CA  . LYS B 1 14 ? -0.324  -11.097 -2.644  1.00 18.18 ? 13  LYS B CA  1 
ATOM   401  C  C   . LYS B 1 14 ? 1.146   -10.759 -2.849  1.00 19.99 ? 13  LYS B C   1 
ATOM   402  O  O   . LYS B 1 14 ? 1.753   -10.063 -2.021  1.00 19.39 ? 13  LYS B O   1 
ATOM   403  C  CB  . LYS B 1 14 ? -0.471  -12.526 -2.123  1.00 21.56 ? 13  LYS B CB  1 
ATOM   404  C  CG  . LYS B 1 14 ? -1.784  -12.793 -1.426  1.00 29.30 ? 13  LYS B CG  1 
ATOM   405  C  CD  . LYS B 1 14 ? -1.937  -14.260 -1.053  1.00 33.31 ? 13  LYS B CD  1 
ATOM   406  C  CE  . LYS B 1 14 ? -0.766  -14.750 -0.211  1.00 37.05 ? 13  LYS B CE  1 
ATOM   407  N  NZ  . LYS B 1 14 ? -1.096  -16.028 0.490   1.00 46.49 ? 13  LYS B NZ  1 
ATOM   408  N  N   . GLN B 1 15 ? 1.732   -11.227 -3.956  1.00 18.64 ? 14  GLN B N   1 
ATOM   409  C  CA  . GLN B 1 15 ? 3.146   -10.971 -4.223  1.00 19.92 ? 14  GLN B CA  1 
ATOM   410  C  C   . GLN B 1 15 ? 3.396   -9.482  -4.357  1.00 19.36 ? 14  GLN B C   1 
ATOM   411  O  O   . GLN B 1 15 ? 4.411   -8.954  -3.879  1.00 19.99 ? 14  GLN B O   1 
ATOM   412  C  CB  . GLN B 1 15 ? 3.541   -11.687 -5.513  1.00 23.56 ? 14  GLN B CB  1 
ATOM   413  C  CG  . GLN B 1 15 ? 5.002   -11.574 -5.887  1.00 26.14 ? 14  GLN B CG  1 
ATOM   414  C  CD  . GLN B 1 15 ? 5.429   -12.680 -6.830  1.00 37.77 ? 14  GLN B CD  1 
ATOM   415  O  OE1 . GLN B 1 15 ? 4.631   -13.538 -7.201  1.00 48.35 ? 14  GLN B OE1 1 
ATOM   416  N  NE2 . GLN B 1 15 ? 6.688   -12.643 -7.254  1.00 41.63 ? 14  GLN B NE2 1 
ATOM   417  N  N   . GLU B 1 16 ? 2.521   -8.784  -5.080  1.00 18.05 ? 15  GLU B N   1 
ATOM   418  C  CA  . GLU B 1 16 ? 2.661   -7.308  -5.241  1.00 19.11 ? 15  GLU B CA  1 
ATOM   419  C  C   . GLU B 1 16 ? 2.497   -6.565  -3.902  1.00 15.93 ? 15  GLU B C   1 
ATOM   420  O  O   . GLU B 1 16 ? 3.237   -5.618  -3.665  1.00 16.77 ? 15  GLU B O   1 
ATOM   421  C  CB  . GLU B 1 16 ? 1.646   -6.786  -6.250  1.00 22.51 ? 15  GLU B CB  1 
ATOM   422  C  CG  . GLU B 1 16 ? 2.054   -5.443  -6.840  1.00 34.86 ? 15  GLU B CG  1 
ATOM   423  C  CD  . GLU B 1 16 ? 3.201   -5.620  -7.815  1.00 38.60 ? 15  GLU B CD  1 
ATOM   424  O  OE1 . GLU B 1 16 ? 3.879   -4.627  -8.103  1.00 44.35 ? 15  GLU B OE1 1 
ATOM   425  O  OE2 . GLU B 1 16 ? 3.415   -6.746  -8.298  1.00 48.29 ? 15  GLU B OE2 1 
ATOM   426  N  N   . LEU B 1 17 ? 1.570   -6.997  -3.058  1.00 16.60 ? 16  LEU B N   1 
ATOM   427  C  CA  . LEU B 1 17 ? 1.444   -6.362  -1.752  1.00 15.41 ? 16  LEU B CA  1 
ATOM   428  C  C   . LEU B 1 17 ? 2.692   -6.596  -0.913  1.00 17.69 ? 16  LEU B C   1 
ATOM   429  O  O   . LEU B 1 17 ? 3.132   -5.702  -0.181  1.00 16.15 ? 16  LEU B O   1 
ATOM   430  C  CB  . LEU B 1 17 ? 0.210   -6.916  -1.042  1.00 16.78 ? 16  LEU B CB  1 
ATOM   431  C  CG  . LEU B 1 17 ? -1.122  -6.511  -1.670  1.00 16.57 ? 16  LEU B CG  1 
ATOM   432  C  CD1 . LEU B 1 17 ? -2.261  -7.316  -1.060  1.00 20.65 ? 16  LEU B CD1 1 
ATOM   433  C  CD2 . LEU B 1 17 ? -1.367  -5.023  -1.489  1.00 19.99 ? 16  LEU B CD2 1 
ATOM   434  N  N   . ALA B 1 18 ? 3.285   -7.788  -1.010  1.00 17.54 ? 17  ALA B N   1 
ATOM   435  C  CA  . ALA B 1 18 ? 4.536   -8.047  -0.304  1.00 18.49 ? 17  ALA B CA  1 
ATOM   436  C  C   . ALA B 1 18 ? 5.631   -7.094  -0.764  1.00 17.54 ? 17  ALA B C   1 
ATOM   437  O  O   . ALA B 1 18 ? 6.420   -6.595  0.054   1.00 19.67 ? 17  ALA B O   1 
ATOM   438  C  CB  . ALA B 1 18 ? 4.966   -9.500  -0.525  1.00 22.52 ? 17  ALA B CB  1 
ATOM   439  N  N   . ALA B 1 19 ? 5.687   -6.820  -2.066  1.00 18.67 ? 18  ALA B N   1 
ATOM   440  C  CA  . ALA B 1 19 ? 6.701   -5.908  -2.588  1.00 17.48 ? 18  ALA B CA  1 
ATOM   441  C  C   . ALA B 1 19 ? 6.445   -4.478  -2.126  1.00 18.19 ? 18  ALA B C   1 
ATOM   442  O  O   . ALA B 1 19 ? 7.390   -3.749  -1.792  1.00 18.95 ? 18  ALA B O   1 
ATOM   443  C  CB  . ALA B 1 19 ? 6.739   -5.989  -4.114  1.00 22.92 ? 18  ALA B CB  1 
ATOM   444  N  N   . ILE B 1 20 ? 5.177   -4.058  -2.098  1.00 16.66 ? 19  ILE B N   1 
ATOM   445  C  CA  . ILE B 1 20 ? 4.842   -2.725  -1.594  1.00 16.02 ? 19  ILE B CA  1 
ATOM   446  C  C   . ILE B 1 20 ? 5.241   -2.605  -0.131  1.00 16.32 ? 19  ILE B C   1 
ATOM   447  O  O   . ILE B 1 20 ? 5.823   -1.595  0.292   1.00 15.33 ? 19  ILE B O   1 
ATOM   448  C  CB  . ILE B 1 20 ? 3.345   -2.447  -1.814  1.00 16.35 ? 19  ILE B CB  1 
ATOM   449  C  CG1 . ILE B 1 20 ? 3.101   -2.149  -3.292  1.00 16.37 ? 19  ILE B CG1 1 
ATOM   450  C  CG2 . ILE B 1 20 ? 2.855   -1.317  -0.901  1.00 16.67 ? 19  ILE B CG2 1 
ATOM   451  C  CD1 . ILE B 1 20 ? 1.667   -2.378  -3.750  1.00 18.88 ? 19  ILE B CD1 1 
ATOM   452  N  N   . LYS B 1 21 ? 4.979   -3.645  0.656   1.00 15.78 ? 20  LYS B N   1 
ATOM   453  C  CA  . LYS B 1 21 ? 5.350   -3.615  2.065   1.00 15.89 ? 20  LYS B CA  1 
ATOM   454  C  C   . LYS B 1 21 ? 6.856   -3.467  2.234   1.00 17.65 ? 20  LYS B C   1 
ATOM   455  O  O   . LYS B 1 21 ? 7.324   -2.687  3.078   1.00 16.72 ? 20  LYS B O   1 
ATOM   456  C  CB  . LYS B 1 21 ? 4.856   -4.886  2.758   1.00 18.00 ? 20  LYS B CB  1 
ATOM   457  C  CG  . LYS B 1 21 ? 4.921   -4.782  4.274   1.00 19.37 ? 20  LYS B CG  1 
ATOM   458  C  CD  . LYS B 1 21 ? 4.324   -5.988  4.968   1.00 24.35 ? 20  LYS B CD  1 
ATOM   459  C  CE  . LYS B 1 21 ? 5.144   -7.231  4.740   1.00 27.22 ? 20  LYS B CE  1 
ATOM   460  N  NZ  . LYS B 1 21 ? 4.670   -8.340  5.622   1.00 28.78 ? 20  LYS B NZ  1 
ATOM   461  N  N   . GLN B 1 22 ? 7.635   -4.200  1.430   1.00 18.17 ? 21  GLN B N   1 
ATOM   462  C  CA  . GLN B 1 22 ? 9.092   -4.109  1.524   1.00 18.43 ? 21  GLN B CA  1 
ATOM   463  C  C   . GLN B 1 22 ? 9.571   -2.710  1.163   1.00 17.88 ? 21  GLN B C   1 
ATOM   464  O  O   . GLN B 1 22 ? 10.508  -2.183  1.781   1.00 17.96 ? 21  GLN B O   1 
ATOM   465  C  CB  . GLN B 1 22 ? 9.731   -5.151  0.603   1.00 24.65 ? 21  GLN B CB  1 
ATOM   466  C  CG  . GLN B 1 22 ? 11.256  -5.106  0.558   1.00 32.09 ? 21  GLN B CG  1 
ATOM   467  C  CD  . GLN B 1 22 ? 11.827  -5.764  -0.689  1.00 42.56 ? 21  GLN B CD  1 
ATOM   468  O  OE1 . GLN B 1 22 ? 11.333  -6.797  -1.145  1.00 51.06 ? 21  GLN B OE1 1 
ATOM   469  N  NE2 . GLN B 1 22 ? 12.878  -5.169  -1.243  1.00 51.62 ? 21  GLN B NE2 1 
ATOM   470  N  N   . GLU B 1 23 ? 8.934   -2.086  0.174   1.00 15.94 ? 22  GLU B N   1 
ATOM   471  C  CA  . GLU B 1 23 ? 9.349   -0.750  -0.220  1.00 17.62 ? 22  GLU B CA  1 
ATOM   472  C  C   . GLU B 1 23 ? 9.048   0.252   0.884   1.00 15.34 ? 22  GLU B C   1 
ATOM   473  O  O   . GLU B 1 23 ? 9.844   1.165   1.137   1.00 16.51 ? 22  GLU B O   1 
ATOM   474  C  CB  . GLU B 1 23 ? 8.660   -0.333  -1.520  1.00 19.87 ? 22  GLU B CB  1 
ATOM   475  C  CG  . GLU B 1 23 ? 9.285   0.915   -2.044  1.00 26.51 ? 22  GLU B CG  1 
ATOM   476  C  CD  . GLU B 1 23 ? 10.701  0.620   -2.488  1.00 37.63 ? 22  GLU B CD  1 
ATOM   477  O  OE1 . GLU B 1 23 ? 10.904  -0.388  -3.199  1.00 44.51 ? 22  GLU B OE1 1 
ATOM   478  O  OE2 . GLU B 1 23 ? 11.626  1.314   -2.016  1.00 43.56 ? 22  GLU B OE2 1 
ATOM   479  N  N   . LEU B 1 24 ? 7.900   0.102   1.550   1.00 14.66 ? 23  LEU B N   1 
ATOM   480  C  CA  . LEU B 1 24 ? 7.559   0.985   2.663   1.00 14.17 ? 23  LEU B CA  1 
ATOM   481  C  C   . LEU B 1 24 ? 8.536   0.832   3.819   1.00 15.19 ? 23  LEU B C   1 
ATOM   482  O  O   . LEU B 1 24 ? 8.951   1.831   4.422   1.00 15.54 ? 23  LEU B O   1 
ATOM   483  C  CB  . LEU B 1 24 ? 6.127   0.719   3.130   1.00 14.67 ? 23  LEU B CB  1 
ATOM   484  C  CG  . LEU B 1 24 ? 5.082   1.178   2.123   1.00 15.52 ? 23  LEU B CG  1 
ATOM   485  C  CD1 . LEU B 1 24 ? 3.722   0.683   2.551   1.00 18.73 ? 23  LEU B CD1 1 
ATOM   486  C  CD2 . LEU B 1 24 ? 5.100   2.691   2.042   1.00 18.41 ? 23  LEU B CD2 1 
ATOM   487  N  N   . ALA B 1 25 ? 8.930   -0.402  4.140   1.00 15.13 ? 24  ALA B N   1 
ATOM   488  C  CA  . ALA B 1 25 ? 9.935   -0.604  5.178   1.00 15.22 ? 24  ALA B CA  1 
ATOM   489  C  C   . ALA B 1 25 ? 11.242  0.095   4.823   1.00 16.12 ? 24  ALA B C   1 
ATOM   490  O  O   . ALA B 1 25 ? 11.892  0.690   5.693   1.00 17.89 ? 24  ALA B O   1 
ATOM   491  C  CB  . ALA B 1 25 ? 10.158  -2.102  5.386   1.00 17.46 ? 24  ALA B CB  1 
ATOM   492  N  N   . ALA B 1 26 ? 11.642  0.047   3.549   1.00 15.52 ? 25  ALA B N   1 
ATOM   493  C  CA  . ALA B 1 26 ? 12.869  0.724   3.140   1.00 16.04 ? 25  ALA B CA  1 
ATOM   494  C  C   . ALA B 1 26 ? 12.736  2.238   3.272   1.00 16.41 ? 25  ALA B C   1 
ATOM   495  O  O   . ALA B 1 26 ? 13.673  2.908   3.727   1.00 17.62 ? 25  ALA B O   1 
ATOM   496  C  CB  . ALA B 1 26 ? 13.246  0.331   1.711   1.00 19.85 ? 25  ALA B CB  1 
ATOM   497  N  N   . ILE B 1 27 ? 11.586  2.795   2.875   1.00 15.14 ? 26  ILE B N   1 
ATOM   498  C  CA  . ILE B 1 27 ? 11.333  4.228   3.046   1.00 14.02 ? 26  ILE B CA  1 
ATOM   499  C  C   . ILE B 1 27 ? 11.390  4.621   4.518   1.00 13.84 ? 26  ILE B C   1 
ATOM   500  O  O   . ILE B 1 27 ? 11.978  5.654   4.874   1.00 14.20 ? 26  ILE B O   1 
ATOM   501  C  CB  . ILE B 1 27 ? 9.996   4.623   2.383   1.00 14.85 ? 26  ILE B CB  1 
ATOM   502  C  CG1 . ILE B 1 27 ? 10.126  4.551   0.857   1.00 16.41 ? 26  ILE B CG1 1 
ATOM   503  C  CG2 . ILE B 1 27 ? 9.521   6.001   2.874   1.00 16.10 ? 26  ILE B CG2 1 
ATOM   504  C  CD1 . ILE B 1 27 ? 8.797   4.562   0.106   1.00 18.86 ? 26  ILE B CD1 1 
ATOM   505  N  N   . LYS B 1 28 ? 10.803  3.827   5.401   1.00 14.63 ? 27  LYS B N   1 
ATOM   506  C  CA  . LYS B 1 28 ? 10.806  4.125   6.853   1.00 13.40 ? 27  LYS B CA  1 
ATOM   507  C  C   . LYS B 1 28 ? 12.249  4.189   7.372   1.00 17.56 ? 27  LYS B C   1 
ATOM   508  O  O   . LYS B 1 28 ? 12.562  5.128   8.097   1.00 14.65 ? 27  LYS B O   1 
ATOM   509  C  CB  . LYS B 1 28 ? 10.026  2.990   7.517   1.00 30.00 ? 27  LYS B CB  1 
ATOM   510  C  CG  . LYS B 1 28 ? 9.671   3.288   8.964   1.00 30.00 ? 27  LYS B CG  1 
ATOM   511  N  N   . GLN B 1 29 ? 13.069  3.221   6.962   1.00 16.09 ? 28  GLN B N   1 
ATOM   512  C  CA  . GLN B 1 29 ? 14.478  3.191   7.427   1.00 16.49 ? 28  GLN B CA  1 
ATOM   513  C  C   . GLN B 1 29 ? 15.216  4.442   6.904   1.00 16.52 ? 28  GLN B C   1 
ATOM   514  O  O   . GLN B 1 29 ? 15.961  5.043   7.673   1.00 17.50 ? 28  GLN B O   1 
ATOM   515  C  CB  . GLN B 1 29 ? 15.091  1.872   6.976   1.00 30.00 ? 28  GLN B CB  1 
ATOM   516  C  CG  . GLN B 1 29 ? 14.530  0.661   7.707   1.00 30.00 ? 28  GLN B CG  1 
ATOM   517  C  CD  . GLN B 1 29 ? 15.050  0.512   9.119   1.00 30.00 ? 28  GLN B CD  1 
ATOM   518  O  OE1 . GLN B 1 29 ? 15.627  1.432   9.706   1.00 30.00 ? 28  GLN B OE1 1 
ATOM   519  N  NE2 . GLN B 1 29 ? 14.849  -0.668  9.682   1.00 30.00 ? 28  GLN B NE2 1 
ATOM   520  N  N   . GLU B 1 30 ? 14.953  4.830   5.654   1.00 15.83 ? 29  GLU B N   1 
ATOM   521  C  CA  . GLU B 1 30 ? 15.631  6.009   5.117   1.00 14.88 ? 29  GLU B CA  1 
ATOM   522  C  C   . GLU B 1 30 ? 15.210  7.280   5.855   1.00 14.69 ? 29  GLU B C   1 
ATOM   523  O  O   . GLU B 1 30 ? 16.043  8.156   6.131   1.00 15.85 ? 29  GLU B O   1 
ATOM   524  C  CB  . GLU B 1 30 ? 15.352  6.117   3.617   1.00 16.84 ? 29  GLU B CB  1 
ATOM   525  C  CG  . GLU B 1 30 ? 16.325  7.036   2.901   1.00 21.08 ? 29  GLU B CG  1 
ATOM   526  C  CD  . GLU B 1 30 ? 16.145  7.055   1.393   1.00 23.38 ? 29  GLU B CD  1 
ATOM   527  O  OE1 . GLU B 1 30 ? 15.341  6.259   0.865   1.00 28.05 ? 29  GLU B OE1 1 
ATOM   528  O  OE2 . GLU B 1 30 ? 16.822  7.871   0.738   1.00 27.37 ? 29  GLU B OE2 1 
ATOM   529  N  N   . LEU B 1 31 ? 13.920  7.406   6.168   1.00 15.16 ? 30  LEU B N   1 
ATOM   530  C  CA  . LEU B 1 31 ? 13.417  8.542   6.935   1.00 14.01 ? 30  LEU B CA  1 
ATOM   531  C  C   . LEU B 1 31 ? 13.990  8.567   8.347   1.00 14.17 ? 30  LEU B C   1 
ATOM   532  O  O   . LEU B 1 31 ? 14.419  9.623   8.837   1.00 14.27 ? 30  LEU B O   1 
ATOM   533  C  CB  . LEU B 1 31 ? 11.887  8.472   7.004   1.00 15.03 ? 30  LEU B CB  1 
ATOM   534  C  CG  . LEU B 1 31 ? 11.138  8.815   5.728   1.00 15.45 ? 30  LEU B CG  1 
ATOM   535  C  CD1 . LEU B 1 31 ? 9.682   8.427   5.920   1.00 17.69 ? 30  LEU B CD1 1 
ATOM   536  C  CD2 . LEU B 1 31 ? 11.275  10.306  5.432   1.00 18.08 ? 30  LEU B CD2 1 
ATOM   537  N  N   . ALA B 1 32 ? 14.000  7.417   9.026   1.00 14.74 ? 31  ALA B N   1 
ATOM   538  C  CA  . ALA B 1 32 ? 14.538  7.383   10.379  1.00 14.92 ? 31  ALA B CA  1 
ATOM   539  C  C   . ALA B 1 32 ? 15.973  7.887   10.406  1.00 16.03 ? 31  ALA B C   1 
ATOM   540  O  O   . ALA B 1 32 ? 16.375  8.566   11.356  1.00 17.48 ? 31  ALA B O   1 
ATOM   541  C  CB  . ALA B 1 32 ? 14.456  5.962   10.952  1.00 16.84 ? 31  ALA B CB  1 
ATOM   542  N  N   . ALA B 1 33 ? 16.735  7.615   9.346   1.00 14.74 ? 32  ALA B N   1 
ATOM   543  C  CA  . ALA B 1 33 ? 18.158  7.930   9.340   1.00 14.77 ? 32  ALA B CA  1 
ATOM   544  C  C   . ALA B 1 33 ? 18.452  9.421   9.192   1.00 17.85 ? 32  ALA B C   1 
ATOM   545  O  O   . ALA B 1 33 ? 19.581  9.829   9.481   1.00 18.20 ? 32  ALA B O   1 
ATOM   546  C  CB  . ALA B 1 33 ? 18.884  7.105   8.273   1.00 17.98 ? 32  ALA B CB  1 
ATOM   547  N  N   . ILE B 1 34 ? 17.486  10.248  8.761   1.00 14.99 ? 33  ILE B N   1 
ATOM   548  C  CA  . ILE B 1 34 ? 17.741  11.691  8.623   1.00 15.15 ? 33  ILE B CA  1 
ATOM   549  C  C   . ILE B 1 34 ? 17.466  12.469  9.902   1.00 15.26 ? 33  ILE B C   1 
ATOM   550  O  O   . ILE B 1 34 ? 17.742  13.679  9.949   1.00 15.68 ? 33  ILE B O   1 
ATOM   551  C  CB  . ILE B 1 34 ? 17.035  12.363  7.423   1.00 15.46 ? 33  ILE B CB  1 
ATOM   552  C  CG1 . ILE B 1 34 ? 15.512  12.431  7.629   1.00 15.83 ? 33  ILE B CG1 1 
ATOM   553  C  CG2 . ILE B 1 34 ? 17.389  11.662  6.112   1.00 18.86 ? 33  ILE B CG2 1 
ATOM   554  C  CD1 . ILE B 1 34 ? 14.813  13.329  6.618   1.00 18.17 ? 33  ILE B CD1 1 
ATOM   555  N  N   . LYS B 1 35 ? 16.938  11.821  10.935  1.00 15.12 ? 34  LYS B N   1 
ATOM   556  C  CA  . LYS B 1 35 ? 16.668  12.479  12.205  1.00 16.25 ? 34  LYS B CA  1 
ATOM   557  C  C   . LYS B 1 35 ? 17.968  12.793  12.935  1.00 15.03 ? 34  LYS B C   1 
ATOM   558  O  O   . LYS B 1 35 ? 18.941  12.040  12.863  1.00 16.32 ? 34  LYS B O   1 
ATOM   559  C  CB  . LYS B 1 35 ? 15.842  11.552  13.105  1.00 19.11 ? 34  LYS B CB  1 
ATOM   560  C  CG  . LYS B 1 35 ? 14.425  11.299  12.640  1.00 20.54 ? 34  LYS B CG  1 
ATOM   561  C  CD  . LYS B 1 35 ? 13.610  10.653  13.743  1.00 21.88 ? 34  LYS B CD  1 
ATOM   562  C  CE  . LYS B 1 35 ? 14.226  9.353   14.222  1.00 21.83 ? 34  LYS B CE  1 
ATOM   563  N  NZ  . LYS B 1 35 ? 13.182  8.506   14.866  1.00 24.85 ? 34  LYS B NZ  1 
ATOM   564  N  N   . TRP B 1 36 ? 17.949  13.904  13.678  1.00 13.94 ? 35  TRP B N   1 
ATOM   565  C  CA  . TRP B 1 36 ? 19.100  14.316  14.480  1.00 16.56 ? 35  TRP B CA  1 
ATOM   566  C  C   . TRP B 1 36 ? 19.608  13.195  15.374  1.00 18.26 ? 35  TRP B C   1 
ATOM   567  O  O   . TRP B 1 36 ? 20.814  12.932  15.428  1.00 19.92 ? 35  TRP B O   1 
ATOM   568  C  CB  . TRP B 1 36 ? 18.725  15.578  15.265  1.00 19.05 ? 35  TRP B CB  1 
ATOM   569  C  CG  . TRP B 1 36 ? 19.845  16.203  16.028  1.00 21.26 ? 35  TRP B CG  1 
ATOM   570  C  CD1 . TRP B 1 36 ? 19.962  16.301  17.383  1.00 23.53 ? 35  TRP B CD1 1 
ATOM   571  C  CD2 . TRP B 1 36 ? 21.076  16.674  15.486  1.00 22.98 ? 35  TRP B CD2 1 
ATOM   572  N  NE1 . TRP B 1 36 ? 21.157  16.894  17.713  1.00 25.58 ? 35  TRP B NE1 1 
ATOM   573  C  CE2 . TRP B 1 36 ? 21.871  17.110  16.564  1.00 22.76 ? 35  TRP B CE2 1 
ATOM   574  C  CE3 . TRP B 1 36 ? 21.577  16.785  14.190  1.00 23.35 ? 35  TRP B CE3 1 
ATOM   575  C  CZ2 . TRP B 1 36 ? 23.133  17.671  16.381  1.00 23.48 ? 35  TRP B CZ2 1 
ATOM   576  C  CZ3 . TRP B 1 36 ? 22.827  17.324  14.017  1.00 30.17 ? 35  TRP B CZ3 1 
ATOM   577  C  CH2 . TRP B 1 36 ? 23.590  17.766  15.100  1.00 23.52 ? 35  TRP B CH2 1 
ATOM   578  N  N   . GLU B 1 37 ? 18.697  12.514  16.052  1.00 18.37 ? 36  GLU B N   1 
ATOM   579  C  CA  . GLU B 1 37 ? 19.096  11.403  16.962  1.00 22.54 ? 36  GLU B CA  1 
ATOM   580  C  C   . GLU B 1 37 ? 18.885  10.059  16.255  1.00 23.18 ? 36  GLU B C   1 
ATOM   581  O  O   . GLU B 1 37 ? 17.839  9.449   16.438  1.00 33.00 ? 36  GLU B O   1 
ATOM   582  C  CB  . GLU B 1 37 ? 18.390  11.573  18.309  1.00 27.09 ? 36  GLU B CB  1 
ATOM   583  C  CG  . GLU B 1 37 ? 18.931  12.762  19.094  1.00 27.48 ? 36  GLU B CG  1 
ATOM   584  C  CD  . GLU B 1 37 ? 18.280  12.998  20.444  1.00 24.90 ? 36  GLU B CD  1 
ATOM   585  O  OE1 . GLU B 1 37 ? 18.678  13.967  21.119  1.00 29.59 ? 36  GLU B OE1 1 
ATOM   586  O  OE2 . GLU B 1 37 ? 17.388  12.218  20.818  1.00 29.31 ? 36  GLU B OE2 1 
ATOM   587  N  N   . GLY B 1 38 ? 19.898  9.619   15.535  1.00 27.03 ? 37  GLY B N   1 
ATOM   588  C  CA  . GLY B 1 38 ? 19.809  8.333   14.832  1.00 31.52 ? 37  GLY B CA  1 
ATOM   589  C  C   . GLY B 1 38 ? 18.601  8.351   13.918  1.00 26.91 ? 37  GLY B C   1 
ATOM   590  O  O   . GLY B 1 38 ? 17.663  7.585   14.172  1.00 35.53 ? 37  GLY B O   1 
HETATM 591  N  N   . NH2 B 1 39 ? 18.651  9.159   12.885  1.00 29.53 ? 38  NH2 B N   1 
ATOM   592  N  N   . GLY C 1 2  ? -22.217 -17.247 -2.515  1.00 28.66 ? 1   GLY C N   1 
ATOM   593  C  CA  . GLY C 1 2  ? -20.781 -17.130 -2.670  1.00 28.22 ? 1   GLY C CA  1 
ATOM   594  C  C   . GLY C 1 2  ? -20.389 -15.925 -3.499  1.00 26.62 ? 1   GLY C C   1 
ATOM   595  O  O   . GLY C 1 2  ? -19.436 -15.225 -3.179  1.00 28.46 ? 1   GLY C O   1 
ATOM   596  N  N   . LEU C 1 3  ? -21.132 -15.670 -4.573  1.00 24.46 ? 2   LEU C N   1 
ATOM   597  C  CA  . LEU C 1 3  ? -20.773 -14.560 -5.492  1.00 24.57 ? 2   LEU C CA  1 
ATOM   598  C  C   . LEU C 1 3  ? -20.924 -13.210 -4.758  1.00 22.21 ? 2   LEU C C   1 
ATOM   599  O  O   . LEU C 1 3  ? -20.014 -12.362 -4.871  1.00 21.99 ? 2   LEU C O   1 
ATOM   600  C  CB  . LEU C 1 3  ? -21.643 -14.643 -6.739  1.00 27.67 ? 2   LEU C CB  1 
ATOM   601  C  CG  . LEU C 1 3  ? -21.418 -13.532 -7.768  1.00 29.19 ? 2   LEU C CG  1 
ATOM   602  C  CD1 . LEU C 1 3  ? -19.950 -13.468 -8.146  1.00 29.81 ? 2   LEU C CD1 1 
ATOM   603  C  CD2 . LEU C 1 3  ? -22.284 -13.771 -8.989  1.00 28.00 ? 2   LEU C CD2 1 
ATOM   604  N  N   . ALA C 1 4  ? -22.017 -13.024 -4.016  1.00 23.27 ? 3   ALA C N   1 
ATOM   605  C  CA  . ALA C 1 4  ? -22.196 -11.773 -3.283  1.00 22.26 ? 3   ALA C CA  1 
ATOM   606  C  C   . ALA C 1 4  ? -21.114 -11.582 -2.225  1.00 22.32 ? 3   ALA C C   1 
ATOM   607  O  O   . ALA C 1 4  ? -20.625 -10.463 -2.024  1.00 21.14 ? 3   ALA C O   1 
ATOM   608  C  CB  . ALA C 1 4  ? -23.586 -11.731 -2.644  1.00 23.98 ? 3   ALA C CB  1 
ATOM   609  N  N   . ALA C 1 5  ? -20.712 -12.664 -1.552  1.00 20.10 ? 4   ALA C N   1 
ATOM   610  C  CA  . ALA C 1 5  ? -19.669 -12.566 -0.534  1.00 21.31 ? 4   ALA C CA  1 
ATOM   611  C  C   . ALA C 1 5  ? -18.329 -12.196 -1.159  1.00 18.07 ? 4   ALA C C   1 
ATOM   612  O  O   . ALA C 1 5  ? -17.576 -11.380 -0.603  1.00 18.73 ? 4   ALA C O   1 
ATOM   613  C  CB  . ALA C 1 5  ? -19.564 -13.888 0.233   1.00 23.44 ? 4   ALA C CB  1 
ATOM   614  N  N   . ILE C 1 6  ? -18.015 -12.788 -2.313  1.00 18.28 ? 5   ILE C N   1 
ATOM   615  C  CA  . ILE C 1 6  ? -16.772 -12.478 -3.016  1.00 19.25 ? 5   ILE C CA  1 
ATOM   616  C  C   . ILE C 1 6  ? -16.766 -11.026 -3.465  1.00 20.15 ? 5   ILE C C   1 
ATOM   617  O  O   . ILE C 1 6  ? -15.758 -10.322 -3.314  1.00 16.78 ? 5   ILE C O   1 
ATOM   618  C  CB  . ILE C 1 6  ? -16.570 -13.444 -4.199  1.00 21.55 ? 5   ILE C CB  1 
ATOM   619  C  CG1 . ILE C 1 6  ? -16.325 -14.865 -3.698  1.00 24.08 ? 5   ILE C CG1 1 
ATOM   620  C  CG2 . ILE C 1 6  ? -15.413 -12.980 -5.089  1.00 22.07 ? 5   ILE C CG2 1 
ATOM   621  C  CD1 . ILE C 1 6  ? -16.434 -15.922 -4.786  1.00 27.10 ? 5   ILE C CD1 1 
ATOM   622  N  N   . LYS C 1 7  ? -17.878 -10.553 -4.033  1.00 16.71 ? 6   LYS C N   1 
ATOM   623  C  CA  . LYS C 1 7  ? -17.936 -9.163  -4.472  1.00 18.87 ? 6   LYS C CA  1 
ATOM   624  C  C   . LYS C 1 7  ? -17.725 -8.219  -3.300  1.00 17.64 ? 6   LYS C C   1 
ATOM   625  O  O   . LYS C 1 7  ? -17.050 -7.192  -3.438  1.00 16.62 ? 6   LYS C O   1 
ATOM   626  C  CB  . LYS C 1 7  ? -19.273 -8.877  -5.160  1.00 20.91 ? 6   LYS C CB  1 
ATOM   627  C  CG  . LYS C 1 7  ? -19.353 -9.373  -6.593  1.00 30.41 ? 6   LYS C CG  1 
ATOM   628  C  CD  . LYS C 1 7  ? -20.352 -8.537  -7.390  1.00 38.15 ? 6   LYS C CD  1 
ATOM   629  C  CE  . LYS C 1 7  ? -20.317 -8.878  -8.872  1.00 42.01 ? 6   LYS C CE  1 
ATOM   630  N  NZ  . LYS C 1 7  ? -20.480 -10.332 -9.123  1.00 39.20 ? 6   LYS C NZ  1 
ATOM   631  N  N   . GLN C 1 8  ? -18.286 -8.556  -2.140  1.00 17.80 ? 7   GLN C N   1 
ATOM   632  C  CA  . GLN C 1 8  ? -18.148 -7.696  -0.973  1.00 18.28 ? 7   GLN C CA  1 
ATOM   633  C  C   . GLN C 1 8  ? -16.702 -7.639  -0.508  1.00 16.75 ? 7   GLN C C   1 
ATOM   634  O  O   . GLN C 1 8  ? -16.191 -6.554  -0.208  1.00 15.90 ? 7   GLN C O   1 
ATOM   635  C  CB  . GLN C 1 8  ? -19.066 -8.190  0.143   1.00 21.07 ? 7   GLN C CB  1 
ATOM   636  C  CG  . GLN C 1 8  ? -18.983 -7.349  1.387   1.00 24.08 ? 7   GLN C CG  1 
ATOM   637  C  CD  . GLN C 1 8  ? -20.122 -7.590  2.339   1.00 30.83 ? 7   GLN C CD  1 
ATOM   638  O  OE1 . GLN C 1 8  ? -20.196 -6.982  3.405   1.00 33.25 ? 7   GLN C OE1 1 
ATOM   639  N  NE2 . GLN C 1 8  ? -21.006 -8.507  1.974   1.00 37.85 ? 7   GLN C NE2 1 
ATOM   640  N  N   . GLU C 1 9  ? -16.008 -8.777  -0.502  1.00 15.40 ? 8   GLU C N   1 
ATOM   641  C  CA  . GLU C 1 9  ? -14.591 -8.766  -0.136  1.00 15.18 ? 8   GLU C CA  1 
ATOM   642  C  C   . GLU C 1 9  ? -13.743 -8.035  -1.172  1.00 14.56 ? 8   GLU C C   1 
ATOM   643  O  O   . GLU C 1 9  ? -12.788 -7.335  -0.808  1.00 13.61 ? 8   GLU C O   1 
ATOM   644  C  CB  . GLU C 1 9  ? -14.089 -10.188 0.078   1.00 16.42 ? 8   GLU C CB  1 
ATOM   645  C  CG  . GLU C 1 9  ? -14.704 -10.827 1.314   1.00 18.63 ? 8   GLU C CG  1 
ATOM   646  C  CD  . GLU C 1 9  ? -14.082 -12.157 1.681   1.00 22.54 ? 8   GLU C CD  1 
ATOM   647  O  OE1 . GLU C 1 9  ? -13.637 -12.897 0.770   1.00 21.76 ? 8   GLU C OE1 1 
ATOM   648  O  OE2 . GLU C 1 9  ? -14.046 -12.464 2.894   1.00 25.88 ? 8   GLU C OE2 1 
ATOM   649  N  N   . HIS C 1 10 ? -14.072 -8.161  -2.465  1.00 13.64 ? 9   HIS C N   1 
ATOM   650  C  CA  . HIS C 1 10 ? -13.338 -7.384  -3.466  1.00 14.53 ? 9   HIS C CA  1 
ATOM   651  C  C   . HIS C 1 10 ? -13.550 -5.897  -3.263  1.00 14.11 ? 9   HIS C C   1 
ATOM   652  O  O   . HIS C 1 10 ? -12.616 -5.105  -3.438  1.00 14.24 ? 9   HIS C O   1 
ATOM   653  C  CB  . HIS C 1 10 ? -13.746 -7.785  -4.881  1.00 15.15 ? 9   HIS C CB  1 
ATOM   654  C  CG  . HIS C 1 10 ? -13.137 -9.072  -5.316  1.00 16.84 ? 9   HIS C CG  1 
ATOM   655  N  ND1 . HIS C 1 10 ? -13.646 -9.831  -6.346  1.00 21.64 ? 9   HIS C ND1 1 
ATOM   656  C  CD2 . HIS C 1 10 ? -12.073 -9.754  -4.833  1.00 17.96 ? 9   HIS C CD2 1 
ATOM   657  C  CE1 . HIS C 1 10 ? -12.909 -10.918 -6.491  1.00 20.29 ? 9   HIS C CE1 1 
ATOM   658  N  NE2 . HIS C 1 10 ? -11.943 -10.891 -5.591  1.00 18.57 ? 9   HIS C NE2 1 
ATOM   659  N  N   . ALA C 1 11 ? -14.764 -5.496  -2.876  1.00 13.94 ? 10  ALA C N   1 
ATOM   660  C  CA  . ALA C 1 11 ? -15.005 -4.085  -2.607  1.00 13.74 ? 10  ALA C CA  1 
ATOM   661  C  C   . ALA C 1 11 ? -14.201 -3.622  -1.403  1.00 14.32 ? 10  ALA C C   1 
ATOM   662  O  O   . ALA C 1 11 ? -13.644 -2.522  -1.417  1.00 14.10 ? 10  ALA C O   1 
ATOM   663  C  CB  . ALA C 1 11 ? -16.500 -3.832  -2.411  1.00 15.51 ? 10  ALA C CB  1 
ATOM   664  N  N   . ALA C 1 12 ? -14.097 -4.464  -0.374  1.00 12.66 ? 11  ALA C N   1 
ATOM   665  C  CA  . ALA C 1 12 ? -13.294 -4.129  0.801   1.00 12.57 ? 11  ALA C CA  1 
ATOM   666  C  C   . ALA C 1 12 ? -11.828 -3.975  0.432   1.00 13.27 ? 11  ALA C C   1 
ATOM   667  O  O   . ALA C 1 12 ? -11.180 -3.008  0.850   1.00 13.00 ? 11  ALA C O   1 
ATOM   668  C  CB  . ALA C 1 12 ? -13.481 -5.194  1.893   1.00 12.79 ? 11  ALA C CB  1 
ATOM   669  N  N   . ILE C 1 13 ? -11.304 -4.881  -0.399  1.00 12.78 ? 12  ILE C N   1 
ATOM   670  C  CA  . ILE C 1 13 ? -9.906  -4.793  -0.816  1.00 13.35 ? 12  ILE C CA  1 
ATOM   671  C  C   . ILE C 1 13 ? -9.687  -3.524  -1.624  1.00 12.85 ? 12  ILE C C   1 
ATOM   672  O  O   . ILE C 1 13 ? -8.700  -2.788  -1.422  1.00 13.67 ? 12  ILE C O   1 
ATOM   673  C  CB  . ILE C 1 13 ? -9.490  -6.048  -1.610  1.00 13.46 ? 12  ILE C CB  1 
ATOM   674  C  CG1 . ILE C 1 13 ? -9.508  -7.282  -0.711  1.00 14.69 ? 12  ILE C CG1 1 
ATOM   675  C  CG2 . ILE C 1 13 ? -8.098  -5.859  -2.242  1.00 15.79 ? 12  ILE C CG2 1 
ATOM   676  C  CD1 . ILE C 1 13 ? -9.442  -8.597  -1.482  1.00 17.22 ? 12  ILE C CD1 1 
ATOM   677  N  N   . LYS C 1 14 ? -10.608 -3.225  -2.543  1.00 13.51 ? 13  LYS C N   1 
ATOM   678  C  CA  . LYS C 1 14 ? -10.462 -2.016  -3.346  1.00 14.43 ? 13  LYS C CA  1 
ATOM   679  C  C   . LYS C 1 14 ? -10.501 -0.789  -2.450  1.00 12.39 ? 13  LYS C C   1 
ATOM   680  O  O   . LYS C 1 14 ? -9.705  0.142   -2.627  1.00 13.75 ? 13  LYS C O   1 
ATOM   681  C  CB  . LYS C 1 14 ? -11.585 -1.920  -4.374  1.00 17.05 ? 13  LYS C CB  1 
ATOM   682  C  CG  . LYS C 1 14 ? -11.257 -2.527  -5.731  1.00 25.14 ? 13  LYS C CG  1 
ATOM   683  C  CD  . LYS C 1 14 ? -12.499 -3.049  -6.433  1.00 37.49 ? 13  LYS C CD  1 
ATOM   684  C  CE  . LYS C 1 14 ? -13.661 -2.051  -6.386  1.00 39.17 ? 13  LYS C CE  1 
ATOM   685  N  NZ  . LYS C 1 14 ? -13.266 -0.627  -6.655  1.00 40.75 ? 13  LYS C NZ  1 
ATOM   686  N  N   . GLN C 1 15 ? -11.400 -0.771  -1.464  1.00 13.05 ? 14  GLN C N   1 
ATOM   687  C  CA  . GLN C 1 15 ? -11.482 0.371   -0.558  1.00 13.53 ? 14  GLN C CA  1 
ATOM   688  C  C   . GLN C 1 15 ? -10.229 0.494   0.307   1.00 13.27 ? 14  GLN C C   1 
ATOM   689  O  O   . GLN C 1 15 ? -9.756  1.614   0.568   1.00 12.58 ? 14  GLN C O   1 
ATOM   690  C  CB  . GLN C 1 15 ? -12.726 0.272   0.319   1.00 13.82 ? 14  GLN C CB  1 
ATOM   691  C  CG  . GLN C 1 15 ? -14.010 0.551   -0.431  1.00 15.92 ? 14  GLN C CG  1 
ATOM   692  C  CD  . GLN C 1 15 ? -15.222 0.441   0.455   1.00 17.65 ? 14  GLN C CD  1 
ATOM   693  O  OE1 . GLN C 1 15 ? -15.255 0.969   1.573   1.00 17.95 ? 14  GLN C OE1 1 
ATOM   694  N  NE2 . GLN C 1 15 ? -16.243 -0.248  -0.043  1.00 21.20 ? 14  GLN C NE2 1 
ATOM   695  N  N   . GLU C 1 16 ? -9.675  -0.628  0.775   1.00 12.30 ? 15  GLU C N   1 
ATOM   696  C  CA  . GLU C 1 16 ? -8.429  -0.555  1.541   1.00 13.45 ? 15  GLU C CA  1 
ATOM   697  C  C   . GLU C 1 16 ? -7.299  -0.014  0.688   1.00 12.85 ? 15  GLU C C   1 
ATOM   698  O  O   . GLU C 1 16 ? -6.492  0.796   1.155   1.00 13.38 ? 15  GLU C O   1 
ATOM   699  C  CB  . GLU C 1 16 ? -8.027  -1.935  2.050   1.00 14.00 ? 15  GLU C CB  1 
ATOM   700  C  CG  . GLU C 1 16 ? -8.974  -2.495  3.100   1.00 18.82 ? 15  GLU C CG  1 
ATOM   701  C  CD  . GLU C 1 16 ? -8.268  -2.866  4.373   1.00 23.68 ? 15  GLU C CD  1 
ATOM   702  O  OE1 . GLU C 1 16 ? -8.772  -3.737  5.095   1.00 24.62 ? 15  GLU C OE1 1 
ATOM   703  O  OE2 . GLU C 1 16 ? -7.199  -2.279  4.655   1.00 29.27 ? 15  GLU C OE2 1 
ATOM   704  N  N   . LEU C 1 17 ? -7.212  -0.459  -0.566  1.00 13.47 ? 16  LEU C N   1 
ATOM   705  C  CA  . LEU C 1 17 ? -6.142  0.021   -1.436  1.00 13.75 ? 16  LEU C CA  1 
ATOM   706  C  C   . LEU C 1 17 ? -6.301  1.505   -1.748  1.00 13.10 ? 16  LEU C C   1 
ATOM   707  O  O   . LEU C 1 17 ? -5.299  2.237   -1.797  1.00 13.73 ? 16  LEU C O   1 
ATOM   708  C  CB  . LEU C 1 17 ? -6.090  -0.808  -2.718  1.00 15.53 ? 16  LEU C CB  1 
ATOM   709  C  CG  . LEU C 1 17 ? -5.605  -2.247  -2.527  1.00 15.61 ? 16  LEU C CG  1 
ATOM   710  C  CD1 . LEU C 1 17 ? -5.830  -3.044  -3.795  1.00 16.88 ? 16  LEU C CD1 1 
ATOM   711  C  CD2 . LEU C 1 17 ? -4.135  -2.268  -2.130  1.00 19.01 ? 16  LEU C CD2 1 
ATOM   712  N  N   . ALA C 1 18 ? -7.539  1.974   -1.951  1.00 12.63 ? 17  ALA C N   1 
ATOM   713  C  CA  . ALA C 1 18 ? -7.773  3.406   -2.150  1.00 13.33 ? 17  ALA C CA  1 
ATOM   714  C  C   . ALA C 1 18 ? -7.327  4.206   -0.929  1.00 12.54 ? 17  ALA C C   1 
ATOM   715  O  O   . ALA C 1 18 ? -6.753  5.295   -1.059  1.00 13.49 ? 17  ALA C O   1 
ATOM   716  C  CB  . ALA C 1 18 ? -9.254  3.666   -2.451  1.00 14.99 ? 17  ALA C CB  1 
ATOM   717  N  N   . ALA C 1 19 ? -7.549  3.668   0.269   1.00 12.00 ? 18  ALA C N   1 
ATOM   718  C  CA  . ALA C 1 19 ? -7.164  4.366   1.493   1.00 13.63 ? 18  ALA C CA  1 
ATOM   719  C  C   . ALA C 1 19 ? -5.652  4.373   1.658   1.00 12.77 ? 18  ALA C C   1 
ATOM   720  O  O   . ALA C 1 19 ? -5.074  5.372   2.112   1.00 13.44 ? 18  ALA C O   1 
ATOM   721  C  CB  . ALA C 1 19 ? -7.842  3.699   2.692   1.00 13.37 ? 18  ALA C CB  1 
ATOM   722  N  N   . ILE C 1 20 ? -4.990  3.276   1.284   1.00 12.93 ? 19  ILE C N   1 
ATOM   723  C  CA  . ILE C 1 20 ? -3.527  3.229   1.289   1.00 14.08 ? 19  ILE C CA  1 
ATOM   724  C  C   . ILE C 1 20 ? -2.961  4.245   0.312   1.00 13.32 ? 19  ILE C C   1 
ATOM   725  O  O   . ILE C 1 20 ? -2.012  4.981   0.631   1.00 13.14 ? 19  ILE C O   1 
ATOM   726  C  CB  . ILE C 1 20 ? -3.048  1.793   0.982   1.00 13.51 ? 19  ILE C CB  1 
ATOM   727  C  CG1 . ILE C 1 20 ? -3.319  0.903   2.192   1.00 14.49 ? 19  ILE C CG1 1 
ATOM   728  C  CG2 . ILE C 1 20 ? -1.561  1.765   0.579   1.00 15.37 ? 19  ILE C CG2 1 
ATOM   729  C  CD1 . ILE C 1 20 ? -3.269  -0.580  1.899   1.00 15.60 ? 19  ILE C CD1 1 
ATOM   730  N  N   . LYS C 1 21 ? -3.545  4.316   -0.882  1.00 12.84 ? 20  LYS C N   1 
ATOM   731  C  CA  . LYS C 1 21 ? -3.069  5.270   -1.874  1.00 13.96 ? 20  LYS C CA  1 
ATOM   732  C  C   . LYS C 1 21 ? -3.229  6.701   -1.376  1.00 13.64 ? 20  LYS C C   1 
ATOM   733  O  O   . LYS C 1 21 ? -2.325  7.526   -1.556  1.00 13.74 ? 20  LYS C O   1 
ATOM   734  C  CB  . LYS C 1 21 ? -3.813  5.068   -3.194  1.00 15.89 ? 20  LYS C CB  1 
ATOM   735  C  CG  . LYS C 1 21 ? -3.233  5.925   -4.311  1.00 19.32 ? 20  LYS C CG  1 
ATOM   736  C  CD  . LYS C 1 21 ? -3.836  5.607   -5.656  1.00 25.46 ? 20  LYS C CD  1 
ATOM   737  C  CE  . LYS C 1 21 ? -5.258  6.126   -5.743  1.00 26.23 ? 20  LYS C CE  1 
ATOM   738  N  NZ  . LYS C 1 21 ? -5.792  6.049   -7.136  1.00 29.68 ? 20  LYS C NZ  1 
ATOM   739  N  N   A GLN C 1 22 ? -4.361  7.019   -0.742  0.56 13.74 ? 21  GLN C N   1 
ATOM   740  N  N   B GLN C 1 22 ? -4.368  7.013   -0.743  0.44 13.75 ? 21  GLN C N   1 
ATOM   741  C  CA  A GLN C 1 22 ? -4.549  8.372   -0.219  0.56 14.86 ? 21  GLN C CA  1 
ATOM   742  C  CA  B GLN C 1 22 ? -4.580  8.359   -0.210  0.44 14.89 ? 21  GLN C CA  1 
ATOM   743  C  C   A GLN C 1 22 ? -3.575  8.683   0.913   0.56 13.72 ? 21  GLN C C   1 
ATOM   744  C  C   B GLN C 1 22 ? -3.553  8.687   0.863   0.44 13.76 ? 21  GLN C C   1 
ATOM   745  O  O   A GLN C 1 22 ? -3.084  9.813   1.013   0.56 13.37 ? 21  GLN C O   1 
ATOM   746  O  O   B GLN C 1 22 ? -3.009  9.797   0.887   0.44 13.31 ? 21  GLN C O   1 
ATOM   747  C  CB  A GLN C 1 22 ? -6.003  8.591   0.209   0.56 16.08 ? 21  GLN C CB  1 
ATOM   748  C  CB  B GLN C 1 22 ? -5.989  8.484   0.377   0.44 16.53 ? 21  GLN C CB  1 
ATOM   749  C  CG  A GLN C 1 22 ? -6.986  8.624   -0.943  0.56 20.62 ? 21  GLN C CG  1 
ATOM   750  C  CG  B GLN C 1 22 ? -6.435  9.917   0.699   0.44 18.65 ? 21  GLN C CG  1 
ATOM   751  C  CD  A GLN C 1 22 ? -6.745  9.798   -1.870  0.56 24.97 ? 21  GLN C CD  1 
ATOM   752  C  CD  B GLN C 1 22 ? -5.992  10.430  2.065   0.44 23.42 ? 21  GLN C CD  1 
ATOM   753  O  OE1 A GLN C 1 22 ? -6.141  9.654   -2.935  0.56 25.94 ? 21  GLN C OE1 1 
ATOM   754  O  OE1 B GLN C 1 22 ? -5.669  9.663   2.971   0.44 20.72 ? 21  GLN C OE1 1 
ATOM   755  N  NE2 A GLN C 1 22 ? -7.207  10.974  -1.462  0.56 32.18 ? 21  GLN C NE2 1 
ATOM   756  N  NE2 B GLN C 1 22 ? -6.017  11.749  2.224   0.44 23.31 ? 21  GLN C NE2 1 
ATOM   757  N  N   A GLU C 1 23 ? -3.269  7.701   1.769   0.56 13.29 ? 22  GLU C N   1 
ATOM   758  N  N   B GLU C 1 23 ? -3.278  7.737   1.763   0.44 13.32 ? 22  GLU C N   1 
ATOM   759  C  CA  A GLU C 1 23 ? -2.269  7.918   2.811   0.56 14.91 ? 22  GLU C CA  1 
ATOM   760  C  CA  B GLU C 1 23 ? -2.274  7.954   2.799   0.44 14.90 ? 22  GLU C CA  1 
ATOM   761  C  C   A GLU C 1 23 ? -0.898  8.165   2.204   0.56 13.62 ? 22  GLU C C   1 
ATOM   762  C  C   B GLU C 1 23 ? -0.904  8.191   2.186   0.44 13.66 ? 22  GLU C C   1 
ATOM   763  O  O   A GLU C 1 23 ? -0.140  9.013   2.691   0.56 13.49 ? 22  GLU C O   1 
ATOM   764  O  O   B GLU C 1 23 ? -0.149  9.051   2.654   0.44 13.54 ? 22  GLU C O   1 
ATOM   765  C  CB  A GLU C 1 23 ? -2.213  6.715   3.751   0.56 15.01 ? 22  GLU C CB  1 
ATOM   766  C  CB  B GLU C 1 23 ? -2.223  6.751   3.741   0.44 15.03 ? 22  GLU C CB  1 
ATOM   767  C  CG  A GLU C 1 23 ? -3.388  6.610   4.710   0.56 21.55 ? 22  GLU C CG  1 
ATOM   768  C  CG  B GLU C 1 23 ? -3.417  6.621   4.680   0.44 21.52 ? 22  GLU C CG  1 
ATOM   769  C  CD  A GLU C 1 23 ? -2.953  6.604   6.163   0.56 24.45 ? 22  GLU C CD  1 
ATOM   770  C  CD  B GLU C 1 23 ? -3.409  7.654   5.795   0.44 22.86 ? 22  GLU C CD  1 
ATOM   771  O  OE1 A GLU C 1 23 ? -1.813  7.031   6.443   0.56 25.86 ? 22  GLU C OE1 1 
ATOM   772  O  OE1 B GLU C 1 23 ? -2.313  8.015   6.272   0.44 27.69 ? 22  GLU C OE1 1 
ATOM   773  O  OE2 A GLU C 1 23 ? -3.749  6.177   7.027   0.56 28.45 ? 22  GLU C OE2 1 
ATOM   774  O  OE2 B GLU C 1 23 ? -4.504  8.103   6.195   0.44 30.53 ? 22  GLU C OE2 1 
ATOM   775  N  N   . LEU C 1 24 ? -0.565  7.446   1.128   1.00 13.07 ? 23  LEU C N   1 
ATOM   776  C  CA  . LEU C 1 24 ? 0.721   7.667   0.468   1.00 13.71 ? 23  LEU C CA  1 
ATOM   777  C  C   . LEU C 1 24 ? 0.781   9.046   -0.170  1.00 11.84 ? 23  LEU C C   1 
ATOM   778  O  O   . LEU C 1 24 ? 1.820   9.719   -0.106  1.00 13.10 ? 23  LEU C O   1 
ATOM   779  C  CB  . LEU C 1 24 ? 0.984   6.576   -0.568  1.00 13.64 ? 23  LEU C CB  1 
ATOM   780  C  CG  . LEU C 1 24 ? 1.250   5.200   0.054   1.00 15.02 ? 23  LEU C CG  1 
ATOM   781  C  CD1 . LEU C 1 24 ? 1.236   4.121   -1.025  1.00 19.53 ? 23  LEU C CD1 1 
ATOM   782  C  CD2 . LEU C 1 24 ? 2.567   5.194   0.817   1.00 16.35 ? 23  LEU C CD2 1 
ATOM   783  N  N   . ALA C 1 25 ? -0.315  9.489   -0.788  1.00 13.08 ? 24  ALA C N   1 
ATOM   784  C  CA  . ALA C 1 25 ? -0.340  10.842  -1.337  1.00 14.36 ? 24  ALA C CA  1 
ATOM   785  C  C   . ALA C 1 25 ? -0.149  11.879  -0.237  1.00 13.57 ? 24  ALA C C   1 
ATOM   786  O  O   . ALA C 1 25 ? 0.573   12.870  -0.427  1.00 13.63 ? 24  ALA C O   1 
ATOM   787  C  CB  . ALA C 1 25 ? -1.638  11.076  -2.116  1.00 16.05 ? 24  ALA C CB  1 
ATOM   788  N  N   . ALA C 1 26 ? -0.746  11.654  0.935   1.00 14.63 ? 25  ALA C N   1 
ATOM   789  C  CA  . ALA C 1 26 ? -0.553  12.570  2.056   1.00 14.12 ? 25  ALA C CA  1 
ATOM   790  C  C   . ALA C 1 26 ? 0.892   12.556  2.541   1.00 13.64 ? 25  ALA C C   1 
ATOM   791  O  O   . ALA C 1 26 ? 1.461   13.619  2.818   1.00 15.01 ? 25  ALA C O   1 
ATOM   792  C  CB  . ALA C 1 26 ? -1.523  12.248  3.190   1.00 14.86 ? 25  ALA C CB  1 
ATOM   793  N  N   . ILE C 1 27 ? 1.511   11.377  2.633   1.00 13.15 ? 26  ILE C N   1 
ATOM   794  C  CA  . ILE C 1 27 ? 2.927   11.289  3.004   1.00 13.53 ? 26  ILE C CA  1 
ATOM   795  C  C   . ILE C 1 27 ? 3.795   12.040  2.005   1.00 12.86 ? 26  ILE C C   1 
ATOM   796  O  O   . ILE C 1 27 ? 4.701   12.791  2.392   1.00 12.56 ? 26  ILE C O   1 
ATOM   797  C  CB  . ILE C 1 27 ? 3.346   9.813   3.137   1.00 13.87 ? 26  ILE C CB  1 
ATOM   798  C  CG1 . ILE C 1 27 ? 2.735   9.241   4.416   1.00 13.75 ? 26  ILE C CG1 1 
ATOM   799  C  CG2 . ILE C 1 27 ? 4.873   9.659   3.108   1.00 14.57 ? 26  ILE C CG2 1 
ATOM   800  C  CD1 . ILE C 1 27 ? 2.669   7.706   4.469   1.00 13.76 ? 26  ILE C CD1 1 
ATOM   801  N  N   . LYS C 1 28 ? 3.524   11.864  0.708   1.00 13.65 ? 27  LYS C N   1 
ATOM   802  C  CA  . LYS C 1 28 ? 4.259   12.577  -0.333  1.00 13.18 ? 27  LYS C CA  1 
ATOM   803  C  C   . LYS C 1 28 ? 4.130   14.085  -0.153  1.00 12.96 ? 27  LYS C C   1 
ATOM   804  O  O   . LYS C 1 28 ? 5.125   14.817  -0.244  1.00 13.65 ? 27  LYS C O   1 
ATOM   805  C  CB  . LYS C 1 28 ? 3.704   12.136  -1.693  1.00 14.74 ? 27  LYS C CB  1 
ATOM   806  C  CG  . LYS C 1 28 ? 4.232   12.919  -2.893  1.00 14.92 ? 27  LYS C CG  1 
ATOM   807  C  CD  . LYS C 1 28 ? 3.374   12.691  -4.141  1.00 18.81 ? 27  LYS C CD  1 
ATOM   808  C  CE  . LYS C 1 28 ? 1.981   13.263  -3.987  1.00 19.91 ? 27  LYS C CE  1 
ATOM   809  N  NZ  . LYS C 1 28 ? 1.073   12.828  -5.110  1.00 22.24 ? 27  LYS C NZ  1 
ATOM   810  N  N   . GLN C 1 29 ? 2.919   14.568  0.123   1.00 13.09 ? 28  GLN C N   1 
ATOM   811  C  CA  . GLN C 1 29 ? 2.718   16.005  0.274   1.00 14.48 ? 28  GLN C CA  1 
ATOM   812  C  C   . GLN C 1 29 ? 3.415   16.523  1.523   1.00 13.40 ? 28  GLN C C   1 
ATOM   813  O  O   . GLN C 1 29 ? 3.975   17.634  1.510   1.00 14.78 ? 28  GLN C O   1 
ATOM   814  C  CB  . GLN C 1 29 ? 1.219   16.325  0.262   1.00 15.74 ? 28  GLN C CB  1 
ATOM   815  C  CG  . GLN C 1 29 ? 0.585   16.088  -1.102  1.00 17.75 ? 28  GLN C CG  1 
ATOM   816  C  CD  . GLN C 1 29 ? -0.932  16.159  -1.084  1.00 27.09 ? 28  GLN C CD  1 
ATOM   817  O  OE1 . GLN C 1 29 ? -1.536  16.718  -0.167  1.00 29.25 ? 28  GLN C OE1 1 
ATOM   818  N  NE2 . GLN C 1 29 ? -1.554  15.577  -2.099  1.00 25.85 ? 28  GLN C NE2 1 
ATOM   819  N  N   . GLU C 1 30 ? 3.403   15.737  2.601   1.00 14.53 ? 29  GLU C N   1 
ATOM   820  C  CA  . GLU C 1 30 ? 4.096   16.122  3.826   1.00 15.19 ? 29  GLU C CA  1 
ATOM   821  C  C   . GLU C 1 30 ? 5.596   16.202  3.590   1.00 13.25 ? 29  GLU C C   1 
ATOM   822  O  O   . GLU C 1 30 ? 6.257   17.150  4.040   1.00 14.02 ? 29  GLU C O   1 
ATOM   823  C  CB  . GLU C 1 30 ? 3.784   15.101  4.919   1.00 16.10 ? 29  GLU C CB  1 
ATOM   824  C  CG  . GLU C 1 30 ? 2.717   15.545  5.911   1.00 21.77 ? 29  GLU C CG  1 
ATOM   825  C  CD  . GLU C 1 30 ? 3.008   16.903  6.513   1.00 25.21 ? 29  GLU C CD  1 
ATOM   826  O  OE1 . GLU C 1 30 ? 4.125   17.094  7.038   1.00 28.89 ? 29  GLU C OE1 1 
ATOM   827  O  OE2 . GLU C 1 30 ? 2.120   17.779  6.458   1.00 26.71 ? 29  GLU C OE2 1 
ATOM   828  N  N   . LEU C 1 31 ? 6.148   15.229  2.863   1.00 13.49 ? 30  LEU C N   1 
ATOM   829  C  CA  . LEU C 1 31 ? 7.569   15.264  2.530   1.00 12.72 ? 30  LEU C CA  1 
ATOM   830  C  C   . LEU C 1 31 ? 7.902   16.463  1.655   1.00 13.26 ? 30  LEU C C   1 
ATOM   831  O  O   . LEU C 1 31 ? 8.960   17.081  1.814   1.00 13.36 ? 30  LEU C O   1 
ATOM   832  C  CB  . LEU C 1 31 ? 7.975   13.964  1.843   1.00 14.31 ? 30  LEU C CB  1 
ATOM   833  C  CG  . LEU C 1 31 ? 8.101   12.759  2.773   1.00 14.52 ? 30  LEU C CG  1 
ATOM   834  C  CD1 . LEU C 1 31 ? 8.178   11.484  1.953   1.00 15.71 ? 30  LEU C CD1 1 
ATOM   835  C  CD2 . LEU C 1 31 ? 9.335   12.915  3.653   1.00 16.77 ? 30  LEU C CD2 1 
ATOM   836  N  N   . ALA C 1 32 ? 7.009   16.822  0.733   1.00 12.73 ? 31  ALA C N   1 
ATOM   837  C  CA  . ALA C 1 32 ? 7.251   18.012  -0.075  1.00 13.23 ? 31  ALA C CA  1 
ATOM   838  C  C   . ALA C 1 32 ? 7.294   19.265  0.790   1.00 13.33 ? 31  ALA C C   1 
ATOM   839  O  O   . ALA C 1 32 ? 8.139   20.147  0.578   1.00 13.45 ? 31  ALA C O   1 
ATOM   840  C  CB  . ALA C 1 32 ? 6.188   18.125  -1.167  1.00 15.30 ? 31  ALA C CB  1 
ATOM   841  N  N   . ALA C 1 33 ? 6.407   19.366  1.778   1.00 14.37 ? 32  ALA C N   1 
ATOM   842  C  CA  . ALA C 1 33 ? 6.464   20.497  2.698   1.00 15.12 ? 32  ALA C CA  1 
ATOM   843  C  C   . ALA C 1 33 ? 7.778   20.519  3.470   1.00 14.16 ? 32  ALA C C   1 
ATOM   844  O  O   . ALA C 1 33 ? 8.397   21.581  3.616   1.00 15.04 ? 32  ALA C O   1 
ATOM   845  C  CB  . ALA C 1 33 ? 5.261   20.488  3.641   1.00 17.54 ? 32  ALA C CB  1 
ATOM   846  N  N   . ILE C 1 34 ? 8.238   19.360  3.947   1.00 13.99 ? 33  ILE C N   1 
ATOM   847  C  CA  . ILE C 1 34 ? 9.520   19.291  4.648   1.00 14.80 ? 33  ILE C CA  1 
ATOM   848  C  C   . ILE C 1 34 ? 10.661  19.702  3.726   1.00 13.61 ? 33  ILE C C   1 
ATOM   849  O  O   . ILE C 1 34 ? 11.594  20.409  4.145   1.00 14.82 ? 33  ILE C O   1 
ATOM   850  C  CB  . ILE C 1 34 ? 9.710   17.881  5.233   1.00 13.84 ? 33  ILE C CB  1 
ATOM   851  C  CG1 . ILE C 1 34 ? 8.777   17.703  6.422   1.00 15.13 ? 33  ILE C CG1 1 
ATOM   852  C  CG2 . ILE C 1 34 ? 11.144  17.639  5.656   1.00 16.09 ? 33  ILE C CG2 1 
ATOM   853  C  CD1 . ILE C 1 34 ? 8.495   16.255  6.727   1.00 17.89 ? 33  ILE C CD1 1 
ATOM   854  N  N   . LYS C 1 35 ? 10.604  19.264  2.464   1.00 13.67 ? 34  LYS C N   1 
ATOM   855  C  CA  . LYS C 1 35 ? 11.599  19.655  1.466   1.00 13.93 ? 34  LYS C CA  1 
ATOM   856  C  C   . LYS C 1 35 ? 11.670  21.172  1.317   1.00 13.84 ? 34  LYS C C   1 
ATOM   857  O  O   . LYS C 1 35 ? 12.761  21.756  1.327   1.00 15.34 ? 34  LYS C O   1 
ATOM   858  C  CB  . LYS C 1 35 ? 11.252  18.995  0.128   1.00 14.94 ? 34  LYS C CB  1 
ATOM   859  C  CG  . LYS C 1 35 ? 12.052  19.519  -1.066  1.00 16.19 ? 34  LYS C CG  1 
ATOM   860  C  CD  . LYS C 1 35 ? 11.443  19.037  -2.379  1.00 16.24 ? 34  LYS C CD  1 
ATOM   861  C  CE  . LYS C 1 35 ? 10.178  19.791  -2.718  1.00 15.76 ? 34  LYS C CE  1 
ATOM   862  N  NZ  . LYS C 1 35 ? 9.404   19.101  -3.795  1.00 18.21 ? 34  LYS C NZ  1 
ATOM   863  N  N   . TRP C 1 36 ? 10.519  21.834  1.193   1.00 13.22 ? 35  TRP C N   1 
ATOM   864  C  CA  . TRP C 1 36 ? 10.516  23.289  1.024   1.00 14.83 ? 35  TRP C CA  1 
ATOM   865  C  C   . TRP C 1 36 ? 10.997  24.011  2.271   1.00 15.08 ? 35  TRP C C   1 
ATOM   866  O  O   . TRP C 1 36 ? 11.748  24.992  2.173   1.00 14.45 ? 35  TRP C O   1 
ATOM   867  C  CB  . TRP C 1 36 ? 9.119   23.794  0.666   1.00 15.59 ? 35  TRP C CB  1 
ATOM   868  C  CG  . TRP C 1 36 ? 8.651   23.381  -0.685  1.00 16.27 ? 35  TRP C CG  1 
ATOM   869  C  CD1 . TRP C 1 36 ? 7.485   22.729  -0.987  1.00 16.43 ? 35  TRP C CD1 1 
ATOM   870  C  CD2 . TRP C 1 36 ? 9.325   23.594  -1.931  1.00 17.37 ? 35  TRP C CD2 1 
ATOM   871  N  NE1 . TRP C 1 36 ? 7.400   22.525  -2.337  1.00 16.74 ? 35  TRP C NE1 1 
ATOM   872  C  CE2 . TRP C 1 36 ? 8.515   23.044  -2.942  1.00 18.76 ? 35  TRP C CE2 1 
ATOM   873  C  CE3 . TRP C 1 36 ? 10.528  24.205  -2.293  1.00 18.45 ? 35  TRP C CE3 1 
ATOM   874  C  CZ2 . TRP C 1 36 ? 8.872   23.073  -4.285  1.00 22.15 ? 35  TRP C CZ2 1 
ATOM   875  C  CZ3 . TRP C 1 36 ? 10.883  24.228  -3.629  1.00 21.40 ? 35  TRP C CZ3 1 
ATOM   876  C  CH2 . TRP C 1 36 ? 10.055  23.671  -4.610  1.00 22.83 ? 35  TRP C CH2 1 
ATOM   877  N  N   . GLU C 1 37 ? 10.544  23.593  3.435   1.00 16.51 ? 36  GLU C N   1 
ATOM   878  C  CA  . GLU C 1 37 ? 10.809  24.390  4.664   1.00 19.78 ? 36  GLU C CA  1 
ATOM   879  C  C   . GLU C 1 37 ? 12.202  24.105  5.251   1.00 22.73 ? 36  GLU C C   1 
ATOM   880  O  O   . GLU C 1 37 ? 12.686  24.931  6.032   1.00 27.11 ? 36  GLU C O   1 
ATOM   881  C  CB  . GLU C 1 37 ? 9.632   24.141  5.610   1.00 26.75 ? 36  GLU C CB  1 
ATOM   882  C  CG  . GLU C 1 37 ? 9.696   22.820  6.361   1.00 26.00 ? 36  GLU C CG  1 
ATOM   883  C  CD  . GLU C 1 37 ? 8.313   22.364  6.787   1.00 26.53 ? 36  GLU C CD  1 
ATOM   884  O  OE1 . GLU C 1 37 ? 7.331   23.114  6.621   1.00 29.59 ? 36  GLU C OE1 1 
ATOM   885  O  OE2 . GLU C 1 37 ? 8.230   21.234  7.268   1.00 23.79 ? 36  GLU C OE2 1 
ATOM   886  N  N   . GLY C 1 38 ? 12.840  23.038  4.825   1.00 17.83 ? 37  GLY C N   1 
ATOM   887  C  CA  . GLY C 1 38 ? 14.183  22.743  5.347   1.00 23.90 ? 37  GLY C CA  1 
ATOM   888  C  C   . GLY C 1 38 ? 14.118  21.776  6.517   1.00 32.55 ? 37  GLY C C   1 
ATOM   889  O  O   . GLY C 1 38 ? 15.172  21.448  7.080   1.00 39.00 ? 37  GLY C O   1 
HETATM 890  N  N   . NH2 C 1 39 ? 12.929  21.291  6.826   1.00 36.36 ? 38  NH2 C N   1 
HETATM 891  C  C   . ACE D 1 1  ? -20.218 -13.397 -14.153 0.59 17.28 ? 0   ACE D C   1 
HETATM 892  O  O   . ACE D 1 1  ? -19.472 -12.489 -14.095 1.00 17.76 ? 0   ACE D O   1 
HETATM 893  C  CH3 . ACE D 1 1  ? -21.218 -13.502 -15.280 0.53 22.31 ? 0   ACE D CH3 1 
ATOM   894  N  N   . GLY D 1 2  ? -20.238 -14.360 -13.290 1.00 16.79 ? 1   GLY D N   1 
ATOM   895  C  CA  . GLY D 1 2  ? -19.498 -14.332 -12.018 1.00 17.88 ? 1   GLY D CA  1 
ATOM   896  C  C   . GLY D 1 2  ? -17.987 -14.342 -12.245 1.00 17.17 ? 1   GLY D C   1 
ATOM   897  O  O   . GLY D 1 2  ? -17.302 -13.549 -11.608 1.00 16.36 ? 1   GLY D O   1 
ATOM   898  N  N   . LEU D 1 3  ? -17.490 -15.213 -13.126 1.00 14.92 ? 2   LEU D N   1 
ATOM   899  C  CA  . LEU D 1 3  ? -16.054 -15.237 -13.398 1.00 15.32 ? 2   LEU D CA  1 
ATOM   900  C  C   . LEU D 1 3  ? -15.589 -13.938 -14.042 1.00 15.73 ? 2   LEU D C   1 
ATOM   901  O  O   . LEU D 1 3  ? -14.516 -13.418 -13.704 1.00 16.64 ? 2   LEU D O   1 
ATOM   902  C  CB  . LEU D 1 3  ? -15.695 -16.409 -14.304 1.00 18.77 ? 2   LEU D CB  1 
ATOM   903  C  CG  . LEU D 1 3  ? -15.806 -17.790 -13.669 1.00 20.08 ? 2   LEU D CG  1 
ATOM   904  C  CD1 . LEU D 1 3  ? -15.597 -18.863 -14.724 1.00 24.19 ? 2   LEU D CD1 1 
ATOM   905  C  CD2 . LEU D 1 3  ? -14.797 -17.929 -12.550 1.00 22.94 ? 2   LEU D CD2 1 
ATOM   906  N  N   . ALA D 1 4  ? -16.371 -13.402 -14.980 1.00 14.31 ? 3   ALA D N   1 
ATOM   907  C  CA  . ALA D 1 4  ? -15.992 -12.139 -15.606 1.00 14.99 ? 3   ALA D CA  1 
ATOM   908  C  C   . ALA D 1 4  ? -16.000 -11.013 -14.589 1.00 15.78 ? 3   ALA D C   1 
ATOM   909  O  O   . ALA D 1 4  ? -15.122 -10.143 -14.618 1.00 17.14 ? 3   ALA D O   1 
ATOM   910  C  CB  . ALA D 1 4  ? -16.924 -11.824 -16.778 1.00 16.87 ? 3   ALA D CB  1 
ATOM   911  N  N   . ALA D 1 5  ? -16.962 -11.022 -13.662 1.00 17.03 ? 4   ALA D N   1 
ATOM   912  C  CA  . ALA D 1 5  ? -17.019 -9.979  -12.645 1.00 16.91 ? 4   ALA D CA  1 
ATOM   913  C  C   . ALA D 1 5  ? -15.802 -10.051 -11.740 1.00 16.16 ? 4   ALA D C   1 
ATOM   914  O  O   . ALA D 1 5  ? -15.192 -9.017  -11.427 1.00 17.34 ? 4   ALA D O   1 
ATOM   915  C  CB  . ALA D 1 5  ? -18.307 -10.089 -11.827 1.00 20.24 ? 4   ALA D CB  1 
ATOM   916  N  N   . ILE D 1 6  ? -15.409 -11.260 -11.342 1.00 15.89 ? 5   ILE D N   1 
ATOM   917  C  CA  . ILE D 1 6  ? -14.221 -11.421 -10.513 1.00 16.56 ? 5   ILE D CA  1 
ATOM   918  C  C   . ILE D 1 6  ? -12.990 -10.934 -11.259 1.00 17.68 ? 5   ILE D C   1 
ATOM   919  O  O   . ILE D 1 6  ? -12.141 -10.231 -10.694 1.00 16.82 ? 5   ILE D O   1 
ATOM   920  C  CB  . ILE D 1 6  ? -14.078 -12.885 -10.061 1.00 16.13 ? 5   ILE D CB  1 
ATOM   921  C  CG1 . ILE D 1 6  ? -15.178 -13.226 -9.055  1.00 20.18 ? 5   ILE D CG1 1 
ATOM   922  C  CG2 . ILE D 1 6  ? -12.694 -13.136 -9.453  1.00 19.20 ? 5   ILE D CG2 1 
ATOM   923  C  CD1 . ILE D 1 6  ? -15.288 -14.712 -8.739  1.00 20.71 ? 5   ILE D CD1 1 
ATOM   924  N  N   A LYS D 1 7  ? -12.872 -11.296 -12.540 0.51 17.66 ? 6   LYS D N   1 
ATOM   925  N  N   B LYS D 1 7  ? -12.889 -11.287 -12.538 0.49 17.65 ? 6   LYS D N   1 
ATOM   926  C  CA  A LYS D 1 7  ? -11.729 -10.859 -13.334 0.51 19.15 ? 6   LYS D CA  1 
ATOM   927  C  CA  B LYS D 1 7  ? -11.712 -10.868 -13.342 0.49 19.15 ? 6   LYS D CA  1 
ATOM   928  C  C   A LYS D 1 7  ? -11.670 -9.341  -13.408 0.51 16.36 ? 6   LYS D C   1 
ATOM   929  C  C   B LYS D 1 7  ? -11.670 -9.334  -13.390 0.49 16.37 ? 6   LYS D C   1 
ATOM   930  O  O   A LYS D 1 7  ? -10.591 -8.743  -13.277 0.51 17.07 ? 6   LYS D O   1 
ATOM   931  O  O   B LYS D 1 7  ? -10.572 -8.769  -13.236 0.49 17.07 ? 6   LYS D O   1 
ATOM   932  C  CB  A LYS D 1 7  ? -11.811 -11.458 -14.739 0.51 19.89 ? 6   LYS D CB  1 
ATOM   933  C  CB  B LYS D 1 7  ? -11.769 -11.473 -14.750 0.49 19.90 ? 6   LYS D CB  1 
ATOM   934  C  CG  A LYS D 1 7  ? -10.720 -10.996 -15.690 0.51 24.00 ? 6   LYS D CG  1 
ATOM   935  C  CG  B LYS D 1 7  ? -11.613 -12.983 -14.784 0.49 22.87 ? 6   LYS D CG  1 
ATOM   936  C  CD  A LYS D 1 7  ? -11.021 -11.435 -17.116 0.51 29.04 ? 6   LYS D CD  1 
ATOM   937  C  CD  B LYS D 1 7  ? -11.693 -13.578 -16.185 0.49 30.79 ? 6   LYS D CD  1 
ATOM   938  C  CE  A LYS D 1 7  ? -9.754  -11.829 -17.853 0.51 37.95 ? 6   LYS D CE  1 
ATOM   939  C  CE  B LYS D 1 7  ? -11.513 -15.065 -16.196 0.49 33.28 ? 6   LYS D CE  1 
ATOM   940  N  NZ  A LYS D 1 7  ? -8.866  -10.660 -18.081 0.51 37.85 ? 6   LYS D NZ  1 
ATOM   941  N  NZ  B LYS D 1 7  ? -11.617 -15.625 -17.547 0.49 32.95 ? 6   LYS D NZ  1 
ATOM   942  N  N   . GLN D 1 8  ? -12.824 -8.697  -13.598 1.00 16.58 ? 7   GLN D N   1 
ATOM   943  C  CA  . GLN D 1 8  ? -12.863 -7.238  -13.677 1.00 17.53 ? 7   GLN D CA  1 
ATOM   944  C  C   . GLN D 1 8  ? -12.490 -6.598  -12.346 1.00 15.67 ? 7   GLN D C   1 
ATOM   945  O  O   . GLN D 1 8  ? -11.755 -5.599  -12.314 1.00 15.64 ? 7   GLN D O   1 
ATOM   946  C  CB  . GLN D 1 8  ? -14.246 -6.797  -14.161 1.00 19.11 ? 7   GLN D CB  1 
ATOM   947  C  CG  . GLN D 1 8  ? -14.423 -5.301  -14.358 1.00 21.45 ? 7   GLN D CG  1 
ATOM   948  C  CD  . GLN D 1 8  ? -15.902 -4.912  -14.416 1.00 24.42 ? 7   GLN D CD  1 
ATOM   949  O  OE1 . GLN D 1 8  ? -16.767 -5.647  -13.948 1.00 24.16 ? 7   GLN D OE1 1 
ATOM   950  N  NE2 . GLN D 1 8  ? -16.182 -3.723  -14.943 1.00 32.84 ? 7   GLN D NE2 1 
ATOM   951  N  N   . GLU D 1 9  ? -12.960 -7.169  -11.238 1.00 15.98 ? 8   GLU D N   1 
ATOM   952  C  CA  . GLU D 1 9  ? -12.592 -6.663  -9.919  1.00 16.37 ? 8   GLU D CA  1 
ATOM   953  C  C   . GLU D 1 9  ? -11.101 -6.836  -9.667  1.00 16.69 ? 8   GLU D C   1 
ATOM   954  O  O   . GLU D 1 9  ? -10.440 -5.922  -9.155  1.00 17.23 ? 8   GLU D O   1 
ATOM   955  C  CB  . GLU D 1 9  ? -13.433 -7.363  -8.845  1.00 18.90 ? 8   GLU D CB  1 
ATOM   956  C  CG  . GLU D 1 9  ? -14.895 -6.867  -8.850  1.00 20.39 ? 8   GLU D CG  1 
ATOM   957  C  CD  . GLU D 1 9  ? -15.892 -7.785  -8.166  1.00 29.08 ? 8   GLU D CD  1 
ATOM   958  O  OE1 . GLU D 1 9  ? -15.502 -8.864  -7.685  1.00 26.87 ? 8   GLU D OE1 1 
ATOM   959  O  OE2 . GLU D 1 9  ? -17.086 -7.412  -8.106  1.00 36.27 ? 8   GLU D OE2 1 
ATOM   960  N  N   . HIS D 1 10 ? -10.538 -7.975  -10.076 1.00 17.08 ? 9   HIS D N   1 
ATOM   961  C  CA  . HIS D 1 10 ? -9.101  -8.186  -9.926  1.00 16.54 ? 9   HIS D CA  1 
ATOM   962  C  C   . HIS D 1 10 ? -8.299  -7.211  -10.786 1.00 16.43 ? 9   HIS D C   1 
ATOM   963  O  O   . HIS D 1 10 ? -7.238  -6.733  -10.363 1.00 17.42 ? 9   HIS D O   1 
ATOM   964  C  CB  . HIS D 1 10 ? -8.752  -9.645  -10.243 1.00 18.58 ? 9   HIS D CB  1 
ATOM   965  C  CG  . HIS D 1 10 ? -9.046  -10.599 -9.123  1.00 17.30 ? 9   HIS D CG  1 
ATOM   966  N  ND1 . HIS D 1 10 ? -8.919  -11.965 -9.255  1.00 19.23 ? 9   HIS D ND1 1 
ATOM   967  C  CD2 . HIS D 1 10 ? -9.457  -10.381 -7.852  1.00 18.84 ? 9   HIS D CD2 1 
ATOM   968  C  CE1 . HIS D 1 10 ? -9.239  -12.548 -8.113  1.00 20.70 ? 9   HIS D CE1 1 
ATOM   969  N  NE2 . HIS D 1 10 ? -9.572  -11.609 -7.245  1.00 18.22 ? 9   HIS D NE2 1 
ATOM   970  N  N   . ALA D 1 11 ? -8.790  -6.885  -11.986 1.00 15.86 ? 10  ALA D N   1 
ATOM   971  C  CA  . ALA D 1 11 ? -8.103  -5.899  -12.819 1.00 19.03 ? 10  ALA D CA  1 
ATOM   972  C  C   . ALA D 1 11 ? -8.131  -4.520  -12.173 1.00 17.45 ? 10  ALA D C   1 
ATOM   973  O  O   . ALA D 1 11 ? -7.152  -3.765  -12.263 1.00 18.60 ? 10  ALA D O   1 
ATOM   974  C  CB  . ALA D 1 11 ? -8.720  -5.849  -14.220 1.00 18.08 ? 10  ALA D CB  1 
ATOM   975  N  N   . ALA D 1 12 ? -9.243  -4.170  -11.520 1.00 17.94 ? 11  ALA D N   1 
ATOM   976  C  CA  . ALA D 1 12 ? -9.317  -2.894  -10.812 1.00 18.79 ? 11  ALA D CA  1 
ATOM   977  C  C   . ALA D 1 12 ? -8.347  -2.861  -9.640  1.00 16.75 ? 11  ALA D C   1 
ATOM   978  O  O   . ALA D 1 12 ? -7.710  -1.831  -9.379  1.00 17.68 ? 11  ALA D O   1 
ATOM   979  C  CB  . ALA D 1 12 ? -10.740 -2.646  -10.321 1.00 20.59 ? 11  ALA D CB  1 
ATOM   980  N  N   . ILE D 1 13 ? -8.226  -3.970  -8.914  1.00 16.77 ? 12  ILE D N   1 
ATOM   981  C  CA  . ILE D 1 13 ? -7.250  -4.054  -7.832  1.00 15.68 ? 12  ILE D CA  1 
ATOM   982  C  C   . ILE D 1 13 ? -5.837  -3.892  -8.378  1.00 17.92 ? 12  ILE D C   1 
ATOM   983  O  O   . ILE D 1 13 ? -5.023  -3.143  -7.823  1.00 16.24 ? 12  ILE D O   1 
ATOM   984  C  CB  . ILE D 1 13 ? -7.458  -5.384  -7.075  1.00 15.05 ? 12  ILE D CB  1 
ATOM   985  C  CG1 . ILE D 1 13 ? -8.703  -5.276  -6.194  1.00 16.08 ? 12  ILE D CG1 1 
ATOM   986  C  CG2 . ILE D 1 13 ? -6.245  -5.752  -6.243  1.00 16.69 ? 12  ILE D CG2 1 
ATOM   987  C  CD1 . ILE D 1 13 ? -9.317  -6.621  -5.800  1.00 16.70 ? 12  ILE D CD1 1 
ATOM   988  N  N   . LYS D 1 14 ? -5.539  -4.544  -9.504  1.00 17.98 ? 13  LYS D N   1 
ATOM   989  C  CA  . LYS D 1 14 ? -4.215  -4.428  -10.109 1.00 19.53 ? 13  LYS D CA  1 
ATOM   990  C  C   . LYS D 1 14 ? -3.914  -2.990  -10.511 1.00 19.28 ? 13  LYS D C   1 
ATOM   991  O  O   . LYS D 1 14 ? -2.785  -2.510  -10.346 1.00 19.23 ? 13  LYS D O   1 
ATOM   992  C  CB  . LYS D 1 14 ? -4.114  -5.364  -11.316 1.00 23.86 ? 13  LYS D CB  1 
ATOM   993  C  CG  . LYS D 1 14 ? -3.708  -6.787  -10.962 1.00 30.17 ? 13  LYS D CG  1 
ATOM   994  C  CD  . LYS D 1 14 ? -2.371  -6.818  -10.231 1.00 43.14 ? 13  LYS D CD  1 
ATOM   995  C  CE  . LYS D 1 14 ? -1.736  -8.201  -10.284 1.00 36.73 ? 13  LYS D CE  1 
ATOM   996  N  NZ  . LYS D 1 14 ? -0.250  -8.129  -10.185 1.00 43.08 ? 13  LYS D NZ  1 
ATOM   997  N  N   . GLN D 1 15 ? -4.916  -2.277  -11.024 1.00 19.04 ? 14  GLN D N   1 
ATOM   998  C  CA  . GLN D 1 15 ? -4.695  -0.887  -11.407 1.00 21.43 ? 14  GLN D CA  1 
ATOM   999  C  C   . GLN D 1 15 ? -4.414  -0.020  -10.187 1.00 19.53 ? 14  GLN D C   1 
ATOM   1000 O  O   . GLN D 1 15 ? -3.585  0.900   -10.249 1.00 19.47 ? 14  GLN D O   1 
ATOM   1001 C  CB  . GLN D 1 15 ? -5.898  -0.365  -12.182 1.00 22.95 ? 14  GLN D CB  1 
ATOM   1002 C  CG  . GLN D 1 15 ? -6.052  -0.997  -13.561 1.00 27.26 ? 14  GLN D CG  1 
ATOM   1003 C  CD  . GLN D 1 15 ? -7.499  -1.075  -13.985 1.00 28.98 ? 14  GLN D CD  1 
ATOM   1004 O  OE1 . GLN D 1 15 ? -8.353  -0.387  -13.427 1.00 29.53 ? 14  GLN D OE1 1 
ATOM   1005 N  NE2 . GLN D 1 15 ? -7.786  -1.907  -14.983 1.00 35.08 ? 14  GLN D NE2 1 
ATOM   1006 N  N   . GLU D 1 16 ? -5.085  -0.300  -9.067  1.00 17.86 ? 15  GLU D N   1 
ATOM   1007 C  CA  . GLU D 1 16 ? -4.815  0.452   -7.845  1.00 17.20 ? 15  GLU D CA  1 
ATOM   1008 C  C   . GLU D 1 16 ? -3.425  0.142   -7.303  1.00 17.50 ? 15  GLU D C   1 
ATOM   1009 O  O   . GLU D 1 16 ? -2.736  1.042   -6.802  1.00 16.96 ? 15  GLU D O   1 
ATOM   1010 C  CB  . GLU D 1 16 ? -5.915  0.208   -6.809  1.00 20.08 ? 15  GLU D CB  1 
ATOM   1011 C  CG  . GLU D 1 16 ? -5.953  1.226   -5.671  1.00 22.67 ? 15  GLU D CG  1 
ATOM   1012 C  CD  . GLU D 1 16 ? -6.491  2.587   -6.097  1.00 24.83 ? 15  GLU D CD  1 
ATOM   1013 O  OE1 . GLU D 1 16 ? -5.979  3.172   -7.078  1.00 28.09 ? 15  GLU D OE1 1 
ATOM   1014 O  OE2 . GLU D 1 16 ? -7.440  3.076   -5.455  1.00 29.18 ? 15  GLU D OE2 1 
ATOM   1015 N  N   . LEU D 1 17 ? -2.971  -1.110  -7.427  1.00 16.11 ? 16  LEU D N   1 
ATOM   1016 C  CA  . LEU D 1 17 ? -1.594  -1.426  -7.062  1.00 16.49 ? 16  LEU D CA  1 
ATOM   1017 C  C   . LEU D 1 17 ? -0.608  -0.642  -7.925  1.00 18.01 ? 16  LEU D C   1 
ATOM   1018 O  O   . LEU D 1 17 ? 0.408   -0.147  -7.425  1.00 17.33 ? 16  LEU D O   1 
ATOM   1019 C  CB  . LEU D 1 17 ? -1.350  -2.930  -7.182  1.00 17.96 ? 16  LEU D CB  1 
ATOM   1020 C  CG  . LEU D 1 17 ? -2.200  -3.778  -6.241  1.00 18.24 ? 16  LEU D CG  1 
ATOM   1021 C  CD1 . LEU D 1 17 ? -2.159  -5.264  -6.618  1.00 21.04 ? 16  LEU D CD1 1 
ATOM   1022 C  CD2 . LEU D 1 17 ? -1.776  -3.596  -4.808  1.00 18.91 ? 16  LEU D CD2 1 
ATOM   1023 N  N   . ALA D 1 18 ? -0.900  -0.500  -9.218  1.00 17.56 ? 17  ALA D N   1 
ATOM   1024 C  CA  . ALA D 1 18 ? -0.052  0.314   -10.088 1.00 18.91 ? 17  ALA D CA  1 
ATOM   1025 C  C   . ALA D 1 18 ? -0.013  1.768   -9.627  1.00 19.35 ? 17  ALA D C   1 
ATOM   1026 O  O   . ALA D 1 18 ? 1.054   2.409   -9.633  1.00 21.37 ? 17  ALA D O   1 
ATOM   1027 C  CB  . ALA D 1 18 ? -0.563  0.221   -11.527 1.00 20.27 ? 17  ALA D CB  1 
ATOM   1028 N  N   . ALA D 1 19 ? -1.165  2.316   -9.234  1.00 17.51 ? 18  ALA D N   1 
ATOM   1029 C  CA  . ALA D 1 19 ? -1.199  3.701   -8.775  1.00 18.30 ? 18  ALA D CA  1 
ATOM   1030 C  C   . ALA D 1 19 ? -0.429  3.857   -7.472  1.00 16.65 ? 18  ALA D C   1 
ATOM   1031 O  O   . ALA D 1 19 ? 0.253   4.869   -7.264  1.00 17.74 ? 18  ALA D O   1 
ATOM   1032 C  CB  . ALA D 1 19 ? -2.642  4.166   -8.607  1.00 20.60 ? 18  ALA D CB  1 
ATOM   1033 N  N   . ILE D 1 20 ? -0.503  2.851   -6.596  1.00 16.03 ? 19  ILE D N   1 
ATOM   1034 C  CA  . ILE D 1 20 ? 0.248   2.874   -5.344  1.00 15.20 ? 19  ILE D CA  1 
ATOM   1035 C  C   . ILE D 1 20 ? 1.745   2.897   -5.614  1.00 19.38 ? 19  ILE D C   1 
ATOM   1036 O  O   . ILE D 1 20 ? 2.495   3.645   -4.973  1.00 16.31 ? 19  ILE D O   1 
ATOM   1037 C  CB  . ILE D 1 20 ? -0.169  1.674   -4.472  1.00 14.66 ? 19  ILE D CB  1 
ATOM   1038 C  CG1 . ILE D 1 20 ? -1.512  1.968   -3.812  1.00 14.54 ? 19  ILE D CG1 1 
ATOM   1039 C  CG2 . ILE D 1 20 ? 0.884   1.370   -3.424  1.00 16.25 ? 19  ILE D CG2 1 
ATOM   1040 C  CD1 . ILE D 1 20 ? -2.183  0.728   -3.235  1.00 15.49 ? 19  ILE D CD1 1 
ATOM   1041 N  N   . LYS D 1 21 ? 2.179   2.132   -6.620  1.00 16.79 ? 20  LYS D N   1 
ATOM   1042 C  CA  . LYS D 1 21 ? 3.620   2.096   -6.985  1.00 19.16 ? 20  LYS D CA  1 
ATOM   1043 C  C   . LYS D 1 21 ? 4.037   3.463   -7.553  1.00 18.91 ? 20  LYS D C   1 
ATOM   1044 O  O   . LYS D 1 21 ? 5.158   3.886   -7.280  1.00 20.04 ? 20  LYS D O   1 
ATOM   1045 C  CB  . LYS D 1 21 ? 3.841   0.881   -7.891  1.00 25.97 ? 20  LYS D CB  1 
ATOM   1046 C  CG  . LYS D 1 21 ? 3.809   -0.441  -7.153  1.00 33.46 ? 20  LYS D CG  1 
ATOM   1047 C  CD  . LYS D 1 21 ? 4.179   -1.593  -8.076  1.00 46.48 ? 20  LYS D CD  1 
ATOM   1048 C  CE  . LYS D 1 21 ? 3.558   -1.464  -9.429  1.00 44.72 ? 20  LYS D CE  1 
ATOM   1049 N  NZ  . LYS D 1 21 ? 3.385   -2.770  -10.073 1.00 45.94 ? 20  LYS D NZ  1 
ATOM   1050 N  N   . GLN D 1 22 ? 3.117   4.170   -8.201  1.00 18.46 ? 21  GLN D N   1 
ATOM   1051 C  CA  . GLN D 1 22 ? 3.437   5.503   -8.698  1.00 19.78 ? 21  GLN D CA  1 
ATOM   1052 C  C   . GLN D 1 22 ? 3.599   6.481   -7.541  1.00 22.13 ? 21  GLN D C   1 
ATOM   1053 O  O   . GLN D 1 22 ? 4.488   7.341   -7.563  1.00 20.42 ? 21  GLN D O   1 
ATOM   1054 C  CB  . GLN D 1 22 ? 2.347   5.975   -9.653  1.00 25.04 ? 21  GLN D CB  1 
ATOM   1055 C  CG  . GLN D 1 22 ? 2.467   5.372   -11.038 1.00 29.05 ? 21  GLN D CG  1 
ATOM   1056 C  CD  . GLN D 1 22 ? 1.129   5.286   -11.737 1.00 30.90 ? 21  GLN D CD  1 
ATOM   1057 O  OE1 . GLN D 1 22 ? 0.159   5.925   -11.327 0.51 32.30 ? 21  GLN D OE1 1 
ATOM   1058 N  NE2 . GLN D 1 22 ? 1.068   4.490   -12.798 1.00 41.64 ? 21  GLN D NE2 1 
ATOM   1059 N  N   . GLU D 1 23 ? 2.759   6.360   -6.511  1.00 18.06 ? 22  GLU D N   1 
ATOM   1060 C  CA  . GLU D 1 23 ? 2.908   7.218   -5.338  1.00 15.92 ? 22  GLU D CA  1 
ATOM   1061 C  C   . GLU D 1 23 ? 4.191   6.897   -4.582  1.00 16.98 ? 22  GLU D C   1 
ATOM   1062 O  O   . GLU D 1 23 ? 4.855   7.809   -4.073  1.00 16.11 ? 22  GLU D O   1 
ATOM   1063 C  CB  . GLU D 1 23 ? 1.695   7.090   -4.407  1.00 20.77 ? 22  GLU D CB  1 
ATOM   1064 C  CG  . GLU D 1 23 ? 0.362   7.525   -5.014  1.00 21.24 ? 22  GLU D CG  1 
ATOM   1065 C  CD  . GLU D 1 23 ? 0.175   9.038   -5.168  1.00 26.01 ? 22  GLU D CD  1 
ATOM   1066 O  OE1 . GLU D 1 23 ? 0.995   9.832   -4.669  1.00 24.43 ? 22  GLU D OE1 1 
ATOM   1067 O  OE2 . GLU D 1 23 ? -0.816  9.428   -5.821  1.00 30.49 ? 22  GLU D OE2 1 
ATOM   1068 N  N   . LEU D 1 24 ? 4.564   5.616   -4.495  1.00 15.75 ? 23  LEU D N   1 
ATOM   1069 C  CA  . LEU D 1 24 ? 5.836   5.247   -3.884  1.00 16.04 ? 23  LEU D CA  1 
ATOM   1070 C  C   . LEU D 1 24 ? 7.004   5.906   -4.607  1.00 17.16 ? 23  LEU D C   1 
ATOM   1071 O  O   . LEU D 1 24 ? 7.942   6.401   -3.967  1.00 17.83 ? 23  LEU D O   1 
ATOM   1072 C  CB  . LEU D 1 24 ? 6.007   3.729   -3.914  1.00 19.27 ? 23  LEU D CB  1 
ATOM   1073 C  CG  . LEU D 1 24 ? 5.071   2.924   -3.015  1.00 18.93 ? 23  LEU D CG  1 
ATOM   1074 C  CD1 . LEU D 1 24 ? 5.290   1.436   -3.237  1.00 18.99 ? 23  LEU D CD1 1 
ATOM   1075 C  CD2 . LEU D 1 24 ? 5.302   3.281   -1.563  1.00 19.24 ? 23  LEU D CD2 1 
ATOM   1076 N  N   . ALA D 1 25 ? 6.981   5.883   -5.939  1.00 17.12 ? 24  ALA D N   1 
ATOM   1077 C  CA  . ALA D 1 25 ? 8.038   6.550   -6.699  1.00 18.07 ? 24  ALA D CA  1 
ATOM   1078 C  C   . ALA D 1 25 ? 8.080   8.037   -6.381  1.00 18.96 ? 24  ALA D C   1 
ATOM   1079 O  O   . ALA D 1 25 ? 9.169   8.623   -6.253  1.00 19.64 ? 24  ALA D O   1 
ATOM   1080 C  CB  . ALA D 1 25 ? 7.813   6.328   -8.193  1.00 20.18 ? 24  ALA D CB  1 
ATOM   1081 N  N   . ALA D 1 26 ? 6.910   8.671   -6.268  1.00 18.62 ? 25  ALA D N   1 
ATOM   1082 C  CA  . ALA D 1 26 ? 6.861   10.103  -5.981  1.00 16.72 ? 25  ALA D CA  1 
ATOM   1083 C  C   . ALA D 1 26 ? 7.380   10.405  -4.580  1.00 16.69 ? 25  ALA D C   1 
ATOM   1084 O  O   . ALA D 1 26 ? 8.086   11.402  -4.373  1.00 17.80 ? 25  ALA D O   1 
ATOM   1085 C  CB  . ALA D 1 26 ? 5.448   10.649  -6.178  1.00 19.39 ? 25  ALA D CB  1 
ATOM   1086 N  N   . ILE D 1 27 ? 7.070   9.546   -3.610  1.00 15.88 ? 26  ILE D N   1 
ATOM   1087 C  CA  . ILE D 1 27 ? 7.630   9.680   -2.269  1.00 14.43 ? 26  ILE D CA  1 
ATOM   1088 C  C   . ILE D 1 27 ? 9.149   9.609   -2.320  1.00 17.13 ? 26  ILE D C   1 
ATOM   1089 O  O   . ILE D 1 27 ? 9.849   10.423  -1.701  1.00 16.62 ? 26  ILE D O   1 
ATOM   1090 C  CB  . ILE D 1 27 ? 7.034   8.611   -1.337  1.00 14.34 ? 26  ILE D CB  1 
ATOM   1091 C  CG1 . ILE D 1 27 ? 5.594   8.987   -0.996  1.00 14.43 ? 26  ILE D CG1 1 
ATOM   1092 C  CG2 . ILE D 1 27 ? 7.876   8.445   -0.082  1.00 16.00 ? 26  ILE D CG2 1 
ATOM   1093 C  CD1 . ILE D 1 27 ? 4.782   7.838   -0.380  1.00 15.95 ? 26  ILE D CD1 1 
ATOM   1094 N  N   . LYS D 1 28 ? 9.683   8.647   -3.076  1.00 16.98 ? 27  LYS D N   1 
ATOM   1095 C  CA  . LYS D 1 28 ? 11.128  8.496   -3.164  1.00 20.10 ? 27  LYS D CA  1 
ATOM   1096 C  C   . LYS D 1 28 ? 11.763  9.742   -3.758  1.00 16.96 ? 27  LYS D C   1 
ATOM   1097 O  O   . LYS D 1 28 ? 12.864  10.139  -3.347  1.00 19.16 ? 27  LYS D O   1 
ATOM   1098 C  CB  . LYS D 1 28 ? 11.455  7.316   -4.059  1.00 22.21 ? 27  LYS D CB  1 
ATOM   1099 C  CG  . LYS D 1 28 ? 11.463  6.005   -3.358  1.00 29.41 ? 27  LYS D CG  1 
ATOM   1100 C  CD  . LYS D 1 28 ? 11.071  4.954   -4.355  1.00 32.65 ? 27  LYS D CD  1 
ATOM   1101 C  CE  . LYS D 1 28 ? 11.246  3.608   -3.766  1.00 42.39 ? 27  LYS D CE  1 
ATOM   1102 N  NZ  . LYS D 1 28 ? 12.124  3.673   -2.556  1.00 45.70 ? 27  LYS D NZ  1 
ATOM   1103 N  N   . GLN D 1 29 ? 11.082  10.373  -4.720  1.00 17.49 ? 28  GLN D N   1 
ATOM   1104 C  CA  . GLN D 1 29 ? 11.605  11.597  -5.325  1.00 17.61 ? 28  GLN D CA  1 
ATOM   1105 C  C   . GLN D 1 29 ? 11.687  12.734  -4.312  1.00 18.10 ? 28  GLN D C   1 
ATOM   1106 O  O   . GLN D 1 29 ? 12.686  13.466  -4.272  1.00 17.27 ? 28  GLN D O   1 
ATOM   1107 C  CB  . GLN D 1 29 ? 10.756  12.001  -6.529  1.00 19.76 ? 28  GLN D CB  1 
ATOM   1108 C  CG  . GLN D 1 29 ? 11.359  13.133  -7.334  1.00 24.91 ? 28  GLN D CG  1 
ATOM   1109 C  CD  . GLN D 1 29 ? 10.446  13.616  -8.441  0.60 26.76 ? 28  GLN D CD  1 
ATOM   1110 O  OE1 . GLN D 1 29 ? 9.287   13.963  -8.205  0.53 34.62 ? 28  GLN D OE1 1 
ATOM   1111 N  NE2 . GLN D 1 29 ? 10.971  13.657  -9.660  0.53 35.76 ? 28  GLN D NE2 1 
ATOM   1112 N  N   . GLU D 1 30 ? 10.655  12.904  -3.484  1.00 15.30 ? 29  GLU D N   1 
ATOM   1113 C  CA  . GLU D 1 30 ? 10.678  13.943  -2.459  1.00 14.73 ? 29  GLU D CA  1 
ATOM   1114 C  C   . GLU D 1 30 ? 11.776  13.682  -1.432  1.00 15.61 ? 29  GLU D C   1 
ATOM   1115 O  O   . GLU D 1 30 ? 12.503  14.607  -1.041  1.00 15.57 ? 29  GLU D O   1 
ATOM   1116 C  CB  . GLU D 1 30 ? 9.319   14.069  -1.763  1.00 15.40 ? 29  GLU D CB  1 
ATOM   1117 C  CG  . GLU D 1 30 ? 8.143   14.368  -2.669  1.00 15.01 ? 29  GLU D CG  1 
ATOM   1118 C  CD  . GLU D 1 30 ? 8.253   15.707  -3.350  1.00 18.12 ? 29  GLU D CD  1 
ATOM   1119 O  OE1 . GLU D 1 30 ? 8.884   16.606  -2.761  1.00 17.95 ? 29  GLU D OE1 1 
ATOM   1120 O  OE2 . GLU D 1 30 ? 7.716   15.866  -4.465  1.00 20.09 ? 29  GLU D OE2 1 
ATOM   1121 N  N   . LEU D 1 31 ? 11.926  12.430  -0.996  1.00 15.75 ? 30  LEU D N   1 
ATOM   1122 C  CA  . LEU D 1 31 ? 12.964  12.107  -0.024  1.00 15.21 ? 30  LEU D CA  1 
ATOM   1123 C  C   . LEU D 1 31 ? 14.352  12.352  -0.610  1.00 18.19 ? 30  LEU D C   1 
ATOM   1124 O  O   . LEU D 1 31 ? 15.246  12.870  0.077   1.00 16.72 ? 30  LEU D O   1 
ATOM   1125 C  CB  . LEU D 1 31 ? 12.788  10.660  0.445   1.00 19.02 ? 30  LEU D CB  1 
ATOM   1126 C  CG  . LEU D 1 31 ? 13.699  10.179  1.570   1.00 20.38 ? 30  LEU D CG  1 
ATOM   1127 C  CD1 . LEU D 1 31 ? 13.810  11.216  2.685   1.00 25.15 ? 30  LEU D CD1 1 
ATOM   1128 C  CD2 . LEU D 1 31 ? 13.170  8.851   2.105   1.00 21.80 ? 30  LEU D CD2 1 
ATOM   1129 N  N   . ALA D 1 32 ? 14.544  12.006  -1.888  1.00 16.08 ? 31  ALA D N   1 
ATOM   1130 C  CA  . ALA D 1 32 ? 15.828  12.266  -2.539  1.00 17.70 ? 31  ALA D CA  1 
ATOM   1131 C  C   . ALA D 1 32 ? 16.106  13.763  -2.619  1.00 18.79 ? 31  ALA D C   1 
ATOM   1132 O  O   . ALA D 1 32 ? 17.256  14.198  -2.477  1.00 19.48 ? 31  ALA D O   1 
ATOM   1133 C  CB  . ALA D 1 32 ? 15.853  11.631  -3.929  1.00 19.75 ? 31  ALA D CB  1 
ATOM   1134 N  N   . ALA D 1 33 ? 15.064  14.569  -2.836  1.00 15.22 ? 32  ALA D N   1 
ATOM   1135 C  CA  . ALA D 1 33 ? 15.230  16.019  -2.857  1.00 15.86 ? 32  ALA D CA  1 
ATOM   1136 C  C   . ALA D 1 33 ? 15.628  16.550  -1.483  1.00 16.49 ? 32  ALA D C   1 
ATOM   1137 O  O   . ALA D 1 33 ? 16.504  17.417  -1.382  1.00 17.84 ? 32  ALA D O   1 
ATOM   1138 C  CB  . ALA D 1 33 ? 13.945  16.673  -3.358  1.00 16.30 ? 32  ALA D CB  1 
ATOM   1139 N  N   . ILE D 1 34 ? 15.018  16.021  -0.417  1.00 15.87 ? 33  ILE D N   1 
ATOM   1140 C  CA  . ILE D 1 34 ? 15.362  16.407  0.955   1.00 15.69 ? 33  ILE D CA  1 
ATOM   1141 C  C   . ILE D 1 34 ? 16.839  16.142  1.247   1.00 17.47 ? 33  ILE D C   1 
ATOM   1142 O  O   . ILE D 1 34 ? 17.511  16.950  1.913   1.00 18.60 ? 33  ILE D O   1 
ATOM   1143 C  CB  . ILE D 1 34 ? 14.431  15.674  1.944   1.00 16.76 ? 33  ILE D CB  1 
ATOM   1144 C  CG1 . ILE D 1 34 ? 13.028  16.277  1.898   1.00 15.67 ? 33  ILE D CG1 1 
ATOM   1145 C  CG2 . ILE D 1 34 ? 14.990  15.708  3.372   1.00 19.82 ? 33  ILE D CG2 1 
ATOM   1146 C  CD1 . ILE D 1 34 ? 11.957  15.384  2.554   1.00 16.43 ? 33  ILE D CD1 1 
ATOM   1147 N  N   . LYS D 1 35 ? 17.379  15.042  0.716   1.00 18.97 ? 34  LYS D N   1 
ATOM   1148 C  CA  . LYS D 1 35 ? 18.751  14.610  0.964   1.00 22.11 ? 34  LYS D CA  1 
ATOM   1149 C  C   . LYS D 1 35 ? 19.741  15.037  -0.115  1.00 27.12 ? 34  LYS D C   1 
ATOM   1150 O  O   . LYS D 1 35 ? 20.926  14.692  -0.018  1.00 32.86 ? 34  LYS D O   1 
ATOM   1151 C  CB  . LYS D 1 35 ? 18.791  13.087  1.108   1.00 20.03 ? 34  LYS D CB  1 
ATOM   1152 C  CG  . LYS D 1 35 ? 17.969  12.583  2.276   1.00 22.88 ? 34  LYS D CG  1 
ATOM   1153 C  CD  . LYS D 1 35 ? 17.790  11.077  2.237   1.00 24.57 ? 34  LYS D CD  1 
ATOM   1154 C  CE  . LYS D 1 35 ? 19.119  10.362  2.370   1.00 28.67 ? 34  LYS D CE  1 
ATOM   1155 N  NZ  . LYS D 1 35 ? 18.956  8.896   2.201   1.00 27.82 ? 34  LYS D NZ  1 
ATOM   1156 N  N   . TRP D 1 36 ? 19.303  15.776  -1.127  1.00 28.58 ? 35  TRP D N   1 
ATOM   1157 C  CA  . TRP D 1 36 ? 20.155  16.082  -2.281  1.00 30.42 ? 35  TRP D CA  1 
ATOM   1158 C  C   . TRP D 1 36 ? 21.240  17.112  -1.970  1.00 39.18 ? 35  TRP D C   1 
ATOM   1159 O  O   . TRP D 1 36 ? 20.996  18.089  -1.262  1.00 38.48 ? 35  TRP D O   1 
ATOM   1160 C  CB  . TRP D 1 36 ? 19.298  16.559  -3.458  1.00 30.82 ? 35  TRP D CB  1 
HETATM 1161 CU CU  . CU  E 2 .  ? -10.396 -12.107 -5.341  1.00 19.65 ? 101 CU  A CU  1 
HETATM 1162 O  O   . HOH F 3 .  ? 12.582  4.149   14.140  1.00 29.21 ? 201 HOH A O   1 
HETATM 1163 O  O   . HOH F 3 .  ? 16.004  13.194  16.395  1.00 22.11 ? 202 HOH A O   1 
HETATM 1164 O  O   . HOH F 3 .  ? -6.697  -21.077 0.538   1.00 28.56 ? 203 HOH A O   1 
HETATM 1165 O  O   . HOH F 3 .  ? -2.628  -2.819  10.727  1.00 26.84 ? 204 HOH A O   1 
HETATM 1166 O  O   . HOH F 3 .  ? 3.063   12.278  10.584  1.00 15.22 ? 205 HOH A O   1 
HETATM 1167 O  O   . HOH F 3 .  ? 12.398  15.379  16.599  1.00 17.15 ? 206 HOH A O   1 
HETATM 1168 O  O   . HOH F 3 .  ? 3.313   21.761  6.991   1.00 36.62 ? 207 HOH A O   1 
HETATM 1169 O  O   . HOH F 3 .  ? 8.624   4.621   13.147  1.00 20.59 ? 208 HOH A O   1 
HETATM 1170 O  O   . HOH F 3 .  ? 12.479  18.647  8.940   1.00 26.51 ? 209 HOH A O   1 
HETATM 1171 O  O   . HOH F 3 .  ? -12.715 -10.406 6.980   1.00 21.64 ? 210 HOH A O   1 
HETATM 1172 O  O   . HOH F 3 .  ? -9.997  -25.391 3.201   1.00 23.85 ? 211 HOH A O   1 
HETATM 1173 O  O   . HOH F 3 .  ? 3.564   0.413   13.126  1.00 30.23 ? 212 HOH A O   1 
HETATM 1174 O  O   . HOH F 3 .  ? -5.763  -17.231 5.042   1.00 30.85 ? 213 HOH A O   1 
HETATM 1175 O  O   . HOH F 3 .  ? -6.991  -11.822 7.807   1.00 32.50 ? 214 HOH A O   1 
HETATM 1176 O  O   . HOH F 3 .  ? -16.082 -16.990 -1.014  1.00 32.05 ? 215 HOH A O   1 
HETATM 1177 O  O   . HOH F 3 .  ? 4.305   -4.426  8.917   1.00 29.38 ? 216 HOH A O   1 
HETATM 1178 O  O   . HOH F 3 .  ? -1.664  3.598   8.967   1.00 26.22 ? 217 HOH A O   1 
HETATM 1179 O  O   . HOH F 3 .  ? 7.736   10.178  16.553  1.00 30.00 ? 218 HOH A O   1 
HETATM 1180 O  O   . HOH F 3 .  ? 1.563   -9.890  8.994   1.00 35.64 ? 219 HOH A O   1 
HETATM 1181 O  O   . HOH F 3 .  ? -6.671  -5.239  6.612   1.00 22.38 ? 220 HOH A O   1 
HETATM 1182 O  O   . HOH F 3 .  ? 1.017   6.893   12.835  1.00 23.31 ? 221 HOH A O   1 
HETATM 1183 O  O   . HOH F 3 .  ? -2.909  9.372   11.142  1.00 30.62 ? 222 HOH A O   1 
HETATM 1184 O  O   . HOH F 3 .  ? 9.931   -4.626  8.025   1.00 36.35 ? 223 HOH A O   1 
HETATM 1185 O  O   . HOH F 3 .  ? -7.577  1.103   5.944   1.00 30.00 ? 224 HOH A O   1 
HETATM 1186 O  O   . HOH F 3 .  ? 3.073   -6.319  15.347  1.00 36.65 ? 225 HOH A O   1 
HETATM 1187 O  O   . HOH F 3 .  ? -4.846  2.927   5.154   1.00 28.35 ? 226 HOH A O   1 
HETATM 1188 O  O   . HOH F 3 .  ? -14.548 -10.442 8.980   1.00 31.45 ? 227 HOH A O   1 
HETATM 1189 O  O   . HOH F 3 .  ? -10.751 -12.169 6.007   1.00 29.08 ? 228 HOH A O   1 
HETATM 1190 O  O   . HOH F 3 .  ? -10.155 -4.486  9.549   1.00 22.69 ? 229 HOH A O   1 
HETATM 1191 O  O   . HOH F 3 .  ? -7.548  -5.697  9.216   1.00 30.11 ? 230 HOH A O   1 
HETATM 1192 O  O   . HOH G 3 .  ? 17.044  8.789   -1.560  1.00 29.29 ? 101 HOH B O   1 
HETATM 1193 O  O   . HOH G 3 .  ? 22.337  10.974  14.705  1.00 25.16 ? 102 HOH B O   1 
HETATM 1194 O  O   . HOH G 3 .  ? 6.923   -9.703  -3.765  1.00 29.63 ? 103 HOH B O   1 
HETATM 1195 O  O   . HOH G 3 .  ? -4.226  -21.657 -9.404  1.00 32.81 ? 104 HOH B O   1 
HETATM 1196 O  O   . HOH G 3 .  ? 21.658  8.506   10.565  1.00 28.63 ? 105 HOH B O   1 
HETATM 1197 O  O   . HOH G 3 .  ? 14.257  5.973   -1.586  1.00 38.58 ? 106 HOH B O   1 
HETATM 1198 O  O   . HOH G 3 .  ? 21.488  17.487  20.322  1.00 39.67 ? 107 HOH B O   1 
HETATM 1199 O  O   . HOH G 3 .  ? 16.216  2.045   3.416   1.00 31.40 ? 108 HOH B O   1 
HETATM 1200 O  O   . HOH G 3 .  ? 18.509  8.391   5.020   1.00 22.20 ? 109 HOH B O   1 
HETATM 1201 O  O   . HOH G 3 .  ? 17.291  3.898   9.774   1.00 27.46 ? 110 HOH B O   1 
HETATM 1202 O  O   . HOH G 3 .  ? 7.316   -8.026  2.229   1.00 28.17 ? 111 HOH B O   1 
HETATM 1203 O  O   . HOH G 3 .  ? -3.525  -18.300 -4.512  1.00 28.87 ? 112 HOH B O   1 
HETATM 1204 O  O   . HOH G 3 .  ? 1.893   -15.068 -3.755  1.00 30.30 ? 113 HOH B O   1 
HETATM 1205 O  O   . HOH G 3 .  ? 9.890   -4.210  -2.998  1.00 33.70 ? 114 HOH B O   1 
HETATM 1206 O  O   . HOH G 3 .  ? -4.992  -16.031 -13.688 1.00 26.68 ? 115 HOH B O   1 
HETATM 1207 O  O   . HOH G 3 .  ? -10.394 -24.310 -12.348 1.00 30.54 ? 116 HOH B O   1 
HETATM 1208 O  O   . HOH G 3 .  ? 2.270   -20.115 -11.130 1.00 34.84 ? 117 HOH B O   1 
HETATM 1209 O  O   . HOH G 3 .  ? 4.385   -7.610  8.670   1.00 36.34 ? 118 HOH B O   1 
HETATM 1210 O  O   . HOH G 3 .  ? 12.305  10.391  17.304  1.00 31.84 ? 119 HOH B O   1 
HETATM 1211 O  O   . HOH G 3 .  ? -4.595  -20.328 -13.953 1.00 26.30 ? 120 HOH B O   1 
HETATM 1212 O  O   . HOH G 3 .  ? 9.107   -6.605  3.899   1.00 32.21 ? 121 HOH B O   1 
HETATM 1213 O  O   . HOH G 3 .  ? -5.810  -8.801  -13.655 1.00 33.50 ? 122 HOH B O   1 
HETATM 1214 O  O   . HOH G 3 .  ? 19.289  2.812   8.345   1.00 39.88 ? 123 HOH B O   1 
HETATM 1215 O  O   . HOH H 3 .  ? -0.843  9.562   5.417   1.00 27.10 ? 101 HOH C O   1 
HETATM 1216 O  O   . HOH H 3 .  ? -11.932 -13.523 3.874   1.00 26.52 ? 102 HOH C O   1 
HETATM 1217 O  O   . HOH H 3 .  ? -1.015  14.382  -4.348  1.00 26.14 ? 103 HOH C O   1 
HETATM 1218 O  O   . HOH H 3 .  ? -21.832 -8.211  -2.626  1.00 33.85 ? 104 HOH C O   1 
HETATM 1219 O  O   . HOH H 3 .  ? -21.360 -4.868  4.443   1.00 33.29 ? 105 HOH C O   1 
HETATM 1220 O  O   . HOH H 3 .  ? -3.788  3.530   7.180   1.00 31.41 ? 106 HOH C O   1 
HETATM 1221 O  O   . HOH H 3 .  ? -6.519  7.188   3.693   1.00 16.80 ? 107 HOH C O   1 
HETATM 1222 O  O   . HOH H 3 .  ? -14.638 -11.104 5.177   1.00 24.52 ? 108 HOH C O   1 
HETATM 1223 O  O   . HOH H 3 .  ? -16.857 -5.838  -5.802  1.00 30.10 ? 109 HOH C O   1 
HETATM 1224 O  O   . HOH H 3 .  ? -14.355 -14.736 -1.130  1.00 32.85 ? 110 HOH C O   1 
HETATM 1225 O  O   . HOH H 3 .  ? -11.503 3.786   0.502   1.00 15.23 ? 111 HOH C O   1 
HETATM 1226 O  O   . HOH H 3 .  ? -4.274  12.265  0.072   1.00 30.65 ? 112 HOH C O   1 
HETATM 1227 O  O   . HOH H 3 .  ? 13.943  26.446  3.191   1.00 19.06 ? 113 HOH C O   1 
HETATM 1228 O  O   . HOH H 3 .  ? -6.461  0.415   3.998   1.00 30.00 ? 114 HOH C O   1 
HETATM 1229 O  O   . HOH H 3 .  ? 2.435   13.965  -7.501  1.00 22.30 ? 115 HOH C O   1 
HETATM 1230 O  O   . HOH H 3 .  ? 11.124  18.266  -6.080  1.00 25.14 ? 116 HOH C O   1 
HETATM 1231 O  O   . HOH H 3 .  ? -24.615 -14.435 -4.591  1.00 26.91 ? 117 HOH C O   1 
HETATM 1232 O  O   . HOH H 3 .  ? -12.019 -13.981 -5.986  1.00 27.35 ? 118 HOH C O   1 
HETATM 1233 O  O   . HOH H 3 .  ? 5.125   23.981  8.698   1.00 32.23 ? 119 HOH C O   1 
HETATM 1234 O  O   . HOH H 3 .  ? -6.577  10.599  -5.938  1.00 32.65 ? 120 HOH C O   1 
HETATM 1235 O  O   . HOH H 3 .  ? -6.100  -2.633  7.620   1.00 31.08 ? 121 HOH C O   1 
HETATM 1236 O  O   . HOH H 3 .  ? 15.554  26.126  5.347   1.00 33.68 ? 122 HOH C O   1 
HETATM 1237 O  O   . HOH H 3 .  ? -22.753 -20.186 -3.802  1.00 29.99 ? 123 HOH C O   1 
HETATM 1238 O  O   . HOH H 3 .  ? -9.941  6.145   0.624   1.00 19.06 ? 124 HOH C O   1 
HETATM 1239 O  O   . HOH H 3 .  ? -0.070  11.370  6.967   1.00 33.60 ? 125 HOH C O   1 
HETATM 1240 O  O   . HOH H 3 .  ? -12.708 3.879   -2.098  1.00 25.09 ? 126 HOH C O   1 
HETATM 1241 O  O   . HOH I 3 .  ? -1.027  11.538  -7.132  1.00 29.59 ? 101 HOH D O   1 
HETATM 1242 O  O   . HOH I 3 .  ? 6.982   13.872  -5.826  1.00 29.33 ? 102 HOH D O   1 
HETATM 1243 O  O   . HOH I 3 .  ? -9.349  1.346   -5.215  1.00 26.97 ? 103 HOH D O   1 
HETATM 1244 O  O   . HOH I 3 .  ? -8.219  5.571   -5.467  1.00 33.11 ? 104 HOH D O   1 
HETATM 1245 O  O   . HOH I 3 .  ? 19.365  12.548  -2.631  1.00 23.56 ? 105 HOH D O   1 
HETATM 1246 O  O   . HOH I 3 .  ? 14.684  8.348   -2.484  1.00 31.57 ? 106 HOH D O   1 
HETATM 1247 O  O   . HOH I 3 .  ? -8.155  -9.698  -14.026 1.00 24.61 ? 107 HOH D O   1 
HETATM 1248 O  O   . HOH I 3 .  ? -8.710  0.686   -9.776  1.00 27.02 ? 108 HOH D O   1 
HETATM 1249 O  O   . HOH I 3 .  ? -13.999 -9.387  -17.016 1.00 25.79 ? 109 HOH D O   1 
HETATM 1250 O  O   . HOH I 3 .  ? -19.819 -10.083 -15.472 1.00 24.57 ? 110 HOH D O   1 
HETATM 1251 O  O   . HOH I 3 .  ? -11.599 -3.354  -14.021 1.00 26.64 ? 111 HOH D O   1 
HETATM 1252 O  O   . HOH I 3 .  ? 14.533  13.913  -6.377  1.00 27.67 ? 112 HOH D O   1 
HETATM 1253 O  O   . HOH I 3 .  ? 7.565   2.365   -6.985  1.00 31.16 ? 113 HOH D O   1 
HETATM 1254 O  O   . HOH I 3 .  ? -7.325  2.987   -9.600  1.00 35.23 ? 114 HOH D O   1 
HETATM 1255 O  O   . HOH I 3 .  ? 11.527  7.703   -7.621  1.00 32.32 ? 115 HOH D O   1 
HETATM 1256 O  O   . HOH I 3 .  ? 3.192   1.515   -11.353 1.00 29.91 ? 116 HOH D O   1 
HETATM 1257 O  O   . HOH I 3 .  ? -17.465 -8.469  -15.669 1.00 32.58 ? 117 HOH D O   1 
HETATM 1258 O  O   . HOH I 3 .  ? 17.303  20.322  -0.667  1.00 36.84 ? 118 HOH D O   1 
HETATM 1259 O  O   . HOH I 3 .  ? -0.024  -3.983  -10.792 1.00 34.80 ? 119 HOH D O   1 
HETATM 1260 O  O   . HOH I 3 .  ? -10.238 4.704   -6.188  1.00 41.94 ? 120 HOH D O   1 
HETATM 1261 O  O   . HOH I 3 .  ? 5.279   14.448  -7.895  1.00 29.88 ? 121 HOH D O   1 
HETATM 1262 O  O   . HOH I 3 .  ? -5.606  -6.830  -15.639 1.00 37.98 ? 122 HOH D O   1 
# 
